data_8YP3
#
_entry.id   8YP3
#
_cell.length_a   45.734
_cell.length_b   233.527
_cell.length_c   98.063
_cell.angle_alpha   90.000
_cell.angle_beta   90.113
_cell.angle_gamma   90.000
#
_symmetry.space_group_name_H-M   'P 1 21 1'
#
loop_
_entity.id
_entity.type
_entity.pdbx_description
1 polymer 'UDP-N-acetylglucosamine diphosphorylase'
2 non-polymer URIDINE-DIPHOSPHATE-N-ACETYLGLUCOSAMINE
3 non-polymer 'SULFATE ION'
4 non-polymer 'MAGNESIUM ION'
5 water water
#
_entity_poly.entity_id   1
_entity_poly.type   'polypeptide(L)'
_entity_poly.pdbx_seq_one_letter_code
;HHHHMSYDSIFENLNSHGQGHLLKYWPDLSEKERAQLLNDLKKIDFAEVNELFRRANDTSKVIQEKVEDLKPIPDSHYEA
VPNLSNEKILEYENIGLREISDGKVGVLLLAGGQATRLGFGHPKGMYDVGLPSRKTLFQIQAERIVRVQQMAAEKYGKEG
KITWYIMTSEHTRGPTADYFRSHNYFGLNEEDIVYFEQGTLPCFDFEGKIFLDEKYHVSSAPDGNGGLYRALKNQGVLDD
IAKRGVEHLHAHSVDNILIKVADPVFIGYCKSKNADCAAKVVQKSTPSEAVGVVCRVNGHYKVVEYSELTDEAAESRTAD
GRLTFSAGNICNHYFSSEFLTKICNFESKLKLHVAKKKIPYVDHEGVRQKPTEPNGIKMEKFIFDVFEFAENFICLEVAR
DVEFSALKNNDAAKKDCPSTAREDLLRLHRKYVREAGGIVEDNIDVEISPLLSYGGENLTDLVSGEVFTISPYHLKSMQE
SA
;
_entity_poly.pdbx_strand_id   A,B,C,D
#
loop_
_chem_comp.id
_chem_comp.type
_chem_comp.name
_chem_comp.formula
MG non-polymer 'MAGNESIUM ION' 'Mg 2'
SO4 non-polymer 'SULFATE ION' 'O4 S -2'
UD1 non-polymer URIDINE-DIPHOSPHATE-N-ACETYLGLUCOSAMINE 'C17 H27 N3 O17 P2'
#
# COMPACT_ATOMS: atom_id res chain seq x y z
N TYR A 7 7.22 23.04 14.10
CA TYR A 7 7.07 21.66 13.64
C TYR A 7 6.57 20.76 14.78
N ASP A 8 7.22 20.88 15.95
CA ASP A 8 6.85 20.03 17.09
C ASP A 8 5.41 20.20 17.50
N SER A 9 4.91 21.45 17.51
CA SER A 9 3.52 21.66 17.89
C SER A 9 2.59 21.14 16.80
N ILE A 10 2.98 21.33 15.54
CA ILE A 10 2.18 20.83 14.43
C ILE A 10 2.16 19.31 14.42
N PHE A 11 3.32 18.67 14.65
CA PHE A 11 3.34 17.20 14.66
C PHE A 11 2.40 16.64 15.72
N GLU A 12 2.46 17.20 16.93
CA GLU A 12 1.62 16.73 18.04
C GLU A 12 0.14 16.87 17.69
N ASN A 13 -0.25 18.01 17.14
CA ASN A 13 -1.62 18.17 16.69
C ASN A 13 -1.98 17.03 15.73
N LEU A 14 -1.09 16.74 14.78
CA LEU A 14 -1.33 15.66 13.82
C LEU A 14 -1.38 14.30 14.51
N ASN A 15 -0.37 13.99 15.33
CA ASN A 15 -0.23 12.64 15.86
C ASN A 15 -1.28 12.33 16.92
N SER A 16 -1.67 13.33 17.72
CA SER A 16 -2.73 13.10 18.70
C SER A 16 -4.02 12.70 18.03
N HIS A 17 -4.15 13.01 16.75
CA HIS A 17 -5.28 12.63 15.93
C HIS A 17 -4.90 11.57 14.91
N GLY A 18 -3.74 10.93 15.07
CA GLY A 18 -3.33 9.84 14.20
C GLY A 18 -3.05 10.20 12.76
N GLN A 19 -2.68 11.44 12.47
CA GLN A 19 -2.39 11.86 11.10
C GLN A 19 -0.95 12.36 10.95
N GLY A 20 -0.04 11.84 11.77
CA GLY A 20 1.35 12.26 11.72
C GLY A 20 2.06 11.93 10.43
N HIS A 21 1.59 10.92 9.69
CA HIS A 21 2.18 10.55 8.41
C HIS A 21 2.16 11.67 7.39
N LEU A 22 1.30 12.68 7.56
CA LEU A 22 1.22 13.76 6.60
C LEU A 22 2.51 14.57 6.51
N LEU A 23 3.36 14.50 7.53
CA LEU A 23 4.64 15.18 7.54
C LEU A 23 5.79 14.27 7.13
N LYS A 24 5.49 13.08 6.60
CA LYS A 24 6.52 12.06 6.39
C LYS A 24 7.65 12.55 5.50
N TYR A 25 7.34 13.34 4.47
CA TYR A 25 8.31 13.70 3.44
C TYR A 25 9.03 15.01 3.73
N TRP A 26 8.85 15.57 4.92
CA TRP A 26 9.49 16.82 5.37
C TRP A 26 10.98 16.92 5.05
N PRO A 27 11.79 15.86 5.25
CA PRO A 27 13.23 16.00 4.93
C PRO A 27 13.53 16.17 3.45
N ASP A 28 12.64 15.73 2.56
CA ASP A 28 12.89 15.81 1.12
C ASP A 28 12.23 17.01 0.45
N LEU A 29 11.55 17.87 1.20
CA LEU A 29 10.79 18.96 0.61
C LEU A 29 11.62 20.23 0.60
N SER A 30 11.50 21.00 -0.47
CA SER A 30 12.08 22.32 -0.50
C SER A 30 11.40 23.24 0.52
N GLU A 31 12.02 24.39 0.78
CA GLU A 31 11.45 25.32 1.74
C GLU A 31 10.10 25.84 1.27
N LYS A 32 9.90 25.98 -0.05
CA LYS A 32 8.60 26.40 -0.55
C LYS A 32 7.57 25.29 -0.45
N GLU A 33 7.98 24.05 -0.77
CA GLU A 33 7.08 22.91 -0.62
C GLU A 33 6.72 22.70 0.84
N ARG A 34 7.68 22.94 1.74
CA ARG A 34 7.40 22.83 3.17
C ARG A 34 6.34 23.84 3.58
N ALA A 35 6.47 25.09 3.10
CA ALA A 35 5.49 26.11 3.43
C ALA A 35 4.11 25.77 2.86
N GLN A 36 4.08 25.21 1.64
CA GLN A 36 2.80 24.81 1.06
C GLN A 36 2.14 23.72 1.90
N LEU A 37 2.93 22.73 2.34
CA LEU A 37 2.38 21.65 3.14
C LEU A 37 1.83 22.18 4.47
N LEU A 38 2.60 23.04 5.15
CA LEU A 38 2.13 23.61 6.40
C LEU A 38 0.88 24.46 6.18
N ASN A 39 0.78 25.14 5.03
CA ASN A 39 -0.41 25.91 4.72
C ASN A 39 -1.61 25.00 4.53
N ASP A 40 -1.41 23.85 3.88
CA ASP A 40 -2.47 22.85 3.78
C ASP A 40 -2.93 22.40 5.16
N LEU A 41 -1.99 22.17 6.09
CA LEU A 41 -2.34 21.57 7.38
C LEU A 41 -3.08 22.55 8.27
N LYS A 42 -2.68 23.83 8.26
CA LYS A 42 -3.35 24.80 9.12
C LYS A 42 -4.76 25.10 8.66
N LYS A 43 -5.11 24.75 7.41
CA LYS A 43 -6.47 24.86 6.92
C LYS A 43 -7.39 23.75 7.42
N ILE A 44 -6.86 22.79 8.16
CA ILE A 44 -7.64 21.63 8.61
C ILE A 44 -7.76 21.69 10.13
N ASP A 45 -8.99 21.57 10.63
CA ASP A 45 -9.25 21.42 12.06
C ASP A 45 -9.26 19.93 12.34
N PHE A 46 -8.12 19.42 12.84
CA PHE A 46 -7.96 17.98 12.96
C PHE A 46 -8.86 17.39 14.02
N ALA A 47 -9.19 18.15 15.06
CA ALA A 47 -10.17 17.65 16.03
C ALA A 47 -11.54 17.50 15.36
N GLU A 48 -12.00 18.54 14.67
CA GLU A 48 -13.34 18.49 14.09
C GLU A 48 -13.43 17.48 12.95
N VAL A 49 -12.31 17.19 12.29
CA VAL A 49 -12.37 16.36 11.08
C VAL A 49 -12.41 14.91 11.48
N ASN A 50 -11.59 14.63 12.46
CA ASN A 50 -11.46 13.32 13.04
C ASN A 50 -12.74 12.96 13.81
N GLU A 51 -13.36 13.97 14.42
CA GLU A 51 -14.62 13.80 15.11
C GLU A 51 -15.73 13.49 14.08
N LEU A 52 -15.69 14.18 12.94
CA LEU A 52 -16.66 14.02 11.85
C LEU A 52 -16.51 12.68 11.16
N PHE A 53 -15.28 12.26 10.93
CA PHE A 53 -15.03 10.96 10.29
C PHE A 53 -15.60 9.81 11.14
N ARG A 54 -15.39 9.87 12.45
CA ARG A 54 -15.86 8.80 13.32
C ARG A 54 -17.38 8.66 13.25
N ARG A 55 -18.09 9.79 13.35
CA ARG A 55 -19.55 9.76 13.27
C ARG A 55 -20.02 9.28 11.90
N ALA A 56 -19.36 9.75 10.84
CA ALA A 56 -19.77 9.37 9.49
C ALA A 56 -19.55 7.90 9.21
N ASN A 57 -18.56 7.28 9.85
CA ASN A 57 -18.20 5.90 9.57
C ASN A 57 -18.64 4.95 10.69
N ASP A 58 -19.60 5.38 11.53
CA ASP A 58 -20.15 4.55 12.60
C ASP A 58 -21.14 3.57 11.98
N THR A 59 -20.61 2.42 11.54
CA THR A 59 -21.42 1.47 10.77
C THR A 59 -22.63 0.97 11.53
N SER A 60 -22.55 0.91 12.87
CA SER A 60 -23.69 0.45 13.65
C SER A 60 -24.88 1.38 13.52
N LYS A 61 -24.63 2.68 13.45
CA LYS A 61 -25.74 3.60 13.19
C LYS A 61 -26.18 3.51 11.74
N VAL A 62 -25.24 3.25 10.83
CA VAL A 62 -25.59 3.11 9.42
C VAL A 62 -26.53 1.92 9.22
N ILE A 63 -26.26 0.79 9.88
CA ILE A 63 -27.13 -0.37 9.70
C ILE A 63 -28.50 -0.13 10.31
N GLN A 64 -28.57 0.73 11.34
CA GLN A 64 -29.88 1.12 11.88
C GLN A 64 -30.66 1.93 10.87
N GLU A 65 -29.99 2.88 10.21
CA GLU A 65 -30.68 3.65 9.18
C GLU A 65 -31.10 2.78 8.01
N LYS A 66 -30.39 1.67 7.77
CA LYS A 66 -30.77 0.79 6.66
C LYS A 66 -32.04 0.01 6.96
N VAL A 67 -32.33 -0.26 8.24
CA VAL A 67 -33.51 -1.01 8.62
C VAL A 67 -34.66 -0.07 8.99
N GLU A 68 -34.49 1.24 8.79
CA GLU A 68 -35.59 2.17 8.99
C GLU A 68 -36.77 1.76 8.12
N ASP A 69 -37.96 2.06 8.59
CA ASP A 69 -39.16 1.75 7.85
C ASP A 69 -39.37 2.91 6.87
N LEU A 70 -38.64 2.84 5.76
CA LEU A 70 -38.66 3.90 4.75
C LEU A 70 -39.98 3.84 4.00
N LYS A 71 -40.68 4.96 3.95
CA LYS A 71 -41.96 5.10 3.30
C LYS A 71 -41.95 6.31 2.38
N PRO A 72 -42.55 6.18 1.19
CA PRO A 72 -42.50 7.26 0.21
C PRO A 72 -43.46 8.38 0.58
N ILE A 73 -43.25 9.53 -0.05
CA ILE A 73 -44.21 10.61 0.16
C ILE A 73 -45.49 10.16 -0.54
N PRO A 74 -46.62 10.15 0.17
CA PRO A 74 -47.87 9.78 -0.48
C PRO A 74 -48.25 10.82 -1.51
N ASP A 75 -48.83 10.35 -2.63
CA ASP A 75 -49.31 11.27 -3.66
C ASP A 75 -50.20 12.35 -3.07
N SER A 76 -50.84 12.09 -1.94
CA SER A 76 -51.77 13.03 -1.34
C SER A 76 -51.09 14.26 -0.75
N HIS A 77 -49.77 14.23 -0.57
CA HIS A 77 -49.07 15.33 0.09
C HIS A 77 -48.43 16.32 -0.87
N TYR A 78 -48.59 16.16 -2.18
CA TYR A 78 -47.99 17.13 -3.09
C TYR A 78 -48.85 17.29 -4.34
N GLU A 79 -48.67 18.43 -5.00
CA GLU A 79 -49.37 18.78 -6.22
C GLU A 79 -48.37 18.85 -7.36
N ALA A 80 -48.89 18.80 -8.58
CA ALA A 80 -48.08 18.88 -9.79
C ALA A 80 -48.50 20.11 -10.57
N VAL A 81 -47.50 20.92 -10.95
CA VAL A 81 -47.75 22.13 -11.72
C VAL A 81 -48.65 21.85 -12.96
N PRO A 82 -48.33 20.84 -13.78
CA PRO A 82 -49.19 20.61 -14.97
C PRO A 82 -50.62 20.23 -14.64
N ASN A 83 -50.94 19.92 -13.38
CA ASN A 83 -52.32 19.64 -12.99
C ASN A 83 -53.04 20.85 -12.43
N LEU A 84 -52.36 21.98 -12.26
CA LEU A 84 -53.00 23.19 -11.79
C LEU A 84 -53.75 23.87 -12.92
N SER A 85 -54.83 24.58 -12.55
CA SER A 85 -55.53 25.38 -13.55
C SER A 85 -54.64 26.55 -13.96
N ASN A 86 -54.85 27.04 -15.18
CA ASN A 86 -54.05 28.15 -15.69
C ASN A 86 -54.23 29.43 -14.86
N GLU A 87 -55.39 29.56 -14.19
CA GLU A 87 -55.75 30.68 -13.32
C GLU A 87 -55.08 30.58 -11.97
N LYS A 88 -54.85 29.35 -11.48
CA LYS A 88 -54.02 29.15 -10.29
C LYS A 88 -52.54 29.32 -10.62
N ILE A 89 -52.13 28.88 -11.81
CA ILE A 89 -50.75 29.07 -12.26
C ILE A 89 -50.44 30.56 -12.38
N LEU A 90 -51.34 31.32 -13.00
CA LEU A 90 -51.15 32.76 -13.12
C LEU A 90 -51.10 33.43 -11.75
N GLU A 91 -51.95 32.99 -10.82
CA GLU A 91 -51.94 33.54 -9.47
C GLU A 91 -50.57 33.36 -8.82
N TYR A 92 -50.04 32.13 -8.87
CA TYR A 92 -48.72 31.87 -8.31
C TYR A 92 -47.63 32.64 -9.06
N GLU A 93 -47.70 32.65 -10.39
CA GLU A 93 -46.69 33.37 -11.17
C GLU A 93 -46.64 34.85 -10.80
N ASN A 94 -47.82 35.47 -10.67
CA ASN A 94 -47.87 36.90 -10.37
C ASN A 94 -47.35 37.20 -8.97
N ILE A 95 -47.62 36.31 -8.01
CA ILE A 95 -47.06 36.47 -6.67
C ILE A 95 -45.54 36.44 -6.73
N GLY A 96 -44.98 35.48 -7.47
CA GLY A 96 -43.54 35.41 -7.61
C GLY A 96 -42.97 36.61 -8.35
N LEU A 97 -43.65 37.06 -9.39
CA LEU A 97 -43.16 38.23 -10.14
C LEU A 97 -43.14 39.47 -9.26
N ARG A 98 -44.13 39.61 -8.37
CA ARG A 98 -44.11 40.73 -7.43
C ARG A 98 -42.91 40.67 -6.51
N GLU A 99 -42.61 39.49 -5.96
CA GLU A 99 -41.44 39.37 -5.08
C GLU A 99 -40.15 39.69 -5.82
N ILE A 100 -40.03 39.21 -7.06
CA ILE A 100 -38.85 39.51 -7.86
C ILE A 100 -38.75 41.01 -8.09
N SER A 101 -39.89 41.64 -8.45
CA SER A 101 -39.90 43.07 -8.71
C SER A 101 -39.55 43.88 -7.45
N ASP A 102 -39.92 43.38 -6.28
CA ASP A 102 -39.60 44.06 -5.01
C ASP A 102 -38.18 43.80 -4.52
N GLY A 103 -37.36 43.09 -5.30
CA GLY A 103 -36.00 42.81 -4.88
C GLY A 103 -35.86 41.82 -3.74
N LYS A 104 -36.84 40.93 -3.57
CA LYS A 104 -36.87 40.01 -2.44
C LYS A 104 -36.42 38.59 -2.78
N VAL A 105 -35.88 38.36 -3.97
CA VAL A 105 -35.57 37.00 -4.43
C VAL A 105 -34.08 36.89 -4.67
N GLY A 106 -33.48 35.82 -4.16
CA GLY A 106 -32.11 35.48 -4.49
C GLY A 106 -32.02 34.06 -5.00
N VAL A 107 -30.93 33.79 -5.71
CA VAL A 107 -30.64 32.46 -6.24
C VAL A 107 -29.33 31.97 -5.63
N LEU A 108 -29.36 30.75 -5.10
CA LEU A 108 -28.17 30.08 -4.58
C LEU A 108 -27.72 29.04 -5.60
N LEU A 109 -26.78 29.41 -6.45
CA LEU A 109 -26.29 28.52 -7.50
C LEU A 109 -25.19 27.62 -6.95
N LEU A 110 -25.43 26.32 -6.97
CA LEU A 110 -24.48 25.33 -6.46
C LEU A 110 -23.49 25.00 -7.56
N ALA A 111 -22.33 25.64 -7.52
CA ALA A 111 -21.33 25.52 -8.59
C ALA A 111 -19.95 25.25 -8.01
N GLY A 112 -19.89 24.47 -6.95
CA GLY A 112 -18.60 24.10 -6.40
C GLY A 112 -18.34 22.63 -6.62
N GLY A 113 -19.28 21.94 -7.25
CA GLY A 113 -19.09 20.50 -7.47
C GLY A 113 -17.94 20.20 -8.38
N GLN A 114 -17.16 19.16 -8.09
CA GLN A 114 -15.96 18.85 -8.89
C GLN A 114 -15.96 17.57 -9.72
N ALA A 115 -17.13 17.02 -10.03
CA ALA A 115 -17.23 15.77 -10.74
C ALA A 115 -16.34 15.77 -11.99
N THR A 116 -15.73 14.62 -12.27
CA THR A 116 -14.86 14.45 -13.41
C THR A 116 -15.45 13.56 -14.50
N ARG A 117 -16.56 12.87 -14.24
CA ARG A 117 -17.23 11.96 -15.15
C ARG A 117 -17.33 12.53 -16.56
N LEU A 118 -17.65 13.82 -16.68
CA LEU A 118 -17.81 14.45 -17.98
C LEU A 118 -16.50 14.61 -18.73
N GLY A 119 -15.37 14.65 -18.02
CA GLY A 119 -14.09 14.88 -18.68
C GLY A 119 -13.88 16.29 -19.16
N PHE A 120 -14.61 17.25 -18.61
CA PHE A 120 -14.50 18.65 -18.97
C PHE A 120 -13.51 19.34 -18.04
N GLY A 121 -12.52 20.02 -18.62
CA GLY A 121 -11.51 20.68 -17.82
C GLY A 121 -11.87 22.07 -17.31
N HIS A 122 -13.16 22.35 -17.17
CA HIS A 122 -13.64 23.63 -16.68
C HIS A 122 -14.81 23.39 -15.74
N PRO A 123 -15.24 24.38 -14.96
CA PRO A 123 -16.48 24.21 -14.20
C PRO A 123 -17.62 23.81 -15.12
N LYS A 124 -18.48 22.90 -14.61
CA LYS A 124 -19.55 22.33 -15.43
C LYS A 124 -20.42 23.42 -16.05
N GLY A 125 -20.60 24.55 -15.35
CA GLY A 125 -21.42 25.64 -15.85
C GLY A 125 -20.94 26.24 -17.16
N MET A 126 -19.68 26.02 -17.53
CA MET A 126 -19.15 26.54 -18.78
C MET A 126 -19.35 25.58 -19.94
N TYR A 127 -20.05 24.47 -19.74
CA TYR A 127 -20.20 23.48 -20.80
C TYR A 127 -21.19 23.97 -21.86
N ASP A 128 -20.80 23.73 -23.11
CA ASP A 128 -21.57 24.08 -24.30
C ASP A 128 -22.05 22.77 -24.93
N VAL A 129 -23.34 22.47 -24.82
CA VAL A 129 -23.90 21.19 -25.25
C VAL A 129 -24.16 21.18 -26.76
N GLY A 130 -23.74 22.23 -27.45
CA GLY A 130 -23.89 22.27 -28.89
C GLY A 130 -25.21 22.80 -29.39
N LEU A 131 -25.85 23.70 -28.66
CA LEU A 131 -27.05 24.35 -29.16
C LEU A 131 -26.72 25.19 -30.39
N PRO A 132 -27.74 25.52 -31.20
CA PRO A 132 -27.50 26.47 -32.31
C PRO A 132 -26.89 27.78 -31.83
N SER A 133 -27.31 28.27 -30.66
CA SER A 133 -26.73 29.49 -30.11
C SER A 133 -25.33 29.26 -29.55
N ARG A 134 -24.95 28.00 -29.31
CA ARG A 134 -23.71 27.61 -28.62
C ARG A 134 -23.57 28.28 -27.24
N LYS A 135 -24.69 28.62 -26.61
CA LYS A 135 -24.63 29.21 -25.28
C LYS A 135 -24.34 28.14 -24.22
N THR A 136 -23.55 28.52 -23.21
CA THR A 136 -23.23 27.66 -22.09
C THR A 136 -24.38 27.63 -21.08
N LEU A 137 -24.29 26.68 -20.14
CA LEU A 137 -25.26 26.63 -19.04
C LEU A 137 -25.26 27.93 -18.25
N PHE A 138 -24.07 28.48 -17.96
CA PHE A 138 -24.00 29.74 -17.24
C PHE A 138 -24.73 30.86 -17.98
N GLN A 139 -24.47 30.99 -19.29
CA GLN A 139 -25.08 32.08 -20.04
C GLN A 139 -26.58 31.91 -20.15
N ILE A 140 -27.04 30.67 -20.38
CA ILE A 140 -28.47 30.41 -20.43
C ILE A 140 -29.14 30.82 -19.12
N GLN A 141 -28.53 30.45 -17.98
CA GLN A 141 -29.09 30.80 -16.68
C GLN A 141 -29.09 32.30 -16.47
N ALA A 142 -28.00 32.97 -16.83
CA ALA A 142 -27.93 34.43 -16.68
C ALA A 142 -29.03 35.11 -17.49
N GLU A 143 -29.26 34.65 -18.72
CA GLU A 143 -30.28 35.27 -19.55
C GLU A 143 -31.68 34.97 -19.05
N ARG A 144 -31.88 33.82 -18.42
CA ARG A 144 -33.17 33.56 -17.77
C ARG A 144 -33.39 34.52 -16.61
N ILE A 145 -32.33 34.89 -15.89
CA ILE A 145 -32.45 35.89 -14.85
C ILE A 145 -32.80 37.25 -15.46
N VAL A 146 -32.09 37.64 -16.53
CA VAL A 146 -32.39 38.89 -17.22
C VAL A 146 -33.86 38.94 -17.60
N ARG A 147 -34.36 37.86 -18.21
CA ARG A 147 -35.71 37.87 -18.76
C ARG A 147 -36.77 37.91 -17.66
N VAL A 148 -36.58 37.13 -16.59
CA VAL A 148 -37.62 37.10 -15.55
C VAL A 148 -37.60 38.40 -14.75
N GLN A 149 -36.43 39.04 -14.60
CA GLN A 149 -36.41 40.39 -14.03
C GLN A 149 -37.21 41.34 -14.91
N GLN A 150 -37.04 41.23 -16.23
CA GLN A 150 -37.79 42.07 -17.16
C GLN A 150 -39.28 41.82 -17.07
N MET A 151 -39.67 40.54 -16.99
CA MET A 151 -41.09 40.20 -16.83
C MET A 151 -41.66 40.81 -15.55
N ALA A 152 -40.90 40.74 -14.45
CA ALA A 152 -41.39 41.26 -13.19
C ALA A 152 -41.51 42.78 -13.21
N ALA A 153 -40.54 43.48 -13.80
CA ALA A 153 -40.62 44.93 -13.86
C ALA A 153 -41.73 45.39 -14.79
N GLU A 154 -41.91 44.70 -15.92
CA GLU A 154 -42.97 45.08 -16.85
C GLU A 154 -44.34 44.96 -16.21
N LYS A 155 -44.52 43.98 -15.33
CA LYS A 155 -45.83 43.83 -14.70
C LYS A 155 -46.01 44.78 -13.51
N TYR A 156 -45.02 44.88 -12.63
CA TYR A 156 -45.20 45.53 -11.34
C TYR A 156 -44.40 46.83 -11.19
N GLY A 157 -43.74 47.30 -12.25
CA GLY A 157 -43.09 48.60 -12.19
C GLY A 157 -41.63 48.63 -11.74
N LYS A 158 -41.35 48.22 -10.52
CA LYS A 158 -39.99 48.32 -10.00
C LYS A 158 -39.07 47.32 -10.67
N GLU A 159 -37.85 47.76 -10.98
CA GLU A 159 -36.86 46.91 -11.64
C GLU A 159 -36.00 46.19 -10.58
N GLY A 160 -36.69 45.42 -9.75
CA GLY A 160 -35.99 44.63 -8.74
C GLY A 160 -35.03 43.66 -9.37
N LYS A 161 -33.97 43.35 -8.63
CA LYS A 161 -32.92 42.48 -9.11
C LYS A 161 -32.92 41.18 -8.31
N ILE A 162 -32.62 40.09 -8.99
CA ILE A 162 -32.33 38.84 -8.32
C ILE A 162 -30.86 38.86 -7.94
N THR A 163 -30.58 38.64 -6.66
CA THR A 163 -29.19 38.53 -6.23
C THR A 163 -28.70 37.11 -6.51
N TRP A 164 -27.67 37.00 -7.31
CA TRP A 164 -27.16 35.71 -7.77
C TRP A 164 -25.99 35.31 -6.89
N TYR A 165 -26.27 34.49 -5.87
CA TYR A 165 -25.25 33.96 -4.98
C TYR A 165 -24.70 32.67 -5.56
N ILE A 166 -23.48 32.73 -6.07
CA ILE A 166 -22.86 31.61 -6.76
C ILE A 166 -21.86 30.96 -5.82
N MET A 167 -22.21 29.77 -5.32
CA MET A 167 -21.31 29.03 -4.43
C MET A 167 -20.25 28.33 -5.27
N THR A 168 -19.00 28.56 -4.94
CA THR A 168 -17.86 27.95 -5.62
C THR A 168 -17.10 27.08 -4.64
N SER A 169 -16.17 26.31 -5.16
CA SER A 169 -15.19 25.63 -4.34
C SER A 169 -13.84 26.11 -4.81
N GLU A 170 -12.77 25.60 -4.20
CA GLU A 170 -11.48 26.23 -4.46
C GLU A 170 -11.08 26.17 -5.93
N HIS A 171 -11.36 25.05 -6.61
CA HIS A 171 -10.89 24.95 -7.98
C HIS A 171 -11.87 25.53 -8.99
N THR A 172 -13.07 25.94 -8.57
CA THR A 172 -14.00 26.63 -9.47
C THR A 172 -14.06 28.14 -9.27
N ARG A 173 -13.58 28.65 -8.14
CA ARG A 173 -13.78 30.06 -7.81
C ARG A 173 -13.17 30.97 -8.86
N GLY A 174 -11.89 30.76 -9.17
CA GLY A 174 -11.20 31.59 -10.12
C GLY A 174 -11.78 31.55 -11.52
N PRO A 175 -11.81 30.35 -12.12
CA PRO A 175 -12.37 30.24 -13.49
C PRO A 175 -13.79 30.75 -13.61
N THR A 176 -14.63 30.56 -12.59
CA THR A 176 -16.01 31.01 -12.68
C THR A 176 -16.09 32.53 -12.68
N ALA A 177 -15.38 33.19 -11.75
CA ALA A 177 -15.39 34.65 -11.71
C ALA A 177 -14.79 35.24 -12.97
N ASP A 178 -13.74 34.60 -13.50
CA ASP A 178 -13.14 35.06 -14.76
C ASP A 178 -14.11 34.90 -15.92
N TYR A 179 -14.85 33.80 -15.97
CA TYR A 179 -15.77 33.57 -17.08
C TYR A 179 -16.86 34.64 -17.13
N PHE A 180 -17.49 34.91 -15.99
CA PHE A 180 -18.56 35.90 -15.97
C PHE A 180 -18.03 37.30 -16.28
N ARG A 181 -16.85 37.64 -15.75
CA ARG A 181 -16.28 38.95 -16.02
C ARG A 181 -15.94 39.11 -17.50
N SER A 182 -15.34 38.08 -18.10
CA SER A 182 -14.98 38.16 -19.52
C SER A 182 -16.18 38.44 -20.42
N HIS A 183 -17.37 38.04 -19.99
CA HIS A 183 -18.59 38.16 -20.78
C HIS A 183 -19.50 39.28 -20.30
N ASN A 184 -18.96 40.21 -19.51
CA ASN A 184 -19.70 41.39 -19.04
C ASN A 184 -20.97 40.97 -18.30
N TYR A 185 -20.88 39.84 -17.58
CA TYR A 185 -21.95 39.33 -16.74
C TYR A 185 -23.23 39.09 -17.52
N PHE A 186 -23.09 38.89 -18.83
CA PHE A 186 -24.20 38.54 -19.73
C PHE A 186 -25.36 39.52 -19.63
N GLY A 187 -25.04 40.79 -19.41
CA GLY A 187 -26.05 41.82 -19.31
C GLY A 187 -26.55 42.08 -17.91
N LEU A 188 -26.17 41.24 -16.96
CA LEU A 188 -26.49 41.53 -15.57
C LEU A 188 -25.48 42.53 -15.01
N ASN A 189 -25.85 43.12 -13.86
CA ASN A 189 -24.99 44.05 -13.14
C ASN A 189 -24.08 43.29 -12.17
N GLU A 190 -22.81 43.71 -12.13
CA GLU A 190 -21.82 43.03 -11.28
C GLU A 190 -22.22 43.05 -9.82
N GLU A 191 -22.84 44.14 -9.36
CA GLU A 191 -23.15 44.28 -7.93
C GLU A 191 -24.11 43.22 -7.44
N ASP A 192 -24.87 42.61 -8.34
CA ASP A 192 -25.90 41.64 -7.96
C ASP A 192 -25.42 40.19 -8.03
N ILE A 193 -24.17 39.97 -8.43
CA ILE A 193 -23.57 38.64 -8.47
C ILE A 193 -22.57 38.54 -7.32
N VAL A 194 -22.81 37.61 -6.41
CA VAL A 194 -22.02 37.46 -5.19
C VAL A 194 -21.41 36.06 -5.17
N TYR A 195 -20.09 36.00 -5.25
CA TYR A 195 -19.40 34.74 -5.12
C TYR A 195 -19.13 34.43 -3.65
N PHE A 196 -19.25 33.16 -3.29
CA PHE A 196 -18.80 32.71 -1.99
C PHE A 196 -18.32 31.28 -2.13
N GLU A 197 -17.42 30.88 -1.24
CA GLU A 197 -16.67 29.64 -1.38
C GLU A 197 -17.04 28.68 -0.26
N GLN A 198 -17.34 27.44 -0.63
CA GLN A 198 -17.61 26.43 0.35
C GLN A 198 -16.31 25.85 0.89
N GLY A 199 -16.43 25.13 2.00
CA GLY A 199 -15.28 24.48 2.60
C GLY A 199 -14.94 23.16 1.93
N THR A 200 -13.86 22.56 2.42
CA THR A 200 -13.42 21.25 1.96
C THR A 200 -13.25 20.32 3.15
N LEU A 201 -13.11 19.05 2.84
CA LEU A 201 -12.75 18.02 3.80
C LEU A 201 -11.67 17.16 3.17
N PRO A 202 -10.73 16.66 3.98
CA PRO A 202 -9.67 15.81 3.43
C PRO A 202 -10.23 14.46 3.01
N CYS A 203 -9.48 13.78 2.15
CA CYS A 203 -9.83 12.44 1.68
C CYS A 203 -9.05 11.41 2.47
N PHE A 204 -9.71 10.29 2.79
CA PHE A 204 -9.16 9.28 3.68
C PHE A 204 -9.02 7.94 2.98
N ASP A 205 -8.07 7.14 3.43
CA ASP A 205 -8.02 5.74 3.02
C ASP A 205 -8.98 4.91 3.86
N PHE A 206 -8.98 3.59 3.63
CA PHE A 206 -9.91 2.70 4.30
C PHE A 206 -9.55 2.44 5.76
N GLU A 207 -8.44 2.98 6.25
CA GLU A 207 -8.07 2.88 7.66
C GLU A 207 -8.19 4.21 8.40
N GLY A 208 -8.73 5.24 7.76
CA GLY A 208 -8.95 6.52 8.42
C GLY A 208 -7.76 7.45 8.40
N LYS A 209 -6.73 7.14 7.65
CA LYS A 209 -5.57 8.00 7.48
C LYS A 209 -5.71 8.85 6.23
N ILE A 210 -5.42 10.14 6.37
CA ILE A 210 -5.65 11.10 5.29
C ILE A 210 -4.64 10.89 4.17
N PHE A 211 -5.10 10.98 2.93
CA PHE A 211 -4.22 10.82 1.78
C PHE A 211 -3.36 12.06 1.56
N LEU A 212 -2.14 11.82 1.06
CA LEU A 212 -1.32 12.87 0.48
C LEU A 212 -1.51 12.84 -1.02
N ASP A 213 -1.94 13.97 -1.59
CA ASP A 213 -2.06 14.05 -3.05
C ASP A 213 -0.70 14.21 -3.69
N GLU A 214 0.17 14.99 -3.07
CA GLU A 214 1.59 15.02 -3.38
C GLU A 214 2.34 14.94 -2.05
N LYS A 215 3.67 14.82 -2.14
CA LYS A 215 4.49 14.82 -0.92
C LYS A 215 4.28 16.07 -0.09
N TYR A 216 3.88 17.17 -0.71
CA TYR A 216 3.73 18.46 -0.04
C TYR A 216 2.29 18.94 -0.04
N HIS A 217 1.33 18.10 -0.41
CA HIS A 217 -0.05 18.54 -0.63
C HIS A 217 -1.04 17.51 -0.11
N VAL A 218 -1.87 17.91 0.84
CA VAL A 218 -2.91 17.05 1.37
C VAL A 218 -4.06 16.90 0.37
N SER A 219 -4.59 15.68 0.28
CA SER A 219 -5.71 15.39 -0.62
C SER A 219 -7.02 15.86 0.01
N SER A 220 -7.78 16.69 -0.71
CA SER A 220 -9.03 17.24 -0.20
C SER A 220 -10.05 17.36 -1.33
N ALA A 221 -11.31 17.56 -0.93
CA ALA A 221 -12.42 17.69 -1.86
C ALA A 221 -13.47 18.59 -1.21
N PRO A 222 -14.31 19.24 -2.03
CA PRO A 222 -15.41 20.04 -1.47
C PRO A 222 -16.31 19.21 -0.57
N ASP A 223 -16.86 19.86 0.46
CA ASP A 223 -17.57 19.15 1.53
C ASP A 223 -19.04 18.87 1.22
N GLY A 224 -19.39 18.71 -0.06
CA GLY A 224 -20.76 18.46 -0.43
C GLY A 224 -21.57 19.74 -0.57
N ASN A 225 -22.65 19.67 -1.34
CA ASN A 225 -23.46 20.88 -1.45
C ASN A 225 -24.21 21.19 -0.14
N GLY A 226 -24.24 20.25 0.81
CA GLY A 226 -24.65 20.61 2.16
C GLY A 226 -23.70 21.55 2.87
N GLY A 227 -22.48 21.71 2.35
CA GLY A 227 -21.59 22.73 2.86
C GLY A 227 -22.03 24.15 2.56
N LEU A 228 -23.12 24.31 1.81
CA LEU A 228 -23.71 25.62 1.57
C LEU A 228 -23.98 26.37 2.86
N TYR A 229 -24.58 25.68 3.84
CA TYR A 229 -25.09 26.35 5.03
C TYR A 229 -23.96 26.96 5.85
N ARG A 230 -22.90 26.19 6.10
CA ARG A 230 -21.76 26.73 6.82
C ARG A 230 -21.10 27.85 6.03
N ALA A 231 -21.02 27.70 4.70
CA ALA A 231 -20.40 28.73 3.87
C ALA A 231 -21.22 30.01 3.88
N LEU A 232 -22.55 29.90 3.86
CA LEU A 232 -23.40 31.08 3.91
C LEU A 232 -23.09 31.91 5.15
N LYS A 233 -22.88 31.25 6.29
CA LYS A 233 -22.66 31.99 7.53
C LYS A 233 -21.26 32.61 7.57
N ASN A 234 -20.22 31.80 7.37
CA ASN A 234 -18.87 32.32 7.60
C ASN A 234 -18.34 33.16 6.43
N GLN A 235 -19.04 33.20 5.30
CA GLN A 235 -18.68 34.11 4.22
C GLN A 235 -19.51 35.39 4.22
N GLY A 236 -20.40 35.57 5.19
CA GLY A 236 -21.19 36.77 5.27
C GLY A 236 -22.35 36.85 4.31
N VAL A 237 -22.75 35.75 3.71
CA VAL A 237 -23.84 35.80 2.72
C VAL A 237 -25.18 36.03 3.42
N LEU A 238 -25.37 35.44 4.60
CA LEU A 238 -26.59 35.67 5.35
C LEU A 238 -26.72 37.15 5.73
N ASP A 239 -25.60 37.78 6.06
CA ASP A 239 -25.61 39.22 6.31
C ASP A 239 -26.03 39.98 5.07
N ASP A 240 -25.47 39.60 3.92
CA ASP A 240 -25.81 40.24 2.65
C ASP A 240 -27.28 40.03 2.31
N ILE A 241 -27.80 38.82 2.56
CA ILE A 241 -29.21 38.55 2.30
C ILE A 241 -30.09 39.47 3.14
N ALA A 242 -29.75 39.60 4.43
CA ALA A 242 -30.54 40.45 5.31
C ALA A 242 -30.44 41.92 4.91
N LYS A 243 -29.24 42.36 4.50
CA LYS A 243 -29.07 43.76 4.11
C LYS A 243 -29.87 44.08 2.85
N ARG A 244 -29.89 43.17 1.88
CA ARG A 244 -30.60 43.42 0.64
C ARG A 244 -32.11 43.28 0.76
N GLY A 245 -32.60 42.77 1.90
CA GLY A 245 -34.02 42.51 2.04
C GLY A 245 -34.51 41.30 1.29
N VAL A 246 -33.61 40.38 0.97
CA VAL A 246 -34.00 39.16 0.27
C VAL A 246 -34.74 38.25 1.23
N GLU A 247 -35.93 37.79 0.81
CA GLU A 247 -36.76 36.93 1.64
C GLU A 247 -36.92 35.52 1.09
N HIS A 248 -36.58 35.28 -0.17
CA HIS A 248 -36.78 33.97 -0.80
C HIS A 248 -35.49 33.55 -1.50
N LEU A 249 -35.11 32.29 -1.33
CA LEU A 249 -33.90 31.79 -1.96
C LEU A 249 -34.22 30.55 -2.78
N HIS A 250 -33.83 30.58 -4.06
CA HIS A 250 -33.96 29.45 -4.96
C HIS A 250 -32.59 28.82 -5.15
N ALA A 251 -32.40 27.64 -4.57
CA ALA A 251 -31.15 26.90 -4.66
C ALA A 251 -31.31 25.78 -5.68
N HIS A 252 -30.38 25.69 -6.62
CA HIS A 252 -30.47 24.65 -7.63
C HIS A 252 -29.08 24.27 -8.13
N SER A 253 -29.02 23.11 -8.78
CA SER A 253 -27.79 22.61 -9.37
C SER A 253 -27.42 23.41 -10.61
N VAL A 254 -26.16 23.29 -11.01
CA VAL A 254 -25.66 24.02 -12.17
C VAL A 254 -25.94 23.32 -13.48
N ASP A 255 -26.23 22.02 -13.46
CA ASP A 255 -26.16 21.19 -14.65
C ASP A 255 -27.51 20.98 -15.34
N ASN A 256 -28.60 21.44 -14.75
CA ASN A 256 -29.94 21.23 -15.34
C ASN A 256 -30.18 22.30 -16.38
N ILE A 257 -30.04 21.94 -17.66
CA ILE A 257 -30.18 22.92 -18.73
C ILE A 257 -31.59 23.49 -18.84
N LEU A 258 -32.58 22.82 -18.26
CA LEU A 258 -33.96 23.29 -18.30
C LEU A 258 -34.33 24.11 -17.06
N ILE A 259 -33.36 24.43 -16.20
CA ILE A 259 -33.65 25.05 -14.91
C ILE A 259 -34.43 26.33 -15.11
N LYS A 260 -35.59 26.43 -14.46
CA LYS A 260 -36.32 27.69 -14.37
C LYS A 260 -35.75 28.47 -13.21
N VAL A 261 -34.73 29.28 -13.50
CA VAL A 261 -34.05 30.04 -12.47
C VAL A 261 -35.01 31.08 -11.89
N ALA A 262 -35.10 31.10 -10.56
CA ALA A 262 -35.97 32.04 -9.84
C ALA A 262 -37.41 31.95 -10.36
N ASP A 263 -37.85 30.73 -10.68
CA ASP A 263 -39.18 30.44 -11.20
C ASP A 263 -40.25 31.16 -10.40
N PRO A 264 -40.92 32.14 -11.00
CA PRO A 264 -41.95 32.87 -10.23
C PRO A 264 -43.10 31.98 -9.76
N VAL A 265 -43.45 30.95 -10.52
CA VAL A 265 -44.47 30.00 -10.07
C VAL A 265 -44.02 29.31 -8.78
N PHE A 266 -42.77 28.85 -8.74
CA PHE A 266 -42.25 28.18 -7.55
C PHE A 266 -42.25 29.13 -6.36
N ILE A 267 -41.70 30.33 -6.53
CA ILE A 267 -41.63 31.29 -5.43
C ILE A 267 -43.02 31.69 -4.99
N GLY A 268 -43.90 31.96 -5.95
CA GLY A 268 -45.27 32.32 -5.62
C GLY A 268 -46.01 31.19 -4.93
N TYR A 269 -45.76 29.95 -5.37
CA TYR A 269 -46.40 28.80 -4.74
C TYR A 269 -45.98 28.66 -3.29
N CYS A 270 -44.67 28.74 -3.02
CA CYS A 270 -44.18 28.54 -1.65
C CYS A 270 -44.55 29.71 -0.75
N LYS A 271 -44.61 30.93 -1.30
CA LYS A 271 -45.04 32.06 -0.48
C LYS A 271 -46.51 31.91 -0.13
N SER A 272 -47.34 31.48 -1.09
CA SER A 272 -48.76 31.34 -0.84
C SER A 272 -49.08 30.20 0.12
N LYS A 273 -48.24 29.16 0.14
CA LYS A 273 -48.43 28.08 1.08
C LYS A 273 -47.67 28.30 2.38
N ASN A 274 -47.04 29.46 2.52
CA ASN A 274 -46.21 29.79 3.69
C ASN A 274 -45.23 28.67 4.01
N ALA A 275 -44.58 28.17 2.98
CA ALA A 275 -43.57 27.14 3.13
C ALA A 275 -42.26 27.78 3.58
N ASP A 276 -41.62 27.18 4.59
CA ASP A 276 -40.27 27.61 4.91
C ASP A 276 -39.22 26.92 4.04
N CYS A 277 -39.57 25.80 3.40
CA CYS A 277 -38.63 25.07 2.58
C CYS A 277 -39.41 24.16 1.64
N ALA A 278 -38.87 23.92 0.44
CA ALA A 278 -39.61 23.16 -0.57
C ALA A 278 -38.66 22.56 -1.58
N ALA A 279 -39.11 21.49 -2.22
CA ALA A 279 -38.34 20.80 -3.24
C ALA A 279 -39.21 20.50 -4.44
N LYS A 280 -38.70 20.80 -5.63
CA LYS A 280 -39.32 20.34 -6.86
C LYS A 280 -38.94 18.89 -7.12
N VAL A 281 -39.88 18.14 -7.68
CA VAL A 281 -39.62 16.75 -8.01
C VAL A 281 -40.18 16.45 -9.39
N VAL A 282 -39.58 15.46 -10.03
CA VAL A 282 -40.15 14.83 -11.22
C VAL A 282 -40.45 13.38 -10.88
N GLN A 283 -41.18 12.75 -11.78
CA GLN A 283 -41.69 11.40 -11.62
C GLN A 283 -40.57 10.43 -12.02
N LYS A 284 -40.21 9.51 -11.15
CA LYS A 284 -39.15 8.56 -11.47
C LYS A 284 -39.73 7.30 -12.07
N SER A 285 -39.38 6.98 -13.32
CA SER A 285 -39.91 5.77 -13.88
C SER A 285 -38.85 4.66 -14.02
N THR A 286 -37.53 4.95 -14.00
CA THR A 286 -36.65 3.77 -13.91
C THR A 286 -36.06 3.67 -12.51
N PRO A 287 -36.06 2.48 -11.90
CA PRO A 287 -35.49 2.35 -10.54
C PRO A 287 -34.03 2.77 -10.42
N SER A 288 -33.23 2.63 -11.47
CA SER A 288 -31.82 2.95 -11.41
C SER A 288 -31.49 4.42 -11.67
N GLU A 289 -32.48 5.27 -11.97
CA GLU A 289 -32.15 6.67 -12.23
C GLU A 289 -31.46 7.27 -11.01
N ALA A 290 -30.35 7.95 -11.25
CA ALA A 290 -29.54 8.55 -10.18
C ALA A 290 -30.18 9.85 -9.69
N VAL A 291 -31.38 9.71 -9.14
CA VAL A 291 -32.07 10.80 -8.47
C VAL A 291 -32.43 10.34 -7.06
N GLY A 292 -32.28 11.23 -6.09
CA GLY A 292 -32.84 10.98 -4.78
C GLY A 292 -34.35 10.94 -4.81
N VAL A 293 -34.94 10.35 -3.79
CA VAL A 293 -36.39 10.21 -3.70
C VAL A 293 -36.85 10.80 -2.38
N VAL A 294 -37.95 11.55 -2.44
CA VAL A 294 -38.52 12.20 -1.27
C VAL A 294 -39.33 11.18 -0.48
N CYS A 295 -39.07 11.10 0.83
CA CYS A 295 -39.67 10.07 1.66
C CYS A 295 -40.13 10.66 2.99
N ARG A 296 -40.86 9.82 3.74
CA ARG A 296 -41.23 10.09 5.11
C ARG A 296 -40.67 8.99 6.00
N VAL A 297 -40.03 9.38 7.10
CA VAL A 297 -39.57 8.45 8.13
C VAL A 297 -39.65 9.16 9.47
N ASN A 298 -40.21 8.47 10.47
CA ASN A 298 -40.38 9.01 11.83
C ASN A 298 -41.08 10.37 11.82
N GLY A 299 -42.05 10.54 10.92
CA GLY A 299 -42.95 11.67 10.97
C GLY A 299 -42.46 12.95 10.33
N HIS A 300 -41.31 12.94 9.64
CA HIS A 300 -40.83 14.12 8.94
C HIS A 300 -40.38 13.72 7.54
N TYR A 301 -40.19 14.74 6.70
CA TYR A 301 -39.75 14.54 5.33
C TYR A 301 -38.25 14.36 5.24
N LYS A 302 -37.83 13.54 4.28
CA LYS A 302 -36.42 13.29 4.02
C LYS A 302 -36.25 13.03 2.52
N VAL A 303 -35.02 13.20 2.05
CA VAL A 303 -34.61 12.72 0.74
C VAL A 303 -33.58 11.63 0.99
N VAL A 304 -33.77 10.47 0.39
CA VAL A 304 -32.79 9.40 0.42
C VAL A 304 -32.08 9.42 -0.93
N GLU A 305 -30.77 9.65 -0.88
CA GLU A 305 -29.99 9.74 -2.11
C GLU A 305 -30.04 8.42 -2.87
N TYR A 306 -29.93 8.52 -4.20
CA TYR A 306 -29.94 7.32 -5.04
C TYR A 306 -28.89 6.32 -4.59
N SER A 307 -27.75 6.80 -4.08
CA SER A 307 -26.68 5.92 -3.62
C SER A 307 -27.01 5.24 -2.30
N GLU A 308 -28.04 5.66 -1.59
CA GLU A 308 -28.39 5.08 -0.30
C GLU A 308 -29.74 4.38 -0.31
N LEU A 309 -30.43 4.36 -1.45
CA LEU A 309 -31.69 3.64 -1.58
C LEU A 309 -31.39 2.18 -1.89
N THR A 310 -31.93 1.28 -1.07
CA THR A 310 -31.75 -0.14 -1.34
C THR A 310 -32.27 -0.50 -2.72
N ASP A 311 -31.65 -1.50 -3.33
CA ASP A 311 -32.16 -2.01 -4.61
C ASP A 311 -33.60 -2.48 -4.47
N GLU A 312 -33.95 -3.02 -3.30
CA GLU A 312 -35.33 -3.42 -3.04
C GLU A 312 -36.28 -2.24 -3.13
N ALA A 313 -35.98 -1.16 -2.39
CA ALA A 313 -36.86 0.01 -2.39
C ALA A 313 -36.92 0.67 -3.77
N ALA A 314 -35.80 0.72 -4.47
CA ALA A 314 -35.78 1.38 -5.77
C ALA A 314 -36.66 0.65 -6.78
N GLU A 315 -36.66 -0.69 -6.75
CA GLU A 315 -37.42 -1.49 -7.70
C GLU A 315 -38.80 -1.88 -7.20
N SER A 316 -39.20 -1.44 -6.01
CA SER A 316 -40.53 -1.75 -5.51
C SER A 316 -41.60 -0.97 -6.28
N ARG A 317 -42.75 -1.61 -6.50
CA ARG A 317 -43.79 -1.10 -7.36
C ARG A 317 -45.11 -0.97 -6.61
N THR A 318 -45.97 -0.06 -7.10
CA THR A 318 -47.31 0.11 -6.56
C THR A 318 -48.26 -0.82 -7.31
N ALA A 319 -49.51 -0.84 -6.88
CA ALA A 319 -50.56 -1.53 -7.62
C ALA A 319 -50.57 -1.12 -9.10
N ASP A 320 -50.43 0.18 -9.36
CA ASP A 320 -50.39 0.65 -10.74
C ASP A 320 -49.24 -0.02 -11.51
N GLY A 321 -48.04 0.01 -10.94
CA GLY A 321 -46.84 -0.32 -11.69
C GLY A 321 -45.87 0.83 -11.72
N ARG A 322 -46.22 1.90 -11.02
CA ARG A 322 -45.32 3.00 -10.76
C ARG A 322 -44.34 2.57 -9.68
N LEU A 323 -43.18 3.22 -9.65
CA LEU A 323 -42.25 2.98 -8.55
C LEU A 323 -42.89 3.42 -7.24
N THR A 324 -42.68 2.64 -6.19
CA THR A 324 -43.19 3.06 -4.88
C THR A 324 -42.55 4.37 -4.46
N PHE A 325 -41.27 4.53 -4.76
CA PHE A 325 -40.52 5.76 -4.52
C PHE A 325 -40.34 6.43 -5.87
N SER A 326 -41.26 7.34 -6.19
CA SER A 326 -41.32 7.99 -7.49
C SER A 326 -41.12 9.50 -7.44
N ALA A 327 -41.00 10.10 -6.26
CA ALA A 327 -40.82 11.54 -6.14
C ALA A 327 -39.34 11.86 -6.27
N GLY A 328 -38.91 12.02 -7.52
CA GLY A 328 -37.51 12.24 -7.82
C GLY A 328 -37.03 13.65 -7.58
N ASN A 329 -36.13 13.79 -6.61
CA ASN A 329 -35.51 15.09 -6.34
C ASN A 329 -34.71 15.58 -7.53
N ILE A 330 -34.88 16.84 -7.89
CA ILE A 330 -34.14 17.41 -9.00
C ILE A 330 -33.22 18.53 -8.54
N CYS A 331 -32.81 18.49 -7.26
CA CYS A 331 -32.00 19.51 -6.61
C CYS A 331 -32.44 20.90 -7.06
N ASN A 332 -33.61 21.30 -6.59
CA ASN A 332 -34.32 22.50 -7.07
C ASN A 332 -35.22 22.91 -5.89
N HIS A 333 -34.67 23.76 -5.02
CA HIS A 333 -35.22 23.95 -3.70
C HIS A 333 -35.57 25.41 -3.46
N TYR A 334 -36.54 25.62 -2.58
CA TYR A 334 -36.88 26.94 -2.06
C TYR A 334 -36.54 26.99 -0.58
N PHE A 335 -35.98 28.12 -0.16
CA PHE A 335 -35.76 28.39 1.26
C PHE A 335 -36.27 29.78 1.57
N SER A 336 -37.04 29.91 2.63
CA SER A 336 -37.30 31.23 3.19
C SER A 336 -36.03 31.74 3.87
N SER A 337 -35.87 33.06 3.88
CA SER A 337 -34.69 33.64 4.52
C SER A 337 -34.66 33.30 6.01
N GLU A 338 -35.82 33.28 6.66
CA GLU A 338 -35.88 32.96 8.08
C GLU A 338 -35.44 31.52 8.34
N PHE A 339 -35.91 30.58 7.52
CA PHE A 339 -35.49 29.19 7.70
C PHE A 339 -34.00 29.02 7.42
N LEU A 340 -33.49 29.71 6.39
CA LEU A 340 -32.08 29.58 6.04
C LEU A 340 -31.16 30.01 7.17
N THR A 341 -31.43 31.17 7.79
CA THR A 341 -30.58 31.64 8.88
C THR A 341 -30.67 30.74 10.11
N LYS A 342 -31.81 30.08 10.32
CA LYS A 342 -31.92 29.17 11.45
C LYS A 342 -31.20 27.87 11.15
N ILE A 343 -31.27 27.42 9.89
CA ILE A 343 -30.54 26.22 9.47
C ILE A 343 -29.04 26.37 9.73
N CYS A 344 -28.48 27.50 9.31
CA CYS A 344 -27.03 27.70 9.39
C CYS A 344 -26.53 27.71 10.82
N ASN A 345 -27.43 27.83 11.80
CA ASN A 345 -27.06 27.75 13.21
C ASN A 345 -27.12 26.33 13.76
N PHE A 346 -27.56 25.35 12.96
CA PHE A 346 -27.45 23.95 13.38
C PHE A 346 -26.91 23.03 12.29
N GLU A 347 -26.21 23.56 11.28
CA GLU A 347 -25.60 22.69 10.28
C GLU A 347 -24.58 21.73 10.86
N SER A 348 -24.20 21.91 12.13
CA SER A 348 -23.27 20.98 12.78
C SER A 348 -23.86 19.58 12.87
N LYS A 349 -25.16 19.48 13.16
CA LYS A 349 -25.83 18.19 13.32
C LYS A 349 -26.07 17.48 11.99
N LEU A 350 -25.69 18.09 10.87
CA LEU A 350 -26.00 17.54 9.56
C LEU A 350 -25.12 16.31 9.29
N LYS A 351 -25.79 15.20 9.06
CA LYS A 351 -25.15 13.94 8.70
C LYS A 351 -24.08 14.12 7.62
N LEU A 352 -22.93 13.50 7.83
CA LEU A 352 -21.92 13.35 6.79
C LEU A 352 -22.13 12.03 6.08
N HIS A 353 -22.17 12.08 4.76
CA HIS A 353 -22.34 10.89 3.94
C HIS A 353 -20.99 10.44 3.39
N VAL A 354 -20.78 9.13 3.34
CA VAL A 354 -19.52 8.53 2.92
C VAL A 354 -19.69 7.95 1.54
N ALA A 355 -18.71 8.19 0.66
CA ALA A 355 -18.69 7.61 -0.67
C ALA A 355 -17.31 7.00 -0.94
N LYS A 356 -17.30 5.76 -1.43
CA LYS A 356 -16.06 5.15 -1.88
C LYS A 356 -15.64 5.76 -3.21
N LYS A 357 -14.38 6.17 -3.32
CA LYS A 357 -13.90 6.86 -4.51
C LYS A 357 -12.51 6.36 -4.87
N LYS A 358 -12.17 6.51 -6.15
CA LYS A 358 -10.80 6.33 -6.62
C LYS A 358 -10.05 7.63 -6.38
N ILE A 359 -9.13 7.62 -5.42
CA ILE A 359 -8.40 8.82 -5.01
C ILE A 359 -6.92 8.62 -5.29
N PRO A 360 -6.30 9.44 -6.15
CA PRO A 360 -4.84 9.41 -6.29
C PRO A 360 -4.15 9.78 -4.98
N TYR A 361 -3.01 9.14 -4.75
CA TYR A 361 -2.32 9.23 -3.47
C TYR A 361 -0.86 8.87 -3.64
N VAL A 362 -0.03 9.44 -2.76
CA VAL A 362 1.38 9.04 -2.66
C VAL A 362 1.46 7.75 -1.86
N ASP A 363 2.06 6.72 -2.45
CA ASP A 363 2.09 5.43 -1.77
C ASP A 363 3.21 5.43 -0.73
N HIS A 364 3.42 4.28 -0.10
CA HIS A 364 4.36 4.17 1.01
C HIS A 364 5.81 4.26 0.55
N GLU A 365 5.99 4.49 -0.75
CA GLU A 365 7.26 4.54 -1.42
C GLU A 365 7.40 5.81 -2.25
N GLY A 366 6.71 6.87 -1.81
CA GLY A 366 6.87 8.17 -2.39
C GLY A 366 6.34 8.30 -3.79
N VAL A 367 5.63 7.29 -4.29
CA VAL A 367 5.15 7.27 -5.67
C VAL A 367 3.65 7.55 -5.69
N ARG A 368 3.26 8.56 -6.48
CA ARG A 368 1.85 8.86 -6.65
C ARG A 368 1.19 7.80 -7.52
N GLN A 369 0.17 7.16 -6.98
CA GLN A 369 -0.55 6.14 -7.72
C GLN A 369 -1.91 6.66 -8.18
N LYS A 370 -2.44 6.00 -9.19
CA LYS A 370 -3.81 6.20 -9.67
C LYS A 370 -4.54 4.88 -9.60
N PRO A 371 -5.40 4.70 -8.60
CA PRO A 371 -6.05 3.41 -8.40
C PRO A 371 -7.14 3.16 -9.43
N THR A 372 -7.27 1.91 -9.82
CA THR A 372 -8.32 1.51 -10.74
C THR A 372 -9.54 0.99 -10.00
N GLU A 373 -9.41 0.65 -8.72
CA GLU A 373 -10.52 0.31 -7.85
C GLU A 373 -10.63 1.35 -6.74
N PRO A 374 -11.83 1.61 -6.23
CA PRO A 374 -11.97 2.56 -5.12
C PRO A 374 -11.08 2.20 -3.95
N ASN A 375 -10.28 3.18 -3.53
CA ASN A 375 -9.29 2.99 -2.48
C ASN A 375 -9.49 3.91 -1.29
N GLY A 376 -10.53 4.74 -1.29
CA GLY A 376 -10.67 5.68 -0.19
C GLY A 376 -12.06 6.24 -0.08
N ILE A 377 -12.19 7.22 0.82
CA ILE A 377 -13.50 7.74 1.21
C ILE A 377 -13.49 9.26 1.10
N LYS A 378 -14.55 9.80 0.51
CA LYS A 378 -14.87 11.20 0.62
C LYS A 378 -16.13 11.36 1.47
N MET A 379 -16.21 12.47 2.20
CA MET A 379 -17.34 12.76 3.06
C MET A 379 -18.04 14.01 2.57
N GLU A 380 -19.37 13.98 2.56
CA GLU A 380 -20.16 15.06 2.00
C GLU A 380 -21.38 15.33 2.86
N LYS A 381 -21.69 16.61 3.04
CA LYS A 381 -22.99 17.02 3.53
C LYS A 381 -23.92 17.26 2.34
N PHE A 382 -25.18 16.91 2.50
CA PHE A 382 -26.18 17.01 1.43
C PHE A 382 -27.14 18.14 1.74
N ILE A 383 -27.43 18.96 0.73
CA ILE A 383 -28.26 20.15 0.92
C ILE A 383 -29.63 19.80 1.46
N PHE A 384 -30.18 18.65 1.07
CA PHE A 384 -31.56 18.32 1.43
C PHE A 384 -31.71 17.71 2.82
N ASP A 385 -30.61 17.50 3.56
CA ASP A 385 -30.74 16.92 4.89
C ASP A 385 -31.36 17.88 5.90
N VAL A 386 -31.59 19.13 5.53
CA VAL A 386 -32.29 20.07 6.41
C VAL A 386 -33.80 19.94 6.32
N PHE A 387 -34.29 19.14 5.37
CA PHE A 387 -35.73 19.04 5.14
C PHE A 387 -36.45 18.52 6.37
N GLU A 388 -35.80 17.65 7.16
CA GLU A 388 -36.45 17.07 8.33
C GLU A 388 -36.67 18.07 9.45
N PHE A 389 -36.07 19.26 9.37
CA PHE A 389 -36.24 20.29 10.38
C PHE A 389 -37.20 21.39 9.94
N ALA A 390 -37.81 21.24 8.77
CA ALA A 390 -38.74 22.25 8.28
C ALA A 390 -40.07 22.13 9.00
N GLU A 391 -40.71 23.26 9.26
CA GLU A 391 -42.04 23.28 9.87
C GLU A 391 -43.17 23.16 8.85
N ASN A 392 -42.91 23.51 7.59
CA ASN A 392 -43.91 23.42 6.54
C ASN A 392 -43.17 23.13 5.23
N PHE A 393 -42.61 21.94 5.14
CA PHE A 393 -41.96 21.52 3.91
C PHE A 393 -43.01 21.20 2.86
N ILE A 394 -42.74 21.63 1.62
CA ILE A 394 -43.67 21.44 0.52
C ILE A 394 -42.92 20.73 -0.59
N CYS A 395 -43.58 19.78 -1.23
CA CYS A 395 -43.07 19.10 -2.41
C CYS A 395 -43.94 19.49 -3.59
N LEU A 396 -43.31 19.89 -4.69
CA LEU A 396 -44.04 20.38 -5.85
C LEU A 396 -43.55 19.63 -7.07
N GLU A 397 -44.45 18.88 -7.70
CA GLU A 397 -44.07 18.13 -8.89
C GLU A 397 -44.15 19.00 -10.14
N VAL A 398 -43.18 18.82 -11.03
CA VAL A 398 -43.13 19.54 -12.30
C VAL A 398 -42.93 18.54 -13.43
N ALA A 399 -43.26 18.97 -14.64
CA ALA A 399 -43.08 18.12 -15.81
C ALA A 399 -41.60 17.99 -16.14
N ARG A 400 -41.12 16.75 -16.28
CA ARG A 400 -39.71 16.52 -16.53
C ARG A 400 -39.27 17.15 -17.86
N ASP A 401 -40.09 17.00 -18.90
CA ASP A 401 -39.71 17.51 -20.22
C ASP A 401 -39.63 19.03 -20.24
N VAL A 402 -40.27 19.70 -19.28
CA VAL A 402 -40.22 21.16 -19.24
C VAL A 402 -39.11 21.65 -18.31
N GLU A 403 -38.77 20.89 -17.26
CA GLU A 403 -38.04 21.44 -16.14
C GLU A 403 -36.82 20.65 -15.67
N PHE A 404 -36.53 19.47 -16.19
CA PHE A 404 -35.40 18.69 -15.68
C PHE A 404 -34.73 17.92 -16.80
N SER A 405 -33.48 18.26 -17.07
CA SER A 405 -32.61 17.45 -17.93
C SER A 405 -31.19 17.67 -17.47
N ALA A 406 -30.63 16.67 -16.80
CA ALA A 406 -29.35 16.85 -16.11
C ALA A 406 -28.18 16.51 -17.02
N LEU A 407 -27.09 17.23 -16.83
CA LEU A 407 -25.83 16.99 -17.54
C LEU A 407 -24.85 16.37 -16.56
N LYS A 408 -24.67 15.07 -16.65
CA LYS A 408 -23.86 14.32 -15.70
C LYS A 408 -22.75 13.50 -16.35
N ASN A 409 -23.02 12.90 -17.51
CA ASN A 409 -22.10 11.95 -18.11
C ASN A 409 -21.68 12.43 -19.49
N ASN A 410 -20.63 11.79 -20.03
CA ASN A 410 -20.29 12.07 -21.41
C ASN A 410 -21.23 11.31 -22.33
N ASP A 411 -21.12 11.61 -23.63
CA ASP A 411 -22.11 11.10 -24.59
C ASP A 411 -22.11 9.58 -24.68
N ALA A 412 -20.96 8.94 -24.43
CA ALA A 412 -20.90 7.48 -24.55
C ALA A 412 -21.86 6.81 -23.56
N ALA A 413 -22.19 7.47 -22.45
CA ALA A 413 -23.13 6.91 -21.50
C ALA A 413 -24.55 6.96 -22.02
N LYS A 414 -24.86 7.88 -22.92
CA LYS A 414 -26.11 7.99 -23.65
C LYS A 414 -27.29 8.36 -22.76
N LYS A 415 -27.07 8.64 -21.48
CA LYS A 415 -28.08 9.19 -20.58
C LYS A 415 -27.46 10.36 -19.83
N ASP A 416 -28.28 11.38 -19.57
CA ASP A 416 -27.85 12.56 -18.82
C ASP A 416 -26.51 13.10 -19.36
N CYS A 417 -26.44 13.20 -20.70
CA CYS A 417 -25.23 13.52 -21.45
C CYS A 417 -25.43 14.85 -22.16
N PRO A 418 -24.38 15.44 -22.75
CA PRO A 418 -24.60 16.58 -23.65
C PRO A 418 -25.69 16.37 -24.69
N SER A 419 -25.75 15.20 -25.33
CA SER A 419 -26.73 15.00 -26.40
C SER A 419 -28.16 14.98 -25.88
N THR A 420 -28.43 14.33 -24.74
CA THR A 420 -29.79 14.37 -24.20
C THR A 420 -30.14 15.76 -23.68
N ALA A 421 -29.17 16.49 -23.13
CA ALA A 421 -29.45 17.85 -22.68
C ALA A 421 -29.82 18.74 -23.86
N ARG A 422 -29.01 18.70 -24.92
CA ARG A 422 -29.34 19.46 -26.12
C ARG A 422 -30.65 18.98 -26.72
N GLU A 423 -30.89 17.66 -26.73
CA GLU A 423 -32.16 17.15 -27.24
C GLU A 423 -33.36 17.57 -26.40
N ASP A 424 -33.21 17.57 -25.09
CA ASP A 424 -34.35 17.92 -24.26
C ASP A 424 -34.72 19.39 -24.41
N LEU A 425 -33.73 20.27 -24.52
CA LEU A 425 -34.02 21.68 -24.65
C LEU A 425 -34.68 21.99 -26.00
N LEU A 426 -34.18 21.39 -27.08
CA LEU A 426 -34.75 21.65 -28.40
C LEU A 426 -36.16 21.08 -28.51
N ARG A 427 -36.40 19.92 -27.91
CA ARG A 427 -37.75 19.36 -27.91
C ARG A 427 -38.72 20.28 -27.17
N LEU A 428 -38.29 20.84 -26.04
CA LEU A 428 -39.16 21.76 -25.30
C LEU A 428 -39.45 23.01 -26.11
N HIS A 429 -38.44 23.56 -26.78
CA HIS A 429 -38.64 24.79 -27.55
C HIS A 429 -39.53 24.54 -28.77
N ARG A 430 -39.42 23.36 -29.38
CA ARG A 430 -40.38 22.98 -30.41
C ARG A 430 -41.80 22.99 -29.86
N LYS A 431 -41.96 22.49 -28.63
CA LYS A 431 -43.27 22.49 -27.99
C LYS A 431 -43.77 23.91 -27.72
N TYR A 432 -42.90 24.78 -27.20
CA TYR A 432 -43.28 26.18 -26.98
C TYR A 432 -43.75 26.83 -28.28
N VAL A 433 -43.04 26.58 -29.38
CA VAL A 433 -43.40 27.20 -30.66
C VAL A 433 -44.76 26.69 -31.12
N ARG A 434 -44.99 25.38 -31.00
CA ARG A 434 -46.28 24.81 -31.35
C ARG A 434 -47.38 25.35 -30.44
N GLU A 435 -47.08 25.51 -29.15
CA GLU A 435 -48.10 26.00 -28.22
C GLU A 435 -48.44 27.46 -28.44
N ALA A 436 -47.60 28.20 -29.17
CA ALA A 436 -47.87 29.59 -29.53
C ALA A 436 -48.45 29.73 -30.93
N GLY A 437 -48.78 28.62 -31.59
CA GLY A 437 -49.40 28.66 -32.90
C GLY A 437 -48.46 28.39 -34.07
N GLY A 438 -47.18 28.11 -33.80
CA GLY A 438 -46.24 27.86 -34.87
C GLY A 438 -46.28 26.43 -35.38
N ILE A 439 -45.85 26.24 -36.62
CA ILE A 439 -45.86 24.95 -37.29
C ILE A 439 -44.42 24.53 -37.54
N VAL A 440 -44.00 23.43 -36.91
CA VAL A 440 -42.62 22.98 -37.00
C VAL A 440 -42.57 21.47 -36.78
N GLU A 441 -41.90 20.76 -37.68
CA GLU A 441 -41.78 19.31 -37.55
C GLU A 441 -40.60 18.92 -36.66
N ASP A 442 -40.64 17.68 -36.20
CA ASP A 442 -39.65 17.19 -35.24
C ASP A 442 -38.23 17.25 -35.78
N ASN A 443 -38.05 17.22 -37.10
CA ASN A 443 -36.71 17.25 -37.69
C ASN A 443 -36.13 18.66 -37.79
N ILE A 444 -36.81 19.66 -37.24
CA ILE A 444 -36.36 21.05 -37.25
C ILE A 444 -35.90 21.42 -35.85
N ASP A 445 -34.66 21.92 -35.74
CA ASP A 445 -34.09 22.38 -34.47
C ASP A 445 -34.26 23.89 -34.39
N VAL A 446 -35.24 24.34 -33.60
CA VAL A 446 -35.47 25.77 -33.38
C VAL A 446 -35.18 26.05 -31.91
N GLU A 447 -34.24 26.96 -31.65
CA GLU A 447 -33.88 27.37 -30.29
C GLU A 447 -34.50 28.71 -29.98
N ILE A 448 -35.11 28.83 -28.80
CA ILE A 448 -35.66 30.08 -28.31
C ILE A 448 -34.66 30.67 -27.32
N SER A 449 -34.14 31.86 -27.65
CA SER A 449 -33.32 32.62 -26.73
C SER A 449 -34.08 32.88 -25.42
N PRO A 450 -33.46 32.64 -24.26
CA PRO A 450 -34.11 33.05 -23.00
C PRO A 450 -34.42 34.52 -22.93
N LEU A 451 -33.66 35.38 -23.64
CA LEU A 451 -33.98 36.80 -23.64
C LEU A 451 -35.29 37.10 -24.34
N LEU A 452 -35.76 36.21 -25.22
CA LEU A 452 -37.06 36.36 -25.85
C LEU A 452 -38.17 35.70 -25.05
N SER A 453 -37.94 34.50 -24.54
CA SER A 453 -38.97 33.77 -23.81
C SER A 453 -38.37 32.95 -22.68
N TYR A 454 -38.91 33.17 -21.48
CA TYR A 454 -38.47 32.45 -20.29
C TYR A 454 -39.06 31.04 -20.29
N GLY A 455 -40.38 30.94 -20.49
CA GLY A 455 -41.06 29.66 -20.45
C GLY A 455 -42.21 29.50 -21.44
N GLY A 456 -42.05 30.00 -22.66
CA GLY A 456 -43.05 29.86 -23.70
C GLY A 456 -43.89 31.09 -23.94
N GLU A 457 -43.83 32.08 -23.04
CA GLU A 457 -44.55 33.33 -23.24
C GLU A 457 -43.85 34.17 -24.31
N ASN A 458 -44.54 35.21 -24.78
CA ASN A 458 -43.95 36.24 -25.62
C ASN A 458 -43.58 35.72 -27.01
N LEU A 459 -44.30 34.72 -27.52
CA LEU A 459 -43.98 34.11 -28.82
C LEU A 459 -45.07 34.25 -29.89
N THR A 460 -46.33 34.48 -29.49
CA THR A 460 -47.43 34.48 -30.46
C THR A 460 -47.13 35.41 -31.65
N ASP A 461 -46.83 36.68 -31.36
CA ASP A 461 -46.64 37.66 -32.43
C ASP A 461 -45.55 37.23 -33.41
N LEU A 462 -44.62 36.38 -32.98
CA LEU A 462 -43.48 35.98 -33.79
C LEU A 462 -43.69 34.67 -34.54
N VAL A 463 -44.37 33.69 -33.95
CA VAL A 463 -44.47 32.37 -34.54
C VAL A 463 -45.89 31.96 -34.90
N SER A 464 -46.93 32.62 -34.40
CA SER A 464 -48.28 32.16 -34.66
C SER A 464 -48.59 32.24 -36.15
N GLY A 465 -49.00 31.11 -36.73
CA GLY A 465 -49.22 31.01 -38.14
C GLY A 465 -47.99 30.77 -38.98
N GLU A 466 -46.80 30.99 -38.42
CA GLU A 466 -45.55 30.80 -39.16
C GLU A 466 -45.18 29.33 -39.26
N VAL A 467 -44.57 28.96 -40.38
CA VAL A 467 -44.11 27.60 -40.63
C VAL A 467 -42.59 27.61 -40.63
N PHE A 468 -41.99 26.70 -39.85
CA PHE A 468 -40.54 26.60 -39.70
C PHE A 468 -40.03 25.39 -40.45
N THR A 469 -39.34 25.61 -41.58
CA THR A 469 -38.90 24.51 -42.44
C THR A 469 -37.37 24.42 -42.59
N ILE A 470 -36.59 25.35 -42.07
CA ILE A 470 -35.14 25.30 -42.17
C ILE A 470 -34.53 25.16 -40.79
N SER A 471 -33.59 24.23 -40.67
CA SER A 471 -32.92 23.84 -39.43
C SER A 471 -31.40 23.91 -39.62
N PRO A 472 -30.66 24.44 -38.63
CA PRO A 472 -31.19 24.98 -37.37
C PRO A 472 -31.77 26.40 -37.52
N TYR A 473 -32.61 26.79 -36.56
CA TYR A 473 -33.19 28.12 -36.52
C TYR A 473 -33.10 28.65 -35.11
N HIS A 474 -32.79 29.93 -34.98
CA HIS A 474 -32.64 30.58 -33.69
C HIS A 474 -33.61 31.76 -33.61
N LEU A 475 -34.59 31.69 -32.72
CA LEU A 475 -35.52 32.76 -32.51
C LEU A 475 -34.93 33.59 -31.41
N LYS A 476 -34.58 34.81 -31.74
CA LYS A 476 -33.91 35.70 -30.84
C LYS A 476 -34.66 36.89 -30.40
N SER A 477 -34.11 37.53 -29.40
CA SER A 477 -34.61 38.77 -28.84
C SER A 477 -34.03 39.88 -29.68
N HIS B 3 55.03 34.38 -5.33
CA HIS B 3 54.04 33.50 -4.69
C HIS B 3 52.67 34.19 -4.63
N HIS B 4 51.61 33.42 -4.80
CA HIS B 4 50.25 33.95 -4.76
C HIS B 4 49.62 33.71 -3.40
N MET B 5 49.17 34.80 -2.77
CA MET B 5 48.47 34.76 -1.48
C MET B 5 47.45 33.64 -1.37
N SER B 6 46.79 33.28 -2.47
CA SER B 6 45.66 32.38 -2.44
C SER B 6 46.00 30.93 -2.81
N TYR B 7 47.25 30.60 -3.11
CA TYR B 7 47.53 29.26 -3.61
C TYR B 7 47.16 28.20 -2.58
N ASP B 8 47.65 28.35 -1.34
CA ASP B 8 47.35 27.33 -0.33
C ASP B 8 45.85 27.20 -0.11
N SER B 9 45.13 28.33 -0.14
CA SER B 9 43.69 28.27 0.09
C SER B 9 42.96 27.64 -1.10
N ILE B 10 43.37 27.99 -2.32
CA ILE B 10 42.75 27.38 -3.49
C ILE B 10 43.08 25.89 -3.55
N PHE B 11 44.34 25.54 -3.25
CA PHE B 11 44.73 24.13 -3.24
C PHE B 11 43.84 23.32 -2.31
N GLU B 12 43.62 23.83 -1.09
CA GLU B 12 42.81 23.09 -0.12
C GLU B 12 41.37 22.97 -0.61
N ASN B 13 40.81 24.07 -1.14
CA ASN B 13 39.47 24.01 -1.71
C ASN B 13 39.37 22.96 -2.81
N LEU B 14 40.32 22.97 -3.74
CA LEU B 14 40.30 22.01 -4.85
C LEU B 14 40.44 20.58 -4.35
N ASN B 15 41.42 20.35 -3.47
CA ASN B 15 41.77 18.99 -3.09
C ASN B 15 40.68 18.35 -2.22
N SER B 16 40.08 19.13 -1.32
CA SER B 16 38.98 18.59 -0.52
C SER B 16 37.78 18.24 -1.40
N HIS B 17 37.68 18.81 -2.60
CA HIS B 17 36.60 18.54 -3.53
C HIS B 17 37.05 17.68 -4.70
N GLY B 18 38.20 17.02 -4.58
CA GLY B 18 38.66 16.09 -5.60
C GLY B 18 38.97 16.70 -6.94
N GLN B 19 39.32 17.99 -6.97
CA GLN B 19 39.67 18.67 -8.21
C GLN B 19 41.08 19.26 -8.17
N GLY B 20 41.98 18.66 -7.38
CA GLY B 20 43.32 19.18 -7.27
C GLY B 20 44.11 19.15 -8.55
N HIS B 21 43.74 18.25 -9.49
CA HIS B 21 44.41 18.16 -10.78
C HIS B 21 44.35 19.45 -11.57
N LEU B 22 43.42 20.35 -11.26
CA LEU B 22 43.31 21.59 -12.03
C LEU B 22 44.55 22.47 -11.90
N LEU B 23 45.34 22.28 -10.84
CA LEU B 23 46.57 23.04 -10.63
C LEU B 23 47.82 22.30 -11.12
N LYS B 24 47.64 21.20 -11.85
CA LYS B 24 48.76 20.32 -12.17
C LYS B 24 49.90 21.06 -12.87
N TYR B 25 49.56 21.99 -13.77
CA TYR B 25 50.55 22.61 -14.63
C TYR B 25 51.08 23.93 -14.06
N TRP B 26 50.71 24.26 -12.83
CA TRP B 26 51.25 25.44 -12.15
C TRP B 26 52.75 25.61 -12.28
N PRO B 27 53.60 24.58 -12.14
CA PRO B 27 55.05 24.80 -12.26
C PRO B 27 55.49 25.25 -13.63
N ASP B 28 54.74 24.95 -14.69
CA ASP B 28 55.13 25.29 -16.05
C ASP B 28 54.45 26.57 -16.57
N LEU B 29 53.64 27.23 -15.77
CA LEU B 29 52.81 28.32 -16.27
C LEU B 29 53.53 29.65 -16.09
N SER B 30 53.39 30.53 -17.06
CA SER B 30 53.85 31.89 -16.87
C SER B 30 53.01 32.55 -15.78
N GLU B 31 53.51 33.67 -15.26
CA GLU B 31 52.78 34.37 -14.22
C GLU B 31 51.44 34.91 -14.73
N LYS B 32 51.38 35.29 -16.00
CA LYS B 32 50.12 35.75 -16.57
C LYS B 32 49.18 34.56 -16.83
N GLU B 33 49.71 33.43 -17.26
CA GLU B 33 48.88 32.24 -17.40
C GLU B 33 48.36 31.80 -16.03
N ARG B 34 49.19 31.95 -14.99
CA ARG B 34 48.78 31.61 -13.64
C ARG B 34 47.61 32.48 -13.19
N ALA B 35 47.67 33.78 -13.46
CA ALA B 35 46.57 34.67 -13.07
C ALA B 35 45.27 34.27 -13.77
N GLN B 36 45.35 33.86 -15.04
CA GLN B 36 44.15 33.40 -15.72
C GLN B 36 43.60 32.13 -15.08
N LEU B 37 44.47 31.18 -14.74
CA LEU B 37 44.01 29.95 -14.13
C LEU B 37 43.31 30.23 -12.80
N LEU B 38 43.92 31.07 -11.97
CA LEU B 38 43.30 31.42 -10.69
C LEU B 38 41.98 32.16 -10.92
N ASN B 39 41.91 32.97 -11.98
CA ASN B 39 40.66 33.67 -12.29
C ASN B 39 39.57 32.67 -12.68
N ASP B 40 39.93 31.65 -13.45
CA ASP B 40 38.99 30.57 -13.78
C ASP B 40 38.44 29.90 -12.53
N LEU B 41 39.33 29.62 -11.56
CA LEU B 41 38.94 28.79 -10.43
C LEU B 41 37.99 29.50 -9.48
N LYS B 42 38.18 30.81 -9.28
CA LYS B 42 37.32 31.56 -8.36
C LYS B 42 35.89 31.72 -8.89
N LYS B 43 35.68 31.51 -10.18
CA LYS B 43 34.33 31.51 -10.76
C LYS B 43 33.55 30.24 -10.49
N ILE B 44 34.12 29.28 -9.77
CA ILE B 44 33.53 27.96 -9.62
C ILE B 44 33.12 27.73 -8.17
N ASP B 45 31.88 27.28 -7.97
CA ASP B 45 31.36 26.83 -6.69
C ASP B 45 31.66 25.34 -6.58
N PHE B 46 32.73 25.00 -5.88
CA PHE B 46 33.19 23.61 -5.88
C PHE B 46 32.23 22.70 -5.11
N ALA B 47 31.46 23.23 -4.15
CA ALA B 47 30.36 22.43 -3.58
C ALA B 47 29.23 22.24 -4.57
N GLU B 48 28.68 23.33 -5.10
CA GLU B 48 27.61 23.22 -6.14
C GLU B 48 28.00 22.57 -7.49
N VAL B 49 29.15 21.91 -7.57
CA VAL B 49 29.53 21.19 -8.76
C VAL B 49 29.64 19.69 -8.48
N ASN B 50 30.20 19.31 -7.31
CA ASN B 50 30.29 17.90 -6.92
C ASN B 50 28.93 17.32 -6.55
N GLU B 51 28.05 18.15 -5.99
CA GLU B 51 26.73 17.67 -5.61
C GLU B 51 25.98 17.00 -6.74
N LEU B 52 26.19 17.48 -7.96
CA LEU B 52 25.53 16.93 -9.12
C LEU B 52 26.31 15.75 -9.70
N GLU B 68 8.92 12.23 -11.04
CA GLU B 68 8.18 10.97 -10.99
C GLU B 68 6.96 10.94 -11.90
N ASP B 69 5.96 11.74 -11.57
CA ASP B 69 4.63 11.64 -12.15
C ASP B 69 4.36 12.86 -13.01
N LEU B 70 3.96 12.60 -14.24
CA LEU B 70 3.74 13.64 -15.22
C LEU B 70 2.25 13.73 -15.49
N LYS B 71 1.70 14.95 -15.38
CA LYS B 71 0.30 15.31 -15.65
C LYS B 71 0.35 16.44 -16.65
N PRO B 72 -0.51 16.46 -17.64
CA PRO B 72 -0.50 17.54 -18.61
C PRO B 72 -1.11 18.78 -17.96
N ILE B 73 -0.87 19.89 -18.62
CA ILE B 73 -1.45 21.21 -18.34
C ILE B 73 -2.99 21.11 -18.28
N PRO B 74 -3.63 21.58 -17.20
CA PRO B 74 -5.11 21.62 -17.16
C PRO B 74 -5.60 22.63 -18.17
N ASP B 75 -6.73 22.31 -18.80
CA ASP B 75 -7.33 23.22 -19.77
C ASP B 75 -7.52 24.62 -19.22
N SER B 76 -7.67 24.76 -17.89
CA SER B 76 -7.93 26.08 -17.34
C SER B 76 -6.73 27.00 -17.47
N HIS B 77 -5.54 26.42 -17.69
CA HIS B 77 -4.32 27.16 -17.91
C HIS B 77 -3.82 27.05 -19.34
N TYR B 78 -4.65 26.54 -20.25
CA TYR B 78 -4.25 26.31 -21.64
C TYR B 78 -5.24 26.97 -22.58
N GLU B 79 -4.72 27.39 -23.73
CA GLU B 79 -5.53 28.01 -24.77
C GLU B 79 -4.78 27.85 -26.09
N ALA B 80 -5.53 27.88 -27.18
CA ALA B 80 -4.94 27.77 -28.51
C ALA B 80 -5.36 28.98 -29.34
N VAL B 81 -4.35 29.67 -29.89
CA VAL B 81 -4.67 30.79 -30.77
C VAL B 81 -5.55 30.40 -31.93
N PRO B 82 -5.34 29.29 -32.65
CA PRO B 82 -6.24 28.94 -33.75
C PRO B 82 -7.67 28.65 -33.33
N ASN B 83 -7.94 28.49 -32.03
CA ASN B 83 -9.31 28.32 -31.57
C ASN B 83 -9.96 29.64 -31.17
N LEU B 84 -9.20 30.72 -31.16
CA LEU B 84 -9.77 32.01 -30.83
C LEU B 84 -10.48 32.59 -32.03
N SER B 85 -11.54 33.34 -31.76
CA SER B 85 -12.24 34.04 -32.82
C SER B 85 -11.39 35.18 -33.36
N ASN B 86 -11.70 35.59 -34.59
CA ASN B 86 -11.01 36.75 -35.14
C ASN B 86 -11.24 38.00 -34.31
N GLU B 87 -12.37 38.11 -33.59
CA GLU B 87 -12.49 39.35 -32.84
C GLU B 87 -11.73 39.30 -31.51
N LYS B 88 -11.48 38.11 -30.95
CA LYS B 88 -10.63 38.08 -29.75
C LYS B 88 -9.15 38.25 -30.11
N ILE B 89 -8.70 37.72 -31.25
CA ILE B 89 -7.32 37.91 -31.69
C ILE B 89 -7.03 39.39 -31.90
N LEU B 90 -7.96 40.10 -32.54
CA LEU B 90 -7.79 41.54 -32.73
C LEU B 90 -7.75 42.26 -31.38
N GLU B 91 -8.63 41.88 -30.45
CA GLU B 91 -8.62 42.50 -29.13
C GLU B 91 -7.27 42.30 -28.44
N TYR B 92 -6.77 41.07 -28.45
CA TYR B 92 -5.47 40.78 -27.84
C TYR B 92 -4.35 41.52 -28.55
N GLU B 93 -4.37 41.54 -29.88
CA GLU B 93 -3.33 42.24 -30.64
C GLU B 93 -3.31 43.72 -30.28
N ASN B 94 -4.49 44.34 -30.18
CA ASN B 94 -4.55 45.77 -29.91
C ASN B 94 -4.06 46.10 -28.50
N ILE B 95 -4.32 45.22 -27.54
CA ILE B 95 -3.78 45.42 -26.20
C ILE B 95 -2.26 45.38 -26.24
N GLY B 96 -1.70 44.40 -26.96
CA GLY B 96 -0.26 44.32 -27.09
C GLY B 96 0.33 45.50 -27.83
N LEU B 97 -0.35 45.96 -28.88
CA LEU B 97 0.12 47.11 -29.64
C LEU B 97 0.13 48.36 -28.76
N ARG B 98 -0.85 48.50 -27.87
CA ARG B 98 -0.85 49.63 -26.93
C ARG B 98 0.36 49.57 -26.01
N GLU B 99 0.67 48.39 -25.48
CA GLU B 99 1.83 48.24 -24.61
C GLU B 99 3.12 48.60 -25.34
N ILE B 100 3.26 48.16 -26.58
CA ILE B 100 4.47 48.45 -27.35
C ILE B 100 4.60 49.95 -27.57
N SER B 101 3.50 50.60 -27.99
CA SER B 101 3.55 52.03 -28.27
C SER B 101 3.84 52.85 -27.02
N ASP B 102 3.44 52.35 -25.86
CA ASP B 102 3.74 53.01 -24.59
C ASP B 102 5.15 52.74 -24.09
N GLY B 103 5.97 52.01 -24.85
CA GLY B 103 7.32 51.70 -24.42
C GLY B 103 7.46 50.70 -23.29
N LYS B 104 6.47 49.83 -23.10
CA LYS B 104 6.45 48.91 -21.96
C LYS B 104 6.90 47.50 -22.31
N VAL B 105 7.46 47.28 -23.49
CA VAL B 105 7.77 45.93 -23.95
C VAL B 105 9.27 45.82 -24.18
N GLY B 106 9.87 44.72 -23.66
CA GLY B 106 11.23 44.38 -23.98
C GLY B 106 11.31 42.96 -24.51
N VAL B 107 12.41 42.67 -25.20
CA VAL B 107 12.68 41.34 -25.74
C VAL B 107 13.96 40.82 -25.10
N LEU B 108 13.90 39.59 -24.61
CA LEU B 108 15.07 38.90 -24.08
C LEU B 108 15.50 37.88 -25.12
N LEU B 109 16.45 38.26 -25.96
CA LEU B 109 16.93 37.38 -27.02
C LEU B 109 18.03 36.47 -26.46
N LEU B 110 17.77 35.16 -26.48
CA LEU B 110 18.70 34.18 -25.95
C LEU B 110 19.71 33.83 -27.04
N ALA B 111 20.87 34.48 -27.01
CA ALA B 111 21.87 34.37 -28.06
C ALA B 111 23.24 34.10 -27.47
N GLY B 112 23.31 33.28 -26.43
CA GLY B 112 24.59 32.94 -25.88
C GLY B 112 24.99 31.51 -26.16
N GLY B 113 24.14 30.78 -26.85
CA GLY B 113 24.39 29.42 -27.24
C GLY B 113 25.56 29.30 -28.19
N GLN B 114 26.35 28.25 -28.04
CA GLN B 114 27.52 28.07 -28.90
C GLN B 114 27.51 26.76 -29.69
N ALA B 115 26.34 26.34 -30.17
CA ALA B 115 26.28 25.06 -30.85
C ALA B 115 27.17 24.93 -32.04
N THR B 116 27.77 23.77 -32.16
CA THR B 116 28.65 23.55 -33.29
C THR B 116 28.09 22.55 -34.29
N ARG B 117 27.00 21.86 -33.96
CA ARG B 117 26.37 20.93 -34.88
C ARG B 117 26.26 21.54 -36.27
N LEU B 118 25.89 22.82 -36.33
CA LEU B 118 25.72 23.53 -37.59
C LEU B 118 27.04 23.78 -38.30
N GLY B 119 28.16 23.81 -37.57
CA GLY B 119 29.44 24.09 -38.17
C GLY B 119 29.64 25.53 -38.59
N PHE B 120 28.90 26.46 -38.00
CA PHE B 120 28.98 27.87 -38.34
C PHE B 120 30.00 28.57 -37.46
N GLY B 121 30.96 29.26 -38.08
CA GLY B 121 32.01 29.94 -37.34
C GLY B 121 31.63 31.33 -36.87
N HIS B 122 30.33 31.55 -36.69
CA HIS B 122 29.79 32.82 -36.22
C HIS B 122 28.64 32.56 -35.26
N PRO B 123 28.18 33.56 -34.51
CA PRO B 123 26.94 33.38 -33.74
C PRO B 123 25.81 32.93 -34.64
N LYS B 124 24.98 32.02 -34.13
CA LYS B 124 23.93 31.42 -34.94
C LYS B 124 23.01 32.46 -35.56
N GLY B 125 22.77 33.58 -34.85
CA GLY B 125 21.89 34.60 -35.37
C GLY B 125 22.34 35.20 -36.69
N MET B 126 23.60 35.01 -37.05
CA MET B 126 24.15 35.50 -38.30
C MET B 126 23.98 34.51 -39.45
N TYR B 127 23.28 33.40 -39.24
CA TYR B 127 23.16 32.40 -40.29
C TYR B 127 22.20 32.85 -41.38
N ASP B 128 22.59 32.59 -42.63
CA ASP B 128 21.83 32.91 -43.83
C ASP B 128 21.36 31.60 -44.43
N VAL B 129 20.06 31.32 -44.32
CA VAL B 129 19.49 30.04 -44.75
C VAL B 129 19.23 30.03 -46.24
N GLY B 130 19.64 31.09 -46.94
CA GLY B 130 19.49 31.14 -48.38
C GLY B 130 18.18 31.66 -48.88
N LEU B 131 17.53 32.55 -48.15
CA LEU B 131 16.33 33.21 -48.64
C LEU B 131 16.66 34.07 -49.85
N PRO B 132 15.65 34.41 -50.67
CA PRO B 132 15.88 35.40 -51.74
C PRO B 132 16.50 36.70 -51.25
N SER B 133 16.10 37.17 -50.07
CA SER B 133 16.67 38.38 -49.50
C SER B 133 18.08 38.18 -48.97
N ARG B 134 18.50 36.93 -48.78
CA ARG B 134 19.75 36.58 -48.11
C ARG B 134 19.86 37.20 -46.72
N LYS B 135 18.72 37.50 -46.09
CA LYS B 135 18.74 38.09 -44.76
C LYS B 135 19.06 37.04 -43.71
N THR B 136 19.82 37.43 -42.70
CA THR B 136 20.14 36.56 -41.58
C THR B 136 18.98 36.50 -40.60
N LEU B 137 19.08 35.55 -39.66
CA LEU B 137 18.11 35.48 -38.57
C LEU B 137 18.09 36.78 -37.78
N PHE B 138 19.27 37.33 -37.49
CA PHE B 138 19.35 38.59 -36.76
C PHE B 138 18.61 39.70 -37.50
N GLN B 139 18.84 39.83 -38.80
CA GLN B 139 18.23 40.93 -39.55
C GLN B 139 16.72 40.75 -39.64
N ILE B 140 16.27 39.51 -39.86
CA ILE B 140 14.84 39.22 -39.90
C ILE B 140 14.17 39.63 -38.59
N GLN B 141 14.77 39.26 -37.46
CA GLN B 141 14.20 39.61 -36.16
C GLN B 141 14.20 41.12 -35.93
N ALA B 142 15.30 41.80 -36.30
CA ALA B 142 15.37 43.24 -36.15
C ALA B 142 14.27 43.93 -36.95
N GLU B 143 14.04 43.48 -38.17
CA GLU B 143 13.04 44.13 -39.02
C GLU B 143 11.62 43.84 -38.52
N ARG B 144 11.41 42.68 -37.88
CA ARG B 144 10.13 42.44 -37.23
C ARG B 144 9.89 43.42 -36.10
N ILE B 145 10.96 43.78 -35.37
CA ILE B 145 10.83 44.81 -34.34
C ILE B 145 10.51 46.15 -34.97
N VAL B 146 11.25 46.52 -36.04
CA VAL B 146 10.95 47.76 -36.76
C VAL B 146 9.48 47.80 -37.15
N ARG B 147 8.99 46.70 -37.70
CA ARG B 147 7.63 46.67 -38.23
C ARG B 147 6.59 46.75 -37.12
N VAL B 148 6.78 45.99 -36.03
CA VAL B 148 5.76 45.99 -35.00
C VAL B 148 5.76 47.30 -34.22
N GLN B 149 6.91 47.95 -34.08
CA GLN B 149 6.90 49.31 -33.54
C GLN B 149 6.10 50.24 -34.45
N GLN B 150 6.27 50.09 -35.76
CA GLN B 150 5.55 50.93 -36.71
C GLN B 150 4.04 50.70 -36.63
N MET B 151 3.62 49.43 -36.57
CA MET B 151 2.19 49.13 -36.42
C MET B 151 1.64 49.73 -35.14
N ALA B 152 2.38 49.61 -34.03
CA ALA B 152 1.90 50.12 -32.76
C ALA B 152 1.82 51.64 -32.76
N ALA B 153 2.80 52.30 -33.35
CA ALA B 153 2.78 53.77 -33.41
C ALA B 153 1.68 54.26 -34.35
N GLU B 154 1.48 53.56 -35.47
CA GLU B 154 0.44 53.97 -36.42
C GLU B 154 -0.95 53.89 -35.80
N LYS B 155 -1.18 52.91 -34.93
CA LYS B 155 -2.50 52.77 -34.32
C LYS B 155 -2.67 53.69 -33.11
N TYR B 156 -1.68 53.74 -32.21
CA TYR B 156 -1.87 54.35 -30.91
C TYR B 156 -1.09 55.63 -30.73
N GLY B 157 -0.42 56.12 -31.76
CA GLY B 157 0.19 57.43 -31.65
C GLY B 157 1.62 57.51 -31.17
N LYS B 158 1.95 57.16 -29.92
CA LYS B 158 3.34 57.37 -29.51
C LYS B 158 4.23 56.34 -30.18
N GLU B 159 5.46 56.75 -30.50
CA GLU B 159 6.48 55.90 -31.11
C GLU B 159 7.30 55.18 -30.04
N GLY B 160 6.61 54.38 -29.24
CA GLY B 160 7.30 53.58 -28.24
C GLY B 160 8.29 52.63 -28.88
N LYS B 161 9.34 52.32 -28.14
CA LYS B 161 10.40 51.45 -28.61
C LYS B 161 10.39 50.15 -27.82
N ILE B 162 10.66 49.06 -28.50
CA ILE B 162 10.93 47.79 -27.84
C ILE B 162 12.41 47.75 -27.46
N THR B 163 12.69 47.51 -26.19
CA THR B 163 14.07 47.38 -25.77
C THR B 163 14.56 45.96 -26.05
N TRP B 164 15.64 45.86 -26.82
CA TRP B 164 16.17 44.58 -27.28
C TRP B 164 17.32 44.18 -26.36
N TYR B 165 17.00 43.38 -25.34
CA TYR B 165 18.00 42.86 -24.41
C TYR B 165 18.56 41.58 -25.00
N ILE B 166 19.79 41.63 -25.50
CA ILE B 166 20.41 40.51 -26.19
C ILE B 166 21.42 39.84 -25.27
N MET B 167 21.08 38.64 -24.78
CA MET B 167 21.97 37.88 -23.94
C MET B 167 23.01 37.17 -24.79
N THR B 168 24.28 37.39 -24.46
CA THR B 168 25.40 36.79 -25.15
C THR B 168 26.19 35.93 -24.17
N SER B 169 27.16 35.21 -24.71
CA SER B 169 28.14 34.49 -23.90
C SER B 169 29.53 34.97 -24.27
N GLU B 170 30.54 34.34 -23.66
CA GLU B 170 31.94 34.76 -23.78
C GLU B 170 32.32 34.95 -25.24
N HIS B 171 31.97 33.97 -26.09
CA HIS B 171 32.41 33.92 -27.47
C HIS B 171 31.43 34.51 -28.47
N THR B 172 30.23 34.91 -28.06
CA THR B 172 29.31 35.58 -28.99
C THR B 172 29.22 37.08 -28.76
N ARG B 173 29.66 37.56 -27.60
CA ARG B 173 29.44 38.96 -27.25
C ARG B 173 30.07 39.90 -28.28
N GLY B 174 31.35 39.69 -28.56
CA GLY B 174 32.06 40.52 -29.51
C GLY B 174 31.48 40.46 -30.91
N PRO B 175 31.42 39.25 -31.49
CA PRO B 175 30.87 39.12 -32.85
C PRO B 175 29.46 39.67 -33.02
N THR B 176 28.60 39.52 -32.01
CA THR B 176 27.23 40.00 -32.14
C THR B 176 27.17 41.51 -32.18
N ALA B 177 27.88 42.18 -31.26
CA ALA B 177 27.89 43.63 -31.25
C ALA B 177 28.49 44.20 -32.52
N ASP B 178 29.54 43.56 -33.04
CA ASP B 178 30.14 44.01 -34.29
C ASP B 178 29.17 43.87 -35.45
N TYR B 179 28.45 42.74 -35.51
CA TYR B 179 27.53 42.51 -36.63
C TYR B 179 26.45 43.57 -36.68
N PHE B 180 25.82 43.85 -35.53
CA PHE B 180 24.77 44.86 -35.50
C PHE B 180 25.33 46.25 -35.79
N ARG B 181 26.54 46.55 -35.30
CA ARG B 181 27.13 47.86 -35.57
C ARG B 181 27.42 48.04 -37.05
N SER B 182 28.03 47.04 -37.70
CA SER B 182 28.35 47.13 -39.12
C SER B 182 27.11 47.33 -39.99
N HIS B 183 25.92 46.94 -39.51
CA HIS B 183 24.69 47.10 -40.29
C HIS B 183 23.80 48.22 -39.76
N ASN B 184 24.34 49.12 -38.94
CA ASN B 184 23.59 50.27 -38.44
C ASN B 184 22.31 49.84 -37.73
N TYR B 185 22.38 48.70 -37.03
CA TYR B 185 21.29 48.19 -36.19
C TYR B 185 20.01 47.96 -36.98
N PHE B 186 20.13 47.77 -38.29
CA PHE B 186 19.01 47.42 -39.16
C PHE B 186 17.84 48.39 -39.02
N GLY B 187 18.14 49.66 -38.79
CA GLY B 187 17.11 50.68 -38.67
C GLY B 187 16.66 50.96 -37.25
N LEU B 188 17.09 50.18 -36.28
CA LEU B 188 16.80 50.48 -34.88
C LEU B 188 17.79 51.48 -34.33
N ASN B 189 17.46 52.05 -33.17
CA ASN B 189 18.35 52.98 -32.48
C ASN B 189 19.29 52.22 -31.57
N GLU B 190 20.57 52.61 -31.58
CA GLU B 190 21.58 51.89 -30.80
C GLU B 190 21.26 51.88 -29.31
N GLU B 191 20.73 52.99 -28.77
CA GLU B 191 20.44 53.06 -27.35
C GLU B 191 19.39 52.06 -26.89
N ASP B 192 18.61 51.49 -27.80
CA ASP B 192 17.54 50.57 -27.44
C ASP B 192 17.98 49.11 -27.49
N ILE B 193 19.22 48.84 -27.89
CA ILE B 193 19.77 47.48 -27.93
C ILE B 193 20.77 47.36 -26.78
N VAL B 194 20.51 46.42 -25.87
CA VAL B 194 21.31 46.25 -24.66
C VAL B 194 21.90 44.84 -24.66
N TYR B 195 23.23 44.76 -24.74
CA TYR B 195 23.91 43.49 -24.61
C TYR B 195 24.21 43.19 -23.15
N PHE B 196 24.09 41.92 -22.78
CA PHE B 196 24.56 41.47 -21.48
C PHE B 196 25.03 40.03 -21.61
N GLU B 197 25.93 39.64 -20.72
CA GLU B 197 26.69 38.40 -20.84
C GLU B 197 26.29 37.44 -19.73
N GLN B 198 26.01 36.20 -20.09
CA GLN B 198 25.69 35.18 -19.11
C GLN B 198 26.96 34.57 -18.52
N GLY B 199 26.76 33.82 -17.43
CA GLY B 199 27.82 33.13 -16.72
C GLY B 199 28.19 31.80 -17.38
N THR B 200 29.13 31.11 -16.75
CA THR B 200 29.60 29.81 -17.21
C THR B 200 29.52 28.78 -16.07
N LEU B 201 29.62 27.51 -16.46
CA LEU B 201 29.77 26.36 -15.58
C LEU B 201 30.87 25.46 -16.12
N PRO B 202 31.62 24.79 -15.24
CA PRO B 202 32.70 23.93 -15.73
C PRO B 202 32.19 22.67 -16.39
N CYS B 203 33.04 22.09 -17.24
CA CYS B 203 32.79 20.81 -17.88
C CYS B 203 33.64 19.72 -17.23
N PHE B 204 33.05 18.56 -16.98
CA PHE B 204 33.75 17.47 -16.32
C PHE B 204 33.60 16.18 -17.12
N ASP B 205 34.54 15.25 -16.88
CA ASP B 205 34.46 13.92 -17.46
C ASP B 205 33.40 13.08 -16.77
N PHE B 206 33.27 11.82 -17.20
CA PHE B 206 32.21 10.95 -16.72
C PHE B 206 32.41 10.48 -15.29
N GLU B 207 33.53 10.81 -14.66
CA GLU B 207 33.78 10.48 -13.27
C GLU B 207 33.72 11.70 -12.35
N GLY B 208 33.34 12.86 -12.87
CA GLY B 208 33.22 14.04 -12.06
C GLY B 208 34.48 14.87 -11.91
N LYS B 209 35.51 14.61 -12.72
CA LYS B 209 36.72 15.42 -12.69
C LYS B 209 36.61 16.51 -13.76
N ILE B 210 36.88 17.75 -13.36
CA ILE B 210 36.73 18.88 -14.26
C ILE B 210 37.86 18.88 -15.28
N PHE B 211 37.51 19.16 -16.54
CA PHE B 211 38.50 19.20 -17.60
C PHE B 211 39.30 20.50 -17.55
N LEU B 212 40.55 20.41 -17.99
CA LEU B 212 41.35 21.58 -18.32
C LEU B 212 41.23 21.82 -19.83
N ASP B 213 40.76 23.01 -20.21
CA ASP B 213 40.70 23.33 -21.64
C ASP B 213 42.08 23.64 -22.19
N GLU B 214 42.89 24.34 -21.40
CA GLU B 214 44.32 24.49 -21.63
C GLU B 214 45.03 24.19 -20.32
N LYS B 215 46.35 24.17 -20.36
CA LYS B 215 47.11 24.02 -19.12
C LYS B 215 46.75 25.12 -18.13
N TYR B 216 46.33 26.28 -18.62
CA TYR B 216 46.05 27.45 -17.81
C TYR B 216 44.59 27.88 -17.84
N HIS B 217 43.69 27.03 -18.36
CA HIS B 217 42.31 27.44 -18.57
C HIS B 217 41.38 26.28 -18.21
N VAL B 218 40.51 26.51 -17.24
CA VAL B 218 39.53 25.52 -16.85
C VAL B 218 38.47 25.40 -17.93
N SER B 219 38.05 24.18 -18.22
CA SER B 219 37.06 23.95 -19.27
C SER B 219 35.69 24.35 -18.75
N SER B 220 35.05 25.27 -19.47
CA SER B 220 33.74 25.78 -19.09
C SER B 220 32.95 26.06 -20.36
N ALA B 221 31.65 26.27 -20.17
CA ALA B 221 30.71 26.52 -21.24
C ALA B 221 29.63 27.44 -20.68
N PRO B 222 28.91 28.16 -21.54
CA PRO B 222 27.82 29.01 -21.03
C PRO B 222 26.86 28.18 -20.20
N ASP B 223 26.29 28.80 -19.16
CA ASP B 223 25.59 28.04 -18.13
C ASP B 223 24.14 27.73 -18.47
N GLY B 224 23.80 27.61 -19.74
CA GLY B 224 22.43 27.37 -20.14
C GLY B 224 21.64 28.66 -20.22
N ASN B 225 20.54 28.62 -20.99
CA ASN B 225 19.74 29.83 -21.03
C ASN B 225 19.02 30.09 -19.71
N GLY B 226 19.01 29.12 -18.78
CA GLY B 226 18.62 29.42 -17.41
C GLY B 226 19.58 30.33 -16.68
N GLY B 227 20.79 30.53 -17.21
CA GLY B 227 21.68 31.55 -16.70
C GLY B 227 21.20 32.95 -16.96
N LEU B 228 20.09 33.09 -17.69
CA LEU B 228 19.46 34.39 -17.90
C LEU B 228 19.25 35.12 -16.58
N TYR B 229 18.71 34.42 -15.58
CA TYR B 229 18.24 35.07 -14.37
C TYR B 229 19.38 35.67 -13.55
N ARG B 230 20.46 34.91 -13.35
CA ARG B 230 21.62 35.47 -12.65
C ARG B 230 22.25 36.62 -13.45
N ALA B 231 22.27 36.49 -14.78
CA ALA B 231 22.87 37.52 -15.62
C ALA B 231 22.03 38.80 -15.59
N LEU B 232 20.70 38.66 -15.59
CA LEU B 232 19.85 39.85 -15.53
C LEU B 232 20.17 40.70 -14.31
N LYS B 233 20.42 40.05 -13.17
CA LYS B 233 20.68 40.78 -11.94
C LYS B 233 22.07 41.40 -11.94
N ASN B 234 23.11 40.60 -12.15
CA ASN B 234 24.46 41.12 -11.97
C ASN B 234 24.95 41.96 -13.14
N GLN B 235 24.21 42.01 -14.25
CA GLN B 235 24.54 42.92 -15.35
C GLN B 235 23.73 44.20 -15.31
N GLY B 236 22.86 44.37 -14.30
CA GLY B 236 22.09 45.59 -14.21
C GLY B 236 20.92 45.68 -15.16
N VAL B 237 20.50 44.56 -15.75
CA VAL B 237 19.41 44.60 -16.72
C VAL B 237 18.08 44.85 -16.01
N LEU B 238 17.93 44.29 -14.80
CA LEU B 238 16.71 44.54 -14.04
C LEU B 238 16.57 46.01 -13.69
N ASP B 239 17.69 46.67 -13.34
CA ASP B 239 17.65 48.11 -13.11
C ASP B 239 17.26 48.85 -14.38
N ASP B 240 17.83 48.46 -15.51
CA ASP B 240 17.51 49.11 -16.78
C ASP B 240 16.04 48.91 -17.13
N ILE B 241 15.51 47.70 -16.92
CA ILE B 241 14.11 47.44 -17.16
C ILE B 241 13.23 48.37 -16.32
N ALA B 242 13.57 48.53 -15.04
CA ALA B 242 12.79 49.39 -14.17
C ALA B 242 12.88 50.85 -14.59
N LYS B 243 14.08 51.29 -15.00
CA LYS B 243 14.24 52.70 -15.39
C LYS B 243 13.44 53.01 -16.66
N ARG B 244 13.43 52.10 -17.62
CA ARG B 244 12.72 52.33 -18.87
C ARG B 244 11.21 52.19 -18.72
N GLY B 245 10.73 51.69 -17.60
CA GLY B 245 9.30 51.44 -17.46
C GLY B 245 8.83 50.22 -18.23
N VAL B 246 9.72 49.29 -18.52
CA VAL B 246 9.35 48.06 -19.21
C VAL B 246 8.57 47.16 -18.27
N GLU B 247 7.39 46.70 -18.72
CA GLU B 247 6.53 45.85 -17.92
C GLU B 247 6.38 44.44 -18.47
N HIS B 248 6.77 44.20 -19.71
CA HIS B 248 6.57 42.91 -20.35
C HIS B 248 7.88 42.48 -21.02
N LEU B 249 8.26 41.21 -20.85
CA LEU B 249 9.48 40.67 -21.43
C LEU B 249 9.12 39.45 -22.28
N HIS B 250 9.54 39.47 -23.54
CA HIS B 250 9.36 38.35 -24.45
C HIS B 250 10.71 37.68 -24.63
N ALA B 251 10.87 36.51 -24.05
CA ALA B 251 12.10 35.75 -24.16
C ALA B 251 11.91 34.64 -25.18
N HIS B 252 12.83 34.56 -26.14
CA HIS B 252 12.74 33.54 -27.17
C HIS B 252 14.12 33.18 -27.68
N SER B 253 14.19 32.02 -28.33
CA SER B 253 15.42 31.51 -28.91
C SER B 253 15.81 32.30 -30.16
N VAL B 254 17.07 32.16 -30.55
CA VAL B 254 17.60 32.88 -31.71
C VAL B 254 17.34 32.16 -33.03
N ASP B 255 17.05 30.86 -33.00
CA ASP B 255 17.12 29.99 -34.17
C ASP B 255 15.78 29.75 -34.86
N ASN B 256 14.68 30.22 -34.28
CA ASN B 256 13.35 29.99 -34.86
C ASN B 256 13.10 31.10 -35.89
N ILE B 257 13.24 30.75 -37.17
CA ILE B 257 13.11 31.72 -38.25
C ILE B 257 11.71 32.31 -38.35
N LEU B 258 10.72 31.66 -37.76
CA LEU B 258 9.34 32.14 -37.78
C LEU B 258 8.97 32.97 -36.56
N ILE B 259 9.93 33.30 -35.70
CA ILE B 259 9.64 33.91 -34.41
C ILE B 259 8.86 35.21 -34.62
N LYS B 260 7.70 35.31 -33.99
CA LYS B 260 6.96 36.57 -33.93
C LYS B 260 7.52 37.35 -32.76
N VAL B 261 8.56 38.15 -33.04
CA VAL B 261 9.23 38.89 -31.97
C VAL B 261 8.28 39.91 -31.38
N ALA B 262 8.17 39.90 -30.05
CA ALA B 262 7.30 40.82 -29.32
C ALA B 262 5.87 40.75 -29.85
N ASP B 263 5.43 39.54 -30.19
CA ASP B 263 4.11 39.28 -30.75
C ASP B 263 3.04 40.01 -29.95
N PRO B 264 2.38 41.00 -30.53
CA PRO B 264 1.34 41.74 -29.78
C PRO B 264 0.21 40.86 -29.30
N VAL B 265 -0.16 39.82 -30.06
CA VAL B 265 -1.17 38.89 -29.58
C VAL B 265 -0.72 38.22 -28.30
N PHE B 266 0.53 37.75 -28.26
CA PHE B 266 1.07 37.10 -27.06
C PHE B 266 1.06 38.05 -25.87
N ILE B 267 1.60 39.26 -26.06
CA ILE B 267 1.67 40.21 -24.95
C ILE B 267 0.27 40.61 -24.50
N GLY B 268 -0.62 40.89 -25.45
CA GLY B 268 -1.98 41.27 -25.11
C GLY B 268 -2.75 40.17 -24.40
N TYR B 269 -2.54 38.92 -24.82
CA TYR B 269 -3.23 37.81 -24.18
C TYR B 269 -2.82 37.68 -22.72
N CYS B 270 -1.52 37.75 -22.45
CA CYS B 270 -1.04 37.53 -21.09
C CYS B 270 -1.40 38.69 -20.18
N LYS B 271 -1.44 39.90 -20.73
CA LYS B 271 -1.88 41.05 -19.95
C LYS B 271 -3.35 40.93 -19.61
N SER B 272 -4.16 40.48 -20.57
CA SER B 272 -5.59 40.38 -20.35
C SER B 272 -5.95 39.23 -19.41
N LYS B 273 -5.13 38.18 -19.39
CA LYS B 273 -5.35 37.04 -18.50
C LYS B 273 -4.59 37.19 -17.19
N ASN B 274 -3.95 38.33 -17.01
CA ASN B 274 -3.13 38.63 -15.84
C ASN B 274 -2.11 37.51 -15.62
N ALA B 275 -1.52 37.03 -16.71
CA ALA B 275 -0.49 36.01 -16.61
C ALA B 275 0.83 36.66 -16.23
N ASP B 276 1.49 36.14 -15.20
CA ASP B 276 2.84 36.59 -14.89
C ASP B 276 3.90 35.82 -15.68
N CYS B 277 3.54 34.66 -16.23
CA CYS B 277 4.50 33.85 -16.97
C CYS B 277 3.72 32.94 -17.91
N ALA B 278 4.29 32.71 -19.10
CA ALA B 278 3.57 31.96 -20.12
C ALA B 278 4.56 31.41 -21.14
N ALA B 279 4.15 30.34 -21.81
CA ALA B 279 4.96 29.69 -22.83
C ALA B 279 4.08 29.38 -24.04
N LYS B 280 4.59 29.69 -25.23
CA LYS B 280 3.98 29.21 -26.45
C LYS B 280 4.41 27.78 -26.72
N VAL B 281 3.50 26.98 -27.27
CA VAL B 281 3.76 25.60 -27.64
C VAL B 281 3.13 25.33 -29.00
N VAL B 282 3.68 24.32 -29.68
CA VAL B 282 3.05 23.74 -30.85
C VAL B 282 2.74 22.30 -30.52
N GLN B 283 1.99 21.65 -31.38
CA GLN B 283 1.64 20.29 -31.07
C GLN B 283 2.72 19.33 -31.51
N LYS B 284 3.03 18.40 -30.63
CA LYS B 284 4.15 17.49 -30.82
C LYS B 284 3.81 16.47 -31.88
N SER B 285 4.68 16.34 -32.88
CA SER B 285 4.32 15.52 -34.02
C SER B 285 4.75 14.07 -33.81
N THR B 286 5.99 13.86 -33.40
CA THR B 286 6.60 12.57 -33.18
C THR B 286 7.05 12.45 -31.74
N PRO B 287 6.89 11.28 -31.12
CA PRO B 287 7.47 11.10 -29.78
C PRO B 287 8.95 11.47 -29.74
N SER B 288 9.63 11.32 -30.86
CA SER B 288 11.07 11.58 -30.99
C SER B 288 11.39 13.06 -31.23
N GLU B 289 10.39 13.93 -31.38
CA GLU B 289 10.68 15.32 -31.67
C GLU B 289 11.54 15.91 -30.56
N ALA B 290 12.63 16.56 -30.95
CA ALA B 290 13.56 17.13 -29.98
C ALA B 290 13.02 18.47 -29.45
N VAL B 291 11.84 18.38 -28.84
CA VAL B 291 11.23 19.50 -28.14
C VAL B 291 10.86 19.03 -26.74
N GLY B 292 11.07 19.92 -25.76
CA GLY B 292 10.52 19.68 -24.44
C GLY B 292 9.01 19.72 -24.47
N VAL B 293 8.39 19.20 -23.42
CA VAL B 293 6.93 19.18 -23.34
C VAL B 293 6.52 19.86 -22.04
N VAL B 294 5.57 20.78 -22.16
CA VAL B 294 5.09 21.52 -21.00
C VAL B 294 4.05 20.67 -20.28
N CYS B 295 4.23 20.51 -18.98
CA CYS B 295 3.41 19.59 -18.21
C CYS B 295 3.55 19.96 -16.73
N ARG B 296 2.97 19.13 -15.88
CA ARG B 296 3.14 19.27 -14.44
C ARG B 296 3.90 18.07 -13.90
N VAL B 297 4.99 18.35 -13.19
CA VAL B 297 5.84 17.35 -12.57
C VAL B 297 5.58 17.39 -11.07
N ASN B 298 4.99 16.33 -10.53
CA ASN B 298 4.59 16.27 -9.12
C ASN B 298 3.78 17.50 -8.73
N GLY B 299 2.96 17.97 -9.65
CA GLY B 299 2.10 19.11 -9.41
C GLY B 299 2.72 20.47 -9.68
N HIS B 300 4.00 20.52 -10.03
CA HIS B 300 4.68 21.77 -10.37
C HIS B 300 4.69 21.96 -11.88
N TYR B 301 4.35 23.15 -12.35
CA TYR B 301 4.46 23.41 -13.78
C TYR B 301 5.92 23.36 -14.17
N LYS B 302 6.22 22.63 -15.24
CA LYS B 302 7.58 22.48 -15.72
C LYS B 302 7.57 22.16 -17.22
N VAL B 303 8.75 22.24 -17.81
CA VAL B 303 9.01 21.63 -19.10
C VAL B 303 9.96 20.48 -18.84
N VAL B 304 9.64 19.31 -19.37
CA VAL B 304 10.55 18.17 -19.33
C VAL B 304 11.26 18.13 -20.67
N GLU B 305 12.57 18.35 -20.64
CA GLU B 305 13.34 18.42 -21.87
C GLU B 305 13.25 17.10 -22.62
N TYR B 306 13.36 17.18 -23.95
CA TYR B 306 13.33 15.97 -24.77
C TYR B 306 14.38 14.97 -24.32
N SER B 307 15.54 15.44 -23.86
CA SER B 307 16.61 14.56 -23.42
C SER B 307 16.31 13.89 -22.09
N GLU B 308 15.30 14.35 -21.35
CA GLU B 308 14.97 13.80 -20.03
C GLU B 308 13.60 13.14 -19.94
N LEU B 309 12.86 13.09 -21.04
CA LEU B 309 11.54 12.45 -21.07
C LEU B 309 11.67 10.95 -21.26
N THR B 310 11.03 10.17 -20.38
CA THR B 310 11.02 8.74 -20.59
C THR B 310 10.39 8.42 -21.93
N ASP B 311 10.89 7.35 -22.55
CA ASP B 311 10.25 6.83 -23.76
C ASP B 311 8.80 6.42 -23.45
N GLU B 312 8.55 5.93 -22.23
CA GLU B 312 7.20 5.56 -21.82
C GLU B 312 6.26 6.77 -21.92
N ALA B 313 6.62 7.88 -21.28
CA ALA B 313 5.78 9.08 -21.35
C ALA B 313 5.74 9.64 -22.76
N ALA B 314 6.86 9.56 -23.49
CA ALA B 314 6.93 10.16 -24.81
C ALA B 314 5.95 9.51 -25.77
N GLU B 315 5.82 8.18 -25.74
CA GLU B 315 4.94 7.50 -26.67
C GLU B 315 3.58 7.18 -26.06
N SER B 316 3.28 7.70 -24.86
CA SER B 316 1.97 7.50 -24.27
C SER B 316 0.91 8.22 -25.10
N ARG B 317 -0.25 7.58 -25.24
CA ARG B 317 -1.25 8.07 -26.18
C ARG B 317 -2.57 8.36 -25.51
N THR B 318 -3.35 9.20 -26.19
CA THR B 318 -4.66 9.62 -25.71
C THR B 318 -5.76 8.66 -26.16
N LEU B 323 -0.25 12.46 -28.84
CA LEU B 323 0.52 12.06 -27.66
C LEU B 323 -0.11 12.62 -26.40
N THR B 324 -0.02 11.83 -25.33
CA THR B 324 -0.51 12.29 -24.03
C THR B 324 0.21 13.56 -23.61
N PHE B 325 1.49 13.64 -23.89
CA PHE B 325 2.30 14.83 -23.65
C PHE B 325 2.61 15.43 -25.02
N SER B 326 1.77 16.40 -25.41
CA SER B 326 1.76 16.99 -26.74
C SER B 326 2.08 18.49 -26.75
N ALA B 327 2.25 19.11 -25.59
CA ALA B 327 2.51 20.55 -25.53
C ALA B 327 4.01 20.80 -25.75
N GLY B 328 4.39 20.89 -27.02
CA GLY B 328 5.79 21.02 -27.37
C GLY B 328 6.31 22.43 -27.18
N ASN B 329 7.22 22.60 -26.23
CA ASN B 329 7.84 23.89 -25.96
C ASN B 329 8.62 24.39 -27.18
N ILE B 330 8.42 25.66 -27.53
CA ILE B 330 9.13 26.25 -28.66
C ILE B 330 10.04 27.39 -28.18
N CYS B 331 10.47 27.33 -26.92
CA CYS B 331 11.27 28.35 -26.25
C CYS B 331 10.80 29.75 -26.64
N ASN B 332 9.64 30.13 -26.14
CA ASN B 332 8.94 31.33 -26.59
C ASN B 332 8.04 31.75 -25.41
N HIS B 333 8.59 32.59 -24.53
CA HIS B 333 8.00 32.79 -23.21
C HIS B 333 7.68 34.26 -22.98
N TYR B 334 6.69 34.48 -22.13
CA TYR B 334 6.37 35.81 -21.61
C TYR B 334 6.69 35.84 -20.12
N PHE B 335 7.29 36.94 -19.68
CA PHE B 335 7.49 37.21 -18.27
C PHE B 335 7.01 38.62 -17.98
N SER B 336 6.21 38.78 -16.93
CA SER B 336 5.98 40.11 -16.40
C SER B 336 7.24 40.60 -15.70
N SER B 337 7.43 41.92 -15.70
CA SER B 337 8.59 42.49 -15.03
C SER B 337 8.55 42.17 -13.54
N GLU B 338 7.35 42.19 -12.95
CA GLU B 338 7.23 41.84 -11.53
C GLU B 338 7.65 40.40 -11.27
N PHE B 339 7.23 39.48 -12.13
CA PHE B 339 7.63 38.08 -11.97
C PHE B 339 9.14 37.93 -12.18
N LEU B 340 9.68 38.63 -13.18
CA LEU B 340 11.11 38.54 -13.47
C LEU B 340 11.95 38.98 -12.29
N THR B 341 11.60 40.12 -11.68
CA THR B 341 12.36 40.61 -10.54
C THR B 341 12.26 39.70 -9.33
N LYS B 342 11.15 38.97 -9.15
CA LYS B 342 11.06 38.06 -8.02
C LYS B 342 11.81 36.76 -8.31
N ILE B 343 11.77 36.28 -9.55
CA ILE B 343 12.52 35.07 -9.92
C ILE B 343 13.99 35.25 -9.62
N CYS B 344 14.59 36.32 -10.14
CA CYS B 344 15.91 36.69 -9.68
C CYS B 344 15.72 37.07 -8.23
N ASN B 345 16.47 36.42 -7.35
CA ASN B 345 16.41 36.46 -5.88
C ASN B 345 15.99 35.06 -5.48
N LYS B 349 18.19 28.24 -6.39
CA LYS B 349 17.41 27.02 -6.37
C LYS B 349 17.36 26.33 -7.74
N LEU B 350 17.92 26.95 -8.77
CA LEU B 350 17.78 26.47 -10.14
C LEU B 350 18.61 25.22 -10.36
N LYS B 351 17.92 24.09 -10.57
CA LYS B 351 18.53 22.80 -10.90
C LYS B 351 19.50 22.87 -12.06
N LEU B 352 20.61 22.12 -11.93
CA LEU B 352 21.55 21.89 -13.03
C LEU B 352 21.18 20.63 -13.81
N HIS B 353 21.17 20.76 -15.14
CA HIS B 353 20.91 19.68 -16.08
C HIS B 353 22.19 19.18 -16.75
N VAL B 354 22.25 17.87 -16.99
CA VAL B 354 23.43 17.19 -17.54
C VAL B 354 23.21 16.77 -18.99
N ALA B 355 24.20 17.05 -19.85
CA ALA B 355 24.23 16.56 -21.22
C ALA B 355 25.62 15.99 -21.53
N LYS B 356 25.67 14.81 -22.14
CA LYS B 356 26.95 14.28 -22.63
C LYS B 356 27.39 15.04 -23.88
N LYS B 357 28.64 15.50 -23.88
CA LYS B 357 29.14 16.36 -24.95
C LYS B 357 30.57 16.00 -25.32
N LYS B 358 30.95 16.42 -26.53
CA LYS B 358 32.34 16.40 -26.97
C LYS B 358 33.06 17.61 -26.36
N ILE B 359 33.96 17.36 -25.42
CA ILE B 359 34.63 18.44 -24.70
C ILE B 359 36.13 18.39 -25.00
N PRO B 360 36.70 19.42 -25.63
CA PRO B 360 38.15 19.48 -25.77
C PRO B 360 38.83 19.56 -24.41
N TYR B 361 39.99 18.92 -24.32
CA TYR B 361 40.62 18.75 -23.01
C TYR B 361 42.11 18.49 -23.18
N VAL B 362 42.86 18.91 -22.16
CA VAL B 362 44.27 18.55 -22.05
C VAL B 362 44.33 17.12 -21.55
N ASP B 363 45.01 16.26 -22.31
CA ASP B 363 45.04 14.84 -21.96
C ASP B 363 46.01 14.64 -20.79
N HIS B 364 46.28 13.40 -20.41
CA HIS B 364 47.04 13.25 -19.16
C HIS B 364 48.55 13.56 -19.32
N GLU B 365 49.02 13.95 -20.52
CA GLU B 365 50.39 14.48 -20.75
C GLU B 365 50.35 15.77 -21.58
N GLY B 366 49.45 16.66 -21.20
CA GLY B 366 49.53 18.04 -21.63
C GLY B 366 49.20 18.38 -23.07
N VAL B 367 48.63 17.47 -23.85
CA VAL B 367 48.27 17.79 -25.23
C VAL B 367 46.77 18.03 -25.29
N ARG B 368 46.37 19.19 -25.80
CA ARG B 368 44.95 19.48 -25.92
C ARG B 368 44.36 18.63 -27.04
N GLN B 369 43.36 17.83 -26.70
CA GLN B 369 42.70 16.94 -27.65
C GLN B 369 41.30 17.44 -27.96
N LYS B 370 40.77 16.95 -29.08
CA LYS B 370 39.37 17.16 -29.46
C LYS B 370 38.72 15.81 -29.63
N PRO B 371 37.85 15.38 -28.73
CA PRO B 371 37.29 14.03 -28.85
C PRO B 371 36.28 13.96 -29.99
N THR B 372 36.25 12.80 -30.65
CA THR B 372 35.25 12.54 -31.67
C THR B 372 34.06 11.76 -31.15
N GLU B 373 34.16 11.15 -29.97
CA GLU B 373 33.01 10.64 -29.27
C GLU B 373 32.85 11.38 -27.95
N PRO B 374 31.62 11.53 -27.45
CA PRO B 374 31.42 12.24 -26.18
C PRO B 374 32.28 11.67 -25.05
N ASN B 375 33.02 12.56 -24.40
CA ASN B 375 33.95 12.19 -23.35
C ASN B 375 33.63 12.84 -22.01
N GLY B 376 32.58 13.65 -21.93
CA GLY B 376 32.32 14.38 -20.71
C GLY B 376 30.92 14.93 -20.62
N ILE B 377 30.71 15.81 -19.65
CA ILE B 377 29.41 16.32 -19.28
C ILE B 377 29.47 17.85 -19.25
N LYS B 378 28.46 18.49 -19.83
CA LYS B 378 28.21 19.93 -19.65
C LYS B 378 26.97 20.12 -18.77
N MET B 379 26.99 21.20 -18.00
CA MET B 379 25.90 21.51 -17.07
C MET B 379 25.20 22.80 -17.49
N GLU B 380 23.87 22.78 -17.40
CA GLU B 380 23.05 23.91 -17.84
C GLU B 380 21.90 24.16 -16.89
N LYS B 381 21.60 25.42 -16.66
CA LYS B 381 20.33 25.84 -16.08
C LYS B 381 19.35 26.09 -17.22
N PHE B 382 18.08 25.75 -17.01
CA PHE B 382 17.06 25.87 -18.03
C PHE B 382 16.12 27.01 -17.71
N ILE B 383 15.83 27.83 -18.72
CA ILE B 383 15.02 29.03 -18.52
C ILE B 383 13.64 28.68 -17.98
N PHE B 384 13.08 27.53 -18.35
CA PHE B 384 11.72 27.19 -17.95
C PHE B 384 11.61 26.59 -16.56
N ASP B 385 12.72 26.41 -15.84
CA ASP B 385 12.64 25.84 -14.51
C ASP B 385 12.03 26.79 -13.49
N VAL B 386 11.79 28.05 -13.87
CA VAL B 386 11.09 29.00 -13.00
C VAL B 386 9.58 28.96 -13.12
N PHE B 387 9.04 28.16 -14.06
CA PHE B 387 7.59 28.18 -14.30
C PHE B 387 6.79 27.81 -13.06
N GLU B 388 7.32 26.93 -12.22
CA GLU B 388 6.58 26.47 -11.05
C GLU B 388 6.41 27.54 -9.98
N PHE B 389 7.06 28.69 -10.13
CA PHE B 389 6.92 29.79 -9.19
C PHE B 389 5.97 30.86 -9.68
N ALA B 390 5.36 30.66 -10.84
CA ALA B 390 4.42 31.65 -11.35
C ALA B 390 3.10 31.52 -10.60
N GLU B 391 2.44 32.65 -10.40
CA GLU B 391 1.15 32.63 -9.77
C GLU B 391 0.03 32.33 -10.75
N ASN B 392 0.25 32.57 -12.05
CA ASN B 392 -0.74 32.32 -13.08
C ASN B 392 -0.01 31.97 -14.38
N PHE B 393 0.60 30.80 -14.42
CA PHE B 393 1.26 30.34 -15.63
C PHE B 393 0.23 29.89 -16.67
N ILE B 394 0.47 30.27 -17.92
CA ILE B 394 -0.42 29.98 -19.05
C ILE B 394 0.42 29.36 -20.15
N CYS B 395 -0.14 28.35 -20.82
CA CYS B 395 0.47 27.77 -22.00
C CYS B 395 -0.44 28.12 -23.17
N LEU B 396 0.15 28.63 -24.25
CA LEU B 396 -0.62 29.14 -25.37
C LEU B 396 -0.18 28.40 -26.63
N GLU B 397 -1.08 27.63 -27.20
CA GLU B 397 -0.73 26.86 -28.40
C GLU B 397 -0.86 27.74 -29.64
N VAL B 398 0.11 27.61 -30.54
CA VAL B 398 0.13 28.33 -31.79
C VAL B 398 0.34 27.34 -32.92
N ALA B 399 -0.02 27.77 -34.13
CA ALA B 399 0.16 26.92 -35.30
C ALA B 399 1.63 26.80 -35.66
N ARG B 400 2.11 25.56 -35.82
CA ARG B 400 3.52 25.32 -36.08
C ARG B 400 3.97 25.97 -37.39
N ASP B 401 3.17 25.84 -38.44
CA ASP B 401 3.56 26.37 -39.74
C ASP B 401 3.64 27.89 -39.74
N VAL B 402 3.03 28.54 -38.76
CA VAL B 402 3.09 30.00 -38.68
C VAL B 402 4.23 30.47 -37.78
N GLU B 403 4.58 29.72 -36.73
CA GLU B 403 5.35 30.28 -35.64
C GLU B 403 6.57 29.46 -35.19
N PHE B 404 6.80 28.26 -35.71
CA PHE B 404 7.92 27.45 -35.22
C PHE B 404 8.57 26.67 -36.36
N SER B 405 9.83 27.01 -36.65
CA SER B 405 10.70 26.22 -37.52
C SER B 405 12.13 26.45 -37.06
N ALA B 406 12.73 25.47 -36.40
CA ALA B 406 14.00 25.66 -35.72
C ALA B 406 15.18 25.35 -36.63
N LEU B 407 16.27 26.08 -36.42
CA LEU B 407 17.54 25.86 -37.11
C LEU B 407 18.52 25.25 -36.10
N LYS B 408 18.74 23.94 -36.22
CA LYS B 408 19.58 23.19 -35.28
C LYS B 408 20.68 22.40 -35.95
N ASN B 409 20.40 21.80 -37.11
CA ASN B 409 21.30 20.85 -37.74
C ASN B 409 21.72 21.35 -39.12
N ASN B 410 22.75 20.71 -39.67
CA ASN B 410 23.16 21.00 -41.03
C ASN B 410 22.20 20.30 -42.01
N ASP B 411 22.36 20.61 -43.29
CA ASP B 411 21.40 20.14 -44.29
C ASP B 411 21.37 18.63 -44.41
N ALA B 412 22.51 17.96 -44.18
CA ALA B 412 22.56 16.50 -44.29
C ALA B 412 21.62 15.82 -43.31
N ALA B 413 21.30 16.48 -42.20
CA ALA B 413 20.37 15.90 -41.23
C ALA B 413 18.94 15.90 -41.74
N LYS B 414 18.60 16.79 -42.67
CA LYS B 414 17.32 16.85 -43.37
C LYS B 414 16.15 17.25 -42.47
N LYS B 415 16.39 17.52 -41.20
CA LYS B 415 15.38 18.07 -40.30
C LYS B 415 16.01 19.22 -39.53
N ASP B 416 15.19 20.25 -39.27
CA ASP B 416 15.61 21.42 -38.49
C ASP B 416 16.95 21.96 -39.00
N CYS B 417 17.05 22.08 -40.33
CA CYS B 417 18.26 22.45 -41.06
C CYS B 417 18.02 23.77 -41.77
N PRO B 418 19.05 24.41 -42.34
CA PRO B 418 18.79 25.57 -43.21
C PRO B 418 17.71 25.34 -44.24
N SER B 419 17.68 24.17 -44.87
CA SER B 419 16.72 23.92 -45.95
C SER B 419 15.28 23.87 -45.44
N THR B 420 15.05 23.23 -44.29
CA THR B 420 13.69 23.21 -43.75
C THR B 420 13.29 24.59 -43.23
N ALA B 421 14.24 25.33 -42.66
CA ALA B 421 13.94 26.68 -42.19
C ALA B 421 13.56 27.59 -43.35
N ARG B 422 14.37 27.59 -44.42
CA ARG B 422 14.08 28.41 -45.58
C ARG B 422 12.75 28.01 -46.22
N GLU B 423 12.48 26.71 -46.32
CA GLU B 423 11.26 26.25 -46.96
C GLU B 423 10.03 26.51 -46.09
N ASP B 424 10.18 26.42 -44.77
CA ASP B 424 9.06 26.71 -43.89
C ASP B 424 8.67 28.19 -43.97
N LEU B 425 9.65 29.08 -44.03
CA LEU B 425 9.33 30.51 -44.11
C LEU B 425 8.68 30.84 -45.45
N LEU B 426 9.18 30.27 -46.54
CA LEU B 426 8.59 30.53 -47.84
C LEU B 426 7.21 29.91 -47.95
N ARG B 427 6.99 28.75 -47.33
CA ARG B 427 5.65 28.18 -47.30
C ARG B 427 4.67 29.10 -46.59
N LEU B 428 5.10 29.69 -45.46
CA LEU B 428 4.23 30.61 -44.74
C LEU B 428 3.93 31.86 -45.58
N HIS B 429 4.95 32.39 -46.25
CA HIS B 429 4.74 33.60 -47.04
C HIS B 429 3.85 33.34 -48.26
N ARG B 430 3.96 32.16 -48.86
CA ARG B 430 3.02 31.77 -49.90
C ARG B 430 1.59 31.78 -49.37
N LYS B 431 1.40 31.29 -48.14
CA LYS B 431 0.07 31.31 -47.53
C LYS B 431 -0.40 32.74 -47.28
N TYR B 432 0.49 33.60 -46.76
CA TYR B 432 0.12 35.00 -46.55
C TYR B 432 -0.32 35.66 -47.85
N VAL B 433 0.37 35.37 -48.96
CA VAL B 433 0.01 35.96 -50.24
C VAL B 433 -1.35 35.47 -50.69
N ARG B 434 -1.59 34.15 -50.57
CA ARG B 434 -2.88 33.59 -50.94
C ARG B 434 -3.99 34.13 -50.07
N GLU B 435 -3.74 34.30 -48.77
CA GLU B 435 -4.76 34.80 -47.88
C GLU B 435 -5.06 36.28 -48.11
N ALA B 436 -4.17 37.00 -48.80
CA ALA B 436 -4.41 38.39 -49.15
C ALA B 436 -4.97 38.54 -50.56
N GLY B 437 -5.31 37.44 -51.23
CA GLY B 437 -5.91 37.47 -52.54
C GLY B 437 -4.99 37.21 -53.70
N GLY B 438 -3.70 36.95 -53.46
CA GLY B 438 -2.78 36.70 -54.55
C GLY B 438 -2.82 35.25 -55.01
N ILE B 439 -2.40 35.02 -56.25
CA ILE B 439 -2.41 33.71 -56.88
C ILE B 439 -0.97 33.28 -57.12
N VAL B 440 -0.57 32.19 -56.47
CA VAL B 440 0.80 31.70 -56.51
C VAL B 440 0.78 30.20 -56.29
N GLU B 441 1.44 29.46 -57.18
CA GLU B 441 1.52 28.02 -57.02
C GLU B 441 2.71 27.64 -56.14
N ASP B 442 2.68 26.39 -55.66
CA ASP B 442 3.66 25.93 -54.67
C ASP B 442 5.09 25.98 -55.20
N ASN B 443 5.30 25.94 -56.51
CA ASN B 443 6.65 25.94 -57.06
C ASN B 443 7.25 27.34 -57.18
N ILE B 444 6.57 28.38 -56.72
CA ILE B 444 7.09 29.74 -56.76
C ILE B 444 7.50 30.14 -55.34
N ASP B 445 8.73 30.62 -55.19
CA ASP B 445 9.26 31.06 -53.91
C ASP B 445 9.11 32.58 -53.80
N VAL B 446 8.13 33.03 -53.03
CA VAL B 446 7.86 34.44 -52.78
C VAL B 446 8.20 34.75 -51.33
N GLU B 447 9.13 35.68 -51.11
CA GLU B 447 9.48 36.11 -49.76
C GLU B 447 8.87 37.47 -49.48
N ILE B 448 8.25 37.61 -48.31
CA ILE B 448 7.71 38.87 -47.83
C ILE B 448 8.70 39.48 -46.85
N SER B 449 9.19 40.68 -47.17
CA SER B 449 9.99 41.44 -46.21
C SER B 449 9.21 41.65 -44.91
N PRO B 450 9.83 41.38 -43.75
CA PRO B 450 9.18 41.77 -42.49
C PRO B 450 8.90 43.25 -42.40
N LEU B 451 9.67 44.10 -43.10
CA LEU B 451 9.40 45.53 -43.11
C LEU B 451 8.10 45.86 -43.84
N LEU B 452 7.64 44.98 -44.72
CA LEU B 452 6.35 45.16 -45.37
C LEU B 452 5.20 44.53 -44.58
N SER B 453 5.40 43.33 -44.05
CA SER B 453 4.33 42.65 -43.32
C SER B 453 4.90 41.80 -42.20
N TYR B 454 4.38 42.00 -40.99
CA TYR B 454 4.80 41.24 -39.82
C TYR B 454 4.20 39.83 -39.83
N GLY B 455 2.89 39.73 -40.04
CA GLY B 455 2.21 38.46 -39.99
C GLY B 455 1.06 38.30 -40.98
N GLY B 456 1.23 38.81 -42.20
CA GLY B 456 0.22 38.67 -43.23
C GLY B 456 -0.60 39.92 -43.49
N GLU B 457 -0.53 40.90 -42.58
CA GLU B 457 -1.24 42.15 -42.79
C GLU B 457 -0.52 42.98 -43.87
N ASN B 458 -1.21 44.02 -44.34
CA ASN B 458 -0.59 45.04 -45.19
C ASN B 458 -0.21 44.51 -46.56
N LEU B 459 -0.93 43.49 -47.06
CA LEU B 459 -0.58 42.89 -48.35
C LEU B 459 -1.66 43.00 -49.42
N THR B 460 -2.93 43.19 -49.06
CA THR B 460 -4.01 43.16 -50.04
C THR B 460 -3.74 44.11 -51.20
N ASP B 461 -3.44 45.38 -50.91
CA ASP B 461 -3.27 46.37 -51.97
C ASP B 461 -2.16 45.97 -52.94
N LEU B 462 -1.20 45.17 -52.51
CA LEU B 462 -0.05 44.85 -53.36
C LEU B 462 -0.23 43.54 -54.11
N VAL B 463 -0.90 42.56 -53.53
CA VAL B 463 -0.97 41.23 -54.14
C VAL B 463 -2.37 40.80 -54.53
N SER B 464 -3.43 41.46 -54.05
CA SER B 464 -4.77 40.97 -54.35
C SER B 464 -5.04 41.07 -55.85
N GLY B 465 -5.42 39.93 -56.44
CA GLY B 465 -5.60 39.84 -57.87
C GLY B 465 -4.33 39.62 -58.66
N GLU B 466 -3.15 39.84 -58.08
CA GLU B 466 -1.91 39.63 -58.80
C GLU B 466 -1.57 38.15 -58.87
N VAL B 467 -0.96 37.75 -59.99
CA VAL B 467 -0.53 36.37 -60.22
C VAL B 467 0.99 36.34 -60.20
N PHE B 468 1.55 35.44 -59.40
CA PHE B 468 3.00 35.34 -59.22
C PHE B 468 3.52 34.11 -59.96
N THR B 469 4.21 34.33 -61.09
CA THR B 469 4.65 33.25 -61.94
C THR B 469 6.17 33.14 -62.12
N ILE B 470 6.94 34.10 -61.61
CA ILE B 470 8.39 34.06 -61.74
C ILE B 470 9.00 33.90 -60.35
N SER B 471 9.91 32.94 -60.21
CA SER B 471 10.50 32.56 -58.94
C SER B 471 12.01 32.58 -59.04
N PRO B 472 12.72 33.11 -58.02
CA PRO B 472 12.17 33.69 -56.79
C PRO B 472 11.63 35.10 -56.95
N TYR B 473 10.81 35.52 -56.00
CA TYR B 473 10.28 36.87 -55.94
C TYR B 473 10.40 37.39 -54.52
N HIS B 474 10.76 38.67 -54.38
CA HIS B 474 10.93 39.31 -53.08
C HIS B 474 9.99 40.50 -53.01
N LEU B 475 8.98 40.38 -52.15
CA LEU B 475 8.04 41.48 -51.92
C LEU B 475 8.62 42.38 -50.85
N LYS B 476 9.09 43.53 -51.23
CA LYS B 476 9.69 44.43 -50.30
C LYS B 476 8.87 45.60 -49.96
N SER B 477 9.24 46.26 -48.89
CA SER B 477 8.61 47.47 -48.42
C SER B 477 9.21 48.64 -49.16
N MET B 478 8.72 49.84 -48.92
CA MET B 478 9.24 51.03 -49.59
C MET B 478 10.75 51.13 -49.45
N HIS C 1 -15.32 -20.02 73.21
CA HIS C 1 -15.63 -21.27 72.55
C HIS C 1 -16.98 -21.84 72.99
N HIS C 2 -17.41 -22.90 72.31
CA HIS C 2 -18.67 -23.57 72.57
C HIS C 2 -18.55 -25.02 72.11
N HIS C 3 -19.45 -25.86 72.62
CA HIS C 3 -19.43 -27.29 72.31
C HIS C 3 -20.46 -27.61 71.23
N HIS C 4 -20.07 -28.50 70.32
CA HIS C 4 -20.87 -28.85 69.16
C HIS C 4 -21.38 -30.28 69.28
N MET C 5 -22.65 -30.50 68.89
CA MET C 5 -23.27 -31.81 69.03
C MET C 5 -22.55 -32.87 68.24
N SER C 6 -21.91 -32.48 67.14
CA SER C 6 -21.38 -33.46 66.20
C SER C 6 -19.89 -33.80 66.42
N TYR C 7 -19.21 -33.16 67.36
CA TYR C 7 -17.76 -33.29 67.43
C TYR C 7 -17.35 -34.73 67.73
N ASP C 8 -17.94 -35.34 68.76
CA ASP C 8 -17.53 -36.68 69.17
C ASP C 8 -17.68 -37.68 68.03
N SER C 9 -18.78 -37.58 67.27
CA SER C 9 -19.01 -38.52 66.18
C SER C 9 -18.08 -38.27 65.01
N ILE C 10 -17.85 -37.00 64.66
CA ILE C 10 -16.92 -36.70 63.59
C ILE C 10 -15.50 -37.10 63.98
N PHE C 11 -15.12 -36.84 65.25
CA PHE C 11 -13.82 -37.26 65.72
C PHE C 11 -13.64 -38.77 65.53
N GLU C 12 -14.64 -39.54 65.93
CA GLU C 12 -14.56 -40.99 65.79
C GLU C 12 -14.56 -41.43 64.33
N ASN C 13 -15.42 -40.82 63.51
CA ASN C 13 -15.43 -41.10 62.08
C ASN C 13 -14.06 -40.84 61.47
N LEU C 14 -13.48 -39.68 61.75
CA LEU C 14 -12.19 -39.31 61.17
C LEU C 14 -11.09 -40.26 61.62
N ASN C 15 -11.01 -40.51 62.93
CA ASN C 15 -9.88 -41.26 63.46
C ASN C 15 -9.95 -42.73 63.07
N SER C 16 -11.16 -43.29 63.00
CA SER C 16 -11.29 -44.67 62.52
C SER C 16 -10.88 -44.81 61.06
N HIS C 17 -10.87 -43.72 60.29
CA HIS C 17 -10.48 -43.75 58.89
C HIS C 17 -9.15 -43.05 58.62
N GLY C 18 -8.34 -42.84 59.66
CA GLY C 18 -7.00 -42.31 59.47
C GLY C 18 -6.91 -40.89 58.97
N GLN C 19 -7.93 -40.07 59.18
CA GLN C 19 -7.92 -38.66 58.80
C GLN C 19 -8.17 -37.78 60.02
N GLY C 20 -7.76 -38.25 61.19
CA GLY C 20 -8.00 -37.51 62.43
C GLY C 20 -7.26 -36.18 62.49
N HIS C 21 -6.16 -36.05 61.73
CA HIS C 21 -5.42 -34.79 61.71
C HIS C 21 -6.26 -33.61 61.24
N LEU C 22 -7.38 -33.86 60.54
CA LEU C 22 -8.21 -32.78 60.04
C LEU C 22 -8.83 -31.95 61.15
N LEU C 23 -8.95 -32.49 62.36
CA LEU C 23 -9.49 -31.76 63.50
C LEU C 23 -8.40 -31.17 64.39
N LYS C 24 -7.14 -31.19 63.95
CA LYS C 24 -6.02 -30.85 64.82
C LYS C 24 -6.16 -29.45 65.44
N TYR C 25 -6.65 -28.49 64.66
CA TYR C 25 -6.60 -27.10 65.06
C TYR C 25 -7.87 -26.63 65.78
N TRP C 26 -8.77 -27.54 66.11
CA TRP C 26 -10.00 -27.24 66.83
C TRP C 26 -9.83 -26.31 68.04
N PRO C 27 -8.81 -26.48 68.89
CA PRO C 27 -8.68 -25.57 70.04
C PRO C 27 -8.33 -24.14 69.67
N ASP C 28 -7.75 -23.90 68.49
CA ASP C 28 -7.35 -22.55 68.09
C ASP C 28 -8.36 -21.86 67.20
N LEU C 29 -9.51 -22.49 66.92
CA LEU C 29 -10.46 -21.99 65.93
C LEU C 29 -11.57 -21.20 66.62
N SER C 30 -12.01 -20.13 65.97
CA SER C 30 -13.21 -19.43 66.37
C SER C 30 -14.44 -20.31 66.12
N GLU C 31 -15.57 -19.88 66.68
CA GLU C 31 -16.82 -20.60 66.46
C GLU C 31 -17.23 -20.57 64.99
N LYS C 32 -16.90 -19.47 64.28
CA LYS C 32 -17.22 -19.41 62.85
C LYS C 32 -16.32 -20.36 62.06
N GLU C 33 -15.04 -20.40 62.41
CA GLU C 33 -14.11 -21.31 61.74
C GLU C 33 -14.46 -22.78 62.04
N ARG C 34 -14.88 -23.06 63.27
CA ARG C 34 -15.27 -24.42 63.62
C ARG C 34 -16.48 -24.87 62.80
N ALA C 35 -17.48 -23.99 62.68
CA ALA C 35 -18.67 -24.33 61.90
C ALA C 35 -18.29 -24.55 60.43
N GLN C 36 -17.35 -23.76 59.92
CA GLN C 36 -16.87 -23.96 58.56
C GLN C 36 -16.15 -25.30 58.41
N LEU C 37 -15.29 -25.64 59.38
CA LEU C 37 -14.57 -26.92 59.32
C LEU C 37 -15.55 -28.09 59.38
N LEU C 38 -16.53 -28.02 60.28
CA LEU C 38 -17.50 -29.11 60.41
C LEU C 38 -18.31 -29.30 59.14
N ASN C 39 -18.69 -28.20 58.48
CA ASN C 39 -19.43 -28.31 57.24
C ASN C 39 -18.56 -28.90 56.13
N ASP C 40 -17.29 -28.52 56.08
CA ASP C 40 -16.37 -29.16 55.15
C ASP C 40 -16.34 -30.66 55.38
N LEU C 41 -16.29 -31.08 56.65
CA LEU C 41 -16.11 -32.49 56.98
C LEU C 41 -17.38 -33.29 56.69
N LYS C 42 -18.55 -32.70 56.94
CA LYS C 42 -19.80 -33.42 56.73
C LYS C 42 -20.07 -33.68 55.26
N LYS C 43 -19.38 -32.99 54.36
CA LYS C 43 -19.47 -33.23 52.92
C LYS C 43 -18.65 -34.42 52.43
N ILE C 44 -17.89 -35.08 53.30
CA ILE C 44 -16.96 -36.12 52.90
C ILE C 44 -17.44 -37.45 53.49
N ASP C 45 -17.56 -38.45 52.64
CA ASP C 45 -17.80 -39.83 53.07
C ASP C 45 -16.42 -40.46 53.25
N PHE C 46 -15.97 -40.52 54.49
CA PHE C 46 -14.57 -40.86 54.75
C PHE C 46 -14.24 -42.31 54.41
N ALA C 47 -15.21 -43.22 54.52
CA ALA C 47 -15.00 -44.58 54.05
C ALA C 47 -14.87 -44.60 52.53
N GLU C 48 -15.70 -43.79 51.84
CA GLU C 48 -15.65 -43.72 50.36
C GLU C 48 -14.32 -43.30 49.84
N VAL C 49 -13.81 -42.21 50.43
CA VAL C 49 -12.70 -41.50 49.82
C VAL C 49 -11.39 -42.25 50.03
N ASN C 50 -11.22 -42.93 51.16
CA ASN C 50 -10.02 -43.73 51.32
C ASN C 50 -10.00 -44.86 50.29
N GLU C 51 -11.17 -45.43 49.99
CA GLU C 51 -11.24 -46.49 48.99
C GLU C 51 -11.02 -45.91 47.58
N LEU C 52 -11.52 -44.70 47.34
CA LEU C 52 -11.30 -44.04 46.04
C LEU C 52 -9.83 -43.73 45.84
N PHE C 53 -9.15 -43.25 46.88
CA PHE C 53 -7.73 -42.98 46.77
C PHE C 53 -6.97 -44.26 46.43
N ARG C 54 -7.27 -45.36 47.13
CA ARG C 54 -6.59 -46.61 46.89
C ARG C 54 -6.78 -47.08 45.44
N ARG C 55 -8.04 -47.19 45.01
CA ARG C 55 -8.32 -47.68 43.66
C ARG C 55 -7.75 -46.76 42.60
N ALA C 56 -7.87 -45.43 42.79
CA ALA C 56 -7.43 -44.50 41.78
C ALA C 56 -5.93 -44.53 41.55
N ASN C 57 -5.15 -44.86 42.59
CA ASN C 57 -3.71 -44.98 42.45
C ASN C 57 -3.30 -46.43 42.25
N ASP C 69 -1.63 -51.39 21.52
CA ASP C 69 -1.24 -50.11 20.87
C ASP C 69 -2.44 -49.16 20.78
N LEU C 70 -2.21 -47.91 21.12
CA LEU C 70 -3.22 -46.86 20.98
C LEU C 70 -3.35 -46.53 19.50
N LYS C 71 -4.59 -46.49 19.01
CA LYS C 71 -4.81 -46.21 17.61
C LYS C 71 -5.68 -44.98 17.47
N PRO C 72 -5.34 -44.06 16.58
CA PRO C 72 -6.15 -42.86 16.42
C PRO C 72 -7.40 -43.17 15.62
N ILE C 73 -8.37 -42.28 15.71
CA ILE C 73 -9.55 -42.46 14.86
C ILE C 73 -9.13 -42.23 13.41
N PRO C 74 -9.46 -43.14 12.49
CA PRO C 74 -9.07 -42.95 11.10
C PRO C 74 -9.75 -41.71 10.52
N ASP C 75 -9.00 -40.97 9.69
CA ASP C 75 -9.55 -39.78 9.03
C ASP C 75 -10.87 -40.10 8.32
N SER C 76 -11.00 -41.33 7.82
CA SER C 76 -12.19 -41.75 7.07
C SER C 76 -13.41 -41.96 7.95
N HIS C 77 -13.27 -41.99 9.27
CA HIS C 77 -14.38 -42.29 10.15
C HIS C 77 -15.08 -41.06 10.68
N TYR C 78 -14.71 -39.86 10.23
CA TYR C 78 -15.40 -38.66 10.67
C TYR C 78 -15.37 -37.65 9.54
N GLU C 79 -16.35 -36.76 9.55
CA GLU C 79 -16.48 -35.73 8.53
C GLU C 79 -16.13 -34.39 9.15
N ALA C 80 -15.86 -33.43 8.28
CA ALA C 80 -15.52 -32.07 8.68
C ALA C 80 -16.58 -31.13 8.14
N VAL C 81 -17.12 -30.29 9.01
CA VAL C 81 -18.15 -29.33 8.57
C VAL C 81 -17.70 -28.51 7.37
N PRO C 82 -16.50 -27.92 7.34
CA PRO C 82 -16.11 -27.13 6.16
C PRO C 82 -16.01 -27.92 4.86
N ASN C 83 -16.01 -29.25 4.92
CA ASN C 83 -16.00 -30.05 3.71
C ASN C 83 -17.40 -30.45 3.24
N LEU C 84 -18.43 -30.10 4.01
CA LEU C 84 -19.79 -30.42 3.63
C LEU C 84 -20.27 -29.48 2.54
N SER C 85 -21.20 -29.98 1.72
CA SER C 85 -21.81 -29.11 0.72
C SER C 85 -22.67 -28.08 1.43
N ASN C 86 -22.85 -26.93 0.78
CA ASN C 86 -23.67 -25.88 1.37
C ASN C 86 -25.13 -26.34 1.51
N GLU C 87 -25.57 -27.28 0.68
CA GLU C 87 -26.94 -27.77 0.79
C GLU C 87 -27.07 -28.84 1.87
N LYS C 88 -25.99 -29.60 2.15
CA LYS C 88 -26.04 -30.51 3.29
C LYS C 88 -25.92 -29.76 4.61
N ILE C 89 -25.10 -28.70 4.64
CA ILE C 89 -25.00 -27.87 5.85
C ILE C 89 -26.33 -27.24 6.18
N LEU C 90 -27.00 -26.67 5.16
CA LEU C 90 -28.32 -26.07 5.36
C LEU C 90 -29.31 -27.11 5.85
N GLU C 91 -29.23 -28.34 5.31
CA GLU C 91 -30.13 -29.40 5.75
C GLU C 91 -29.97 -29.67 7.25
N TYR C 92 -28.73 -29.86 7.71
CA TYR C 92 -28.51 -30.10 9.14
C TYR C 92 -28.92 -28.89 9.97
N GLU C 93 -28.58 -27.69 9.50
CA GLU C 93 -28.94 -26.48 10.23
C GLU C 93 -30.44 -26.39 10.42
N ASN C 94 -31.21 -26.69 9.38
CA ASN C 94 -32.67 -26.58 9.47
C ASN C 94 -33.23 -27.62 10.43
N ILE C 95 -32.65 -28.81 10.45
CA ILE C 95 -33.10 -29.82 11.42
C ILE C 95 -32.84 -29.34 12.85
N GLY C 96 -31.67 -28.77 13.09
CA GLY C 96 -31.37 -28.23 14.42
C GLY C 96 -32.26 -27.07 14.81
N LEU C 97 -32.54 -26.17 13.86
CA LEU C 97 -33.38 -25.02 14.15
C LEU C 97 -34.80 -25.45 14.49
N ARG C 98 -35.30 -26.51 13.82
CA ARG C 98 -36.62 -27.04 14.17
C ARG C 98 -36.65 -27.57 15.59
N GLU C 99 -35.60 -28.31 15.99
CA GLU C 99 -35.55 -28.81 17.36
C GLU C 99 -35.53 -27.67 18.37
N ILE C 100 -34.76 -26.62 18.08
CA ILE C 100 -34.71 -25.47 18.98
C ILE C 100 -36.07 -24.81 19.07
N SER C 101 -36.70 -24.56 17.91
CA SER C 101 -38.00 -23.89 17.89
C SER C 101 -39.08 -24.71 18.58
N ASP C 102 -38.96 -26.03 18.55
CA ASP C 102 -39.89 -26.90 19.26
C ASP C 102 -39.58 -27.03 20.75
N GLY C 103 -38.57 -26.32 21.25
CA GLY C 103 -38.22 -26.39 22.66
C GLY C 103 -37.59 -27.69 23.11
N LYS C 104 -36.92 -28.41 22.22
CA LYS C 104 -36.37 -29.73 22.52
C LYS C 104 -34.88 -29.70 22.82
N VAL C 105 -34.26 -28.54 22.98
CA VAL C 105 -32.81 -28.42 23.09
C VAL C 105 -32.44 -27.80 24.43
N GLY C 106 -31.45 -28.40 25.09
CA GLY C 106 -30.85 -27.83 26.27
C GLY C 106 -29.35 -27.73 26.12
N VAL C 107 -28.75 -26.86 26.94
CA VAL C 107 -27.30 -26.68 26.98
C VAL C 107 -26.83 -27.05 28.37
N LEU C 108 -25.79 -27.90 28.44
CA LEU C 108 -25.14 -28.25 29.70
C LEU C 108 -23.82 -27.49 29.74
N LEU C 109 -23.83 -26.33 30.38
CA LEU C 109 -22.64 -25.50 30.48
C LEU C 109 -21.81 -25.95 31.67
N LEU C 110 -20.59 -26.38 31.39
CA LEU C 110 -19.67 -26.88 32.41
C LEU C 110 -18.95 -25.67 33.01
N ALA C 111 -19.44 -25.18 34.15
CA ALA C 111 -18.95 -23.94 34.74
C ALA C 111 -18.62 -24.13 36.21
N GLY C 112 -18.07 -25.29 36.55
CA GLY C 112 -17.68 -25.59 37.93
C GLY C 112 -16.18 -25.69 38.14
N GLY C 113 -15.41 -25.47 37.07
CA GLY C 113 -13.97 -25.59 37.17
C GLY C 113 -13.36 -24.58 38.12
N GLN C 114 -12.24 -24.96 38.73
CA GLN C 114 -11.53 -24.10 39.69
C GLN C 114 -10.07 -23.92 39.29
N ALA C 115 -9.83 -23.76 37.99
CA ALA C 115 -8.47 -23.52 37.52
C ALA C 115 -7.95 -22.18 38.02
N THR C 116 -6.67 -22.18 38.41
CA THR C 116 -6.03 -20.96 38.88
C THR C 116 -4.97 -20.41 37.93
N ARG C 117 -4.64 -21.11 36.81
CA ARG C 117 -3.61 -20.59 35.90
C ARG C 117 -3.74 -19.10 35.61
N LEU C 118 -4.97 -18.66 35.35
CA LEU C 118 -5.21 -17.31 34.91
C LEU C 118 -5.00 -16.28 36.01
N GLY C 119 -5.08 -16.69 37.27
CA GLY C 119 -4.98 -15.71 38.33
C GLY C 119 -6.21 -14.85 38.42
N PHE C 120 -7.34 -15.33 37.91
CA PHE C 120 -8.61 -14.60 37.91
C PHE C 120 -9.38 -14.98 39.17
N GLY C 121 -9.77 -13.98 39.95
CA GLY C 121 -10.48 -14.23 41.19
C GLY C 121 -11.97 -14.42 41.03
N HIS C 122 -12.39 -14.87 39.85
CA HIS C 122 -13.80 -15.10 39.56
C HIS C 122 -13.95 -16.38 38.74
N PRO C 123 -15.16 -16.92 38.61
CA PRO C 123 -15.36 -18.04 37.67
C PRO C 123 -14.88 -17.66 36.28
N LYS C 124 -14.28 -18.63 35.58
CA LYS C 124 -13.67 -18.36 34.28
C LYS C 124 -14.66 -17.71 33.31
N GLY C 125 -15.94 -18.04 33.42
CA GLY C 125 -16.95 -17.46 32.53
C GLY C 125 -17.09 -15.96 32.61
N MET C 126 -16.62 -15.36 33.71
CA MET C 126 -16.69 -13.91 33.87
C MET C 126 -15.48 -13.20 33.29
N TYR C 127 -14.60 -13.89 32.60
CA TYR C 127 -13.39 -13.26 32.09
C TYR C 127 -13.70 -12.36 30.89
N ASP C 128 -13.05 -11.20 30.89
CA ASP C 128 -13.18 -10.20 29.83
C ASP C 128 -11.84 -10.17 29.10
N VAL C 129 -11.81 -10.70 27.88
CA VAL C 129 -10.57 -10.83 27.13
C VAL C 129 -10.22 -9.53 26.43
N GLY C 130 -11.00 -8.48 26.66
CA GLY C 130 -10.71 -7.18 26.09
C GLY C 130 -11.22 -6.94 24.69
N LEU C 131 -12.33 -7.58 24.31
CA LEU C 131 -12.96 -7.30 23.04
C LEU C 131 -13.45 -5.85 22.98
N PRO C 132 -13.72 -5.33 21.78
CA PRO C 132 -14.34 -3.99 21.70
C PRO C 132 -15.57 -3.84 22.56
N SER C 133 -16.40 -4.88 22.66
CA SER C 133 -17.58 -4.86 23.52
C SER C 133 -17.26 -5.01 25.00
N ARG C 134 -16.06 -5.50 25.34
CA ARG C 134 -15.69 -5.85 26.71
C ARG C 134 -16.67 -6.85 27.35
N LYS C 135 -17.35 -7.63 26.53
CA LYS C 135 -18.28 -8.64 27.02
C LYS C 135 -17.54 -9.85 27.57
N THR C 136 -18.10 -10.45 28.61
CA THR C 136 -17.54 -11.66 29.19
C THR C 136 -17.90 -12.88 28.33
N LEU C 137 -17.22 -13.99 28.62
CA LEU C 137 -17.57 -15.25 27.98
C LEU C 137 -19.03 -15.62 28.27
N PHE C 138 -19.48 -15.39 29.50
CA PHE C 138 -20.86 -15.65 29.87
C PHE C 138 -21.84 -14.86 29.00
N GLN C 139 -21.58 -13.56 28.83
CA GLN C 139 -22.52 -12.72 28.09
C GLN C 139 -22.54 -13.09 26.62
N ILE C 140 -21.37 -13.36 26.03
CA ILE C 140 -21.30 -13.78 24.64
C ILE C 140 -22.12 -15.05 24.42
N GLN C 141 -21.96 -16.03 25.32
CA GLN C 141 -22.71 -17.27 25.21
C GLN C 141 -24.21 -17.03 25.37
N ALA C 142 -24.60 -16.21 26.35
CA ALA C 142 -26.01 -15.90 26.54
C ALA C 142 -26.62 -15.25 25.30
N GLU C 143 -25.88 -14.34 24.67
CA GLU C 143 -26.40 -13.66 23.49
C GLU C 143 -26.45 -14.58 22.28
N ARG C 144 -25.54 -15.55 22.19
CA ARG C 144 -25.64 -16.55 21.12
C ARG C 144 -26.90 -17.39 21.29
N ILE C 145 -27.29 -17.68 22.53
CA ILE C 145 -28.55 -18.38 22.77
C ILE C 145 -29.73 -17.52 22.35
N VAL C 146 -29.72 -16.24 22.75
CA VAL C 146 -30.78 -15.32 22.31
C VAL C 146 -30.89 -15.34 20.80
N ARG C 147 -29.75 -15.24 20.11
CA ARG C 147 -29.75 -15.10 18.66
C ARG C 147 -30.21 -16.38 17.97
N VAL C 148 -29.74 -17.54 18.43
CA VAL C 148 -30.10 -18.77 17.74
C VAL C 148 -31.56 -19.13 18.03
N GLN C 149 -32.08 -18.75 19.21
CA GLN C 149 -33.51 -18.87 19.45
C GLN C 149 -34.29 -18.04 18.45
N GLN C 150 -33.83 -16.82 18.18
CA GLN C 150 -34.49 -15.96 17.20
C GLN C 150 -34.44 -16.57 15.80
N MET C 151 -33.29 -17.11 15.42
CA MET C 151 -33.17 -17.77 14.11
C MET C 151 -34.16 -18.92 13.98
N ALA C 152 -34.28 -19.74 15.02
CA ALA C 152 -35.20 -20.88 14.96
C ALA C 152 -36.65 -20.41 14.89
N ALA C 153 -36.99 -19.37 15.66
CA ALA C 153 -38.35 -18.84 15.62
C ALA C 153 -38.63 -18.17 14.28
N GLU C 154 -37.63 -17.49 13.71
CA GLU C 154 -37.83 -16.85 12.41
C GLU C 154 -38.10 -17.89 11.33
N LYS C 155 -37.47 -19.05 11.40
CA LYS C 155 -37.66 -20.07 10.39
C LYS C 155 -38.92 -20.89 10.63
N TYR C 156 -39.13 -21.34 11.87
CA TYR C 156 -40.14 -22.36 12.15
C TYR C 156 -41.32 -21.84 12.97
N GLY C 157 -41.38 -20.54 13.24
CA GLY C 157 -42.56 -19.97 13.87
C GLY C 157 -42.56 -19.93 15.38
N LYS C 158 -42.51 -21.10 16.01
CA LYS C 158 -42.63 -21.17 17.46
C LYS C 158 -41.39 -20.65 18.15
N GLU C 159 -41.60 -19.95 19.26
CA GLU C 159 -40.51 -19.36 20.04
C GLU C 159 -40.03 -20.35 21.11
N GLY C 160 -39.58 -21.52 20.67
CA GLY C 160 -39.01 -22.45 21.61
C GLY C 160 -37.82 -21.85 22.32
N LYS C 161 -37.59 -22.28 23.55
CA LYS C 161 -36.50 -21.77 24.35
C LYS C 161 -35.47 -22.87 24.56
N ILE C 162 -34.20 -22.48 24.57
CA ILE C 162 -33.14 -23.39 24.98
C ILE C 162 -33.05 -23.31 26.49
N THR C 163 -33.14 -24.47 27.14
CA THR C 163 -32.96 -24.53 28.58
C THR C 163 -31.47 -24.58 28.90
N TRP C 164 -31.01 -23.60 29.66
CA TRP C 164 -29.59 -23.41 29.96
C TRP C 164 -29.30 -24.03 31.32
N TYR C 165 -28.83 -25.26 31.31
CA TYR C 165 -28.42 -25.95 32.53
C TYR C 165 -26.97 -25.62 32.82
N ILE C 166 -26.73 -24.80 33.85
CA ILE C 166 -25.41 -24.31 34.17
C ILE C 166 -24.88 -25.10 35.37
N MET C 167 -23.91 -25.98 35.10
CA MET C 167 -23.30 -26.75 36.19
C MET C 167 -22.26 -25.92 36.91
N THR C 168 -22.41 -25.83 38.23
CA THR C 168 -21.51 -25.06 39.09
C THR C 168 -20.85 -26.00 40.10
N SER C 169 -19.88 -25.46 40.84
CA SER C 169 -19.30 -26.13 42.00
C SER C 169 -19.41 -25.19 43.20
N GLU C 170 -18.82 -25.60 44.33
CA GLU C 170 -19.04 -24.92 45.60
C GLU C 170 -18.69 -23.44 45.52
N HIS C 171 -17.56 -23.09 44.90
CA HIS C 171 -17.11 -21.71 44.89
C HIS C 171 -17.56 -20.92 43.67
N THR C 172 -18.16 -21.56 42.67
CA THR C 172 -18.69 -20.82 41.53
C THR C 172 -20.20 -20.63 41.57
N ARG C 173 -20.92 -21.41 42.38
CA ARG C 173 -22.38 -21.35 42.37
C ARG C 173 -22.87 -19.95 42.72
N GLY C 174 -22.40 -19.40 43.83
CA GLY C 174 -22.81 -18.08 44.27
C GLY C 174 -22.49 -16.99 43.29
N PRO C 175 -21.20 -16.80 42.96
CA PRO C 175 -20.84 -15.74 42.01
C PRO C 175 -21.52 -15.85 40.66
N THR C 176 -21.75 -17.07 40.18
CA THR C 176 -22.36 -17.24 38.85
C THR C 176 -23.81 -16.77 38.84
N ALA C 177 -24.60 -17.20 39.82
CA ALA C 177 -25.99 -16.77 39.90
C ALA C 177 -26.08 -15.27 40.15
N ASP C 178 -25.19 -14.73 40.97
CA ASP C 178 -25.19 -13.29 41.23
C ASP C 178 -24.88 -12.51 39.95
N TYR C 179 -23.90 -12.98 39.19
CA TYR C 179 -23.51 -12.29 37.97
C TYR C 179 -24.65 -12.25 36.98
N PHE C 180 -25.33 -13.38 36.77
CA PHE C 180 -26.42 -13.43 35.81
C PHE C 180 -27.61 -12.56 36.24
N ARG C 181 -27.95 -12.61 37.52
CA ARG C 181 -29.06 -11.82 38.06
C ARG C 181 -28.82 -10.32 37.96
N SER C 182 -27.60 -9.88 38.28
CA SER C 182 -27.24 -8.47 38.20
C SER C 182 -27.28 -7.96 36.76
N HIS C 183 -27.17 -8.84 35.77
CA HIS C 183 -27.23 -8.46 34.37
C HIS C 183 -28.55 -8.83 33.71
N ASN C 184 -29.58 -9.12 34.50
CA ASN C 184 -30.92 -9.42 33.99
C ASN C 184 -30.88 -10.55 32.97
N TYR C 185 -30.00 -11.51 33.22
CA TYR C 185 -29.90 -12.74 32.43
C TYR C 185 -29.65 -12.47 30.95
N PHE C 186 -29.08 -11.30 30.65
CA PHE C 186 -28.66 -10.92 29.30
C PHE C 186 -29.79 -11.04 28.29
N GLY C 187 -31.01 -10.77 28.72
CA GLY C 187 -32.17 -10.82 27.85
C GLY C 187 -32.88 -12.15 27.83
N LEU C 188 -32.32 -13.18 28.45
CA LEU C 188 -33.00 -14.45 28.57
C LEU C 188 -33.96 -14.41 29.74
N ASN C 189 -34.86 -15.38 29.78
CA ASN C 189 -35.80 -15.50 30.89
C ASN C 189 -35.20 -16.34 32.00
N GLU C 190 -35.35 -15.87 33.23
CA GLU C 190 -34.76 -16.57 34.37
C GLU C 190 -35.23 -18.01 34.50
N GLU C 191 -36.51 -18.27 34.26
CA GLU C 191 -36.97 -19.66 34.42
C GLU C 191 -36.29 -20.63 33.45
N ASP C 192 -35.64 -20.16 32.39
CA ASP C 192 -35.05 -21.07 31.42
C ASP C 192 -33.60 -21.36 31.76
N ILE C 193 -33.09 -20.76 32.82
CA ILE C 193 -31.73 -20.98 33.31
C ILE C 193 -31.82 -21.80 34.59
N VAL C 194 -31.20 -22.98 34.58
CA VAL C 194 -31.28 -23.93 35.69
C VAL C 194 -29.87 -24.17 36.21
N TYR C 195 -29.58 -23.72 37.42
CA TYR C 195 -28.31 -24.01 38.06
C TYR C 195 -28.39 -25.35 38.79
N PHE C 196 -27.29 -26.10 38.73
CA PHE C 196 -27.13 -27.28 39.56
C PHE C 196 -25.65 -27.42 39.89
N GLU C 197 -25.38 -28.06 41.01
CA GLU C 197 -24.05 -28.07 41.60
C GLU C 197 -23.47 -29.48 41.56
N GLN C 198 -22.25 -29.59 41.05
CA GLN C 198 -21.54 -30.86 41.07
C GLN C 198 -20.89 -31.07 42.43
N GLY C 199 -20.46 -32.30 42.68
CA GLY C 199 -19.80 -32.61 43.92
C GLY C 199 -18.33 -32.24 43.92
N THR C 200 -17.71 -32.43 45.08
CA THR C 200 -16.28 -32.20 45.25
C THR C 200 -15.65 -33.44 45.84
N LEU C 201 -14.33 -33.50 45.74
CA LEU C 201 -13.54 -34.53 46.38
C LEU C 201 -12.35 -33.86 47.08
N PRO C 202 -11.91 -34.41 48.22
CA PRO C 202 -10.78 -33.81 48.92
C PRO C 202 -9.49 -34.02 48.16
N CYS C 203 -8.50 -33.21 48.49
CA CYS C 203 -7.16 -33.33 47.92
C CYS C 203 -6.26 -34.03 48.93
N PHE C 204 -5.40 -34.92 48.43
CA PHE C 204 -4.60 -35.81 49.27
C PHE C 204 -3.11 -35.61 49.02
N ASP C 205 -2.30 -35.93 50.03
CA ASP C 205 -0.88 -36.08 49.80
C ASP C 205 -0.63 -37.46 49.20
N PHE C 206 0.64 -37.80 48.99
CA PHE C 206 0.94 -39.04 48.29
C PHE C 206 0.73 -40.30 49.14
N GLU C 207 0.44 -40.17 50.43
CA GLU C 207 0.15 -41.33 51.27
C GLU C 207 -1.31 -41.44 51.65
N GLY C 208 -2.18 -40.63 51.05
CA GLY C 208 -3.60 -40.69 51.32
C GLY C 208 -4.10 -39.85 52.46
N LYS C 209 -3.31 -38.92 52.98
CA LYS C 209 -3.79 -38.01 54.01
C LYS C 209 -4.36 -36.75 53.37
N ILE C 210 -5.56 -36.36 53.78
CA ILE C 210 -6.24 -35.21 53.20
C ILE C 210 -5.57 -33.93 53.70
N PHE C 211 -5.38 -32.99 52.79
CA PHE C 211 -4.79 -31.70 53.13
C PHE C 211 -5.80 -30.79 53.81
N LEU C 212 -5.27 -29.95 54.70
CA LEU C 212 -6.00 -28.80 55.21
C LEU C 212 -5.60 -27.58 54.39
N ASP C 213 -6.58 -26.92 53.76
CA ASP C 213 -6.29 -25.69 53.05
C ASP C 213 -6.07 -24.53 54.02
N GLU C 214 -6.87 -24.48 55.08
CA GLU C 214 -6.64 -23.63 56.23
C GLU C 214 -6.83 -24.50 57.47
N LYS C 215 -6.52 -23.92 58.64
CA LYS C 215 -6.76 -24.63 59.89
C LYS C 215 -8.22 -25.04 60.04
N TYR C 216 -9.13 -24.30 59.40
CA TYR C 216 -10.57 -24.49 59.53
C TYR C 216 -11.24 -24.91 58.24
N HIS C 217 -10.47 -25.30 57.23
CA HIS C 217 -10.99 -25.55 55.89
C HIS C 217 -10.29 -26.74 55.28
N VAL C 218 -11.06 -27.78 54.95
CA VAL C 218 -10.49 -28.94 54.28
C VAL C 218 -10.21 -28.59 52.82
N SER C 219 -9.06 -29.05 52.31
CA SER C 219 -8.71 -28.81 50.93
C SER C 219 -9.49 -29.78 50.05
N SER C 220 -10.25 -29.25 49.11
CA SER C 220 -11.06 -30.05 48.21
C SER C 220 -11.13 -29.37 46.85
N ALA C 221 -11.59 -30.11 45.85
CA ALA C 221 -11.68 -29.60 44.50
C ALA C 221 -12.87 -30.24 43.81
N PRO C 222 -13.44 -29.58 42.79
CA PRO C 222 -14.55 -30.18 42.05
C PRO C 222 -14.16 -31.54 41.49
N ASP C 223 -15.14 -32.43 41.38
CA ASP C 223 -14.82 -33.82 41.07
C ASP C 223 -14.66 -34.09 39.57
N GLY C 224 -14.22 -33.09 38.81
CA GLY C 224 -14.08 -33.24 37.38
C GLY C 224 -15.39 -33.01 36.65
N ASN C 225 -15.29 -32.62 35.38
CA ASN C 225 -16.55 -32.43 34.67
C ASN C 225 -17.26 -33.75 34.38
N GLY C 226 -16.60 -34.89 34.57
CA GLY C 226 -17.32 -36.15 34.60
C GLY C 226 -18.27 -36.29 35.77
N GLY C 227 -18.11 -35.44 36.80
CA GLY C 227 -19.09 -35.36 37.86
C GLY C 227 -20.44 -34.82 37.44
N LEU C 228 -20.54 -34.41 36.17
CA LEU C 228 -21.82 -33.98 35.60
C LEU C 228 -22.92 -35.01 35.80
N TYR C 229 -22.62 -36.27 35.51
CA TYR C 229 -23.66 -37.29 35.45
C TYR C 229 -24.30 -37.53 36.81
N ARG C 230 -23.48 -37.62 37.86
CA ARG C 230 -24.04 -37.79 39.20
C ARG C 230 -24.83 -36.57 39.63
N ALA C 231 -24.36 -35.37 39.25
CA ALA C 231 -25.06 -34.14 39.60
C ALA C 231 -26.40 -34.05 38.85
N LEU C 232 -26.42 -34.48 37.58
CA LEU C 232 -27.67 -34.44 36.81
C LEU C 232 -28.76 -35.25 37.51
N LYS C 233 -28.41 -36.43 38.02
CA LYS C 233 -29.40 -37.30 38.63
C LYS C 233 -29.83 -36.78 40.00
N ASN C 234 -28.87 -36.55 40.90
CA ASN C 234 -29.23 -36.25 42.28
C ASN C 234 -29.66 -34.80 42.49
N GLN C 235 -29.50 -33.93 41.49
CA GLN C 235 -30.05 -32.58 41.56
C GLN C 235 -31.37 -32.43 40.83
N GLY C 236 -31.91 -33.52 40.27
CA GLY C 236 -33.17 -33.47 39.58
C GLY C 236 -33.16 -32.88 38.18
N VAL C 237 -31.99 -32.75 37.55
CA VAL C 237 -31.93 -32.15 36.23
C VAL C 237 -32.49 -33.11 35.17
N LEU C 238 -32.25 -34.42 35.32
CA LEU C 238 -32.82 -35.37 34.39
C LEU C 238 -34.34 -35.33 34.42
N ASP C 239 -34.91 -35.18 35.63
CA ASP C 239 -36.35 -35.02 35.75
C ASP C 239 -36.82 -33.74 35.06
N ASP C 240 -36.09 -32.64 35.28
CA ASP C 240 -36.44 -31.38 34.65
C ASP C 240 -36.36 -31.49 33.14
N ILE C 241 -35.34 -32.18 32.62
CA ILE C 241 -35.21 -32.39 31.19
C ILE C 241 -36.43 -33.13 30.64
N ALA C 242 -36.87 -34.18 31.34
CA ALA C 242 -38.01 -34.96 30.88
C ALA C 242 -39.29 -34.13 30.92
N LYS C 243 -39.46 -33.32 31.98
CA LYS C 243 -40.67 -32.52 32.10
C LYS C 243 -40.76 -31.47 31.00
N ARG C 244 -39.63 -30.83 30.67
CA ARG C 244 -39.63 -29.79 29.65
C ARG C 244 -39.70 -30.34 28.24
N GLY C 245 -39.55 -31.65 28.05
CA GLY C 245 -39.50 -32.21 26.72
C GLY C 245 -38.20 -32.00 26.00
N VAL C 246 -37.11 -31.73 26.73
CA VAL C 246 -35.80 -31.57 26.10
C VAL C 246 -35.32 -32.93 25.64
N GLU C 247 -34.93 -33.02 24.37
CA GLU C 247 -34.46 -34.27 23.79
C GLU C 247 -32.99 -34.24 23.40
N HIS C 248 -32.37 -33.07 23.33
CA HIS C 248 -30.99 -32.93 22.89
C HIS C 248 -30.27 -32.04 23.88
N LEU C 249 -29.06 -32.44 24.26
CA LEU C 249 -28.22 -31.69 25.19
C LEU C 249 -26.89 -31.39 24.54
N HIS C 250 -26.50 -30.13 24.54
CA HIS C 250 -25.20 -29.67 24.05
C HIS C 250 -24.36 -29.32 25.26
N ALA C 251 -23.35 -30.15 25.54
CA ALA C 251 -22.45 -29.92 26.66
C ALA C 251 -21.15 -29.32 26.14
N HIS C 252 -20.71 -28.23 26.73
CA HIS C 252 -19.47 -27.60 26.28
C HIS C 252 -18.79 -26.86 27.42
N SER C 253 -17.50 -26.60 27.21
CA SER C 253 -16.70 -25.86 28.17
C SER C 253 -17.06 -24.38 28.17
N VAL C 254 -16.69 -23.70 29.24
CA VAL C 254 -17.03 -22.29 29.40
C VAL C 254 -16.02 -21.35 28.72
N ASP C 255 -14.81 -21.82 28.42
CA ASP C 255 -13.70 -20.95 28.09
C ASP C 255 -13.46 -20.77 26.59
N ASN C 256 -14.17 -21.50 25.74
CA ASN C 256 -13.96 -21.39 24.29
C ASN C 256 -14.77 -20.21 23.78
N ILE C 257 -14.09 -19.09 23.52
CA ILE C 257 -14.78 -17.87 23.11
C ILE C 257 -15.49 -18.01 21.77
N LEU C 258 -15.14 -19.02 20.98
CA LEU C 258 -15.79 -19.23 19.68
C LEU C 258 -16.95 -20.23 19.75
N ILE C 259 -17.35 -20.65 20.94
CA ILE C 259 -18.32 -21.74 21.08
C ILE C 259 -19.61 -21.41 20.36
N LYS C 260 -20.02 -22.29 19.44
CA LYS C 260 -21.34 -22.20 18.81
C LYS C 260 -22.34 -22.87 19.75
N VAL C 261 -22.91 -22.08 20.65
CA VAL C 261 -23.83 -22.60 21.65
C VAL C 261 -25.08 -23.13 20.96
N ALA C 262 -25.46 -24.36 21.28
CA ALA C 262 -26.65 -25.01 20.73
C ALA C 262 -26.61 -24.98 19.20
N ASP C 263 -25.41 -25.17 18.65
CA ASP C 263 -25.14 -25.14 17.20
C ASP C 263 -26.19 -25.96 16.47
N PRO C 264 -27.05 -25.31 15.68
CA PRO C 264 -28.10 -26.06 14.96
C PRO C 264 -27.53 -27.09 14.00
N VAL C 265 -26.39 -26.78 13.36
CA VAL C 265 -25.74 -27.76 12.49
C VAL C 265 -25.35 -29.00 13.30
N PHE C 266 -24.74 -28.78 14.46
CA PHE C 266 -24.34 -29.90 15.32
C PHE C 266 -25.54 -30.74 15.73
N ILE C 267 -26.60 -30.09 16.21
CA ILE C 267 -27.79 -30.81 16.67
C ILE C 267 -28.46 -31.52 15.50
N GLY C 268 -28.60 -30.85 14.35
CA GLY C 268 -29.20 -31.49 13.20
C GLY C 268 -28.39 -32.66 12.69
N TYR C 269 -27.06 -32.53 12.72
CA TYR C 269 -26.19 -33.61 12.27
C TYR C 269 -26.38 -34.84 13.16
N CYS C 270 -26.37 -34.66 14.48
CA CYS C 270 -26.46 -35.78 15.39
C CYS C 270 -27.85 -36.39 15.40
N LYS C 271 -28.88 -35.58 15.20
CA LYS C 271 -30.23 -36.11 15.14
C LYS C 271 -30.45 -36.95 13.90
N SER C 272 -29.95 -36.50 12.75
CA SER C 272 -30.18 -37.24 11.51
C SER C 272 -29.42 -38.57 11.50
N LYS C 273 -28.31 -38.65 12.23
CA LYS C 273 -27.53 -39.89 12.32
C LYS C 273 -27.88 -40.73 13.55
N ASN C 274 -28.92 -40.36 14.30
CA ASN C 274 -29.34 -41.07 15.51
C ASN C 274 -28.17 -41.28 16.47
N ALA C 275 -27.41 -40.22 16.70
CA ALA C 275 -26.30 -40.27 17.62
C ALA C 275 -26.81 -40.22 19.06
N ASP C 276 -26.32 -41.12 19.91
CA ASP C 276 -26.61 -40.97 21.33
C ASP C 276 -25.61 -40.04 22.01
N CYS C 277 -24.44 -39.83 21.42
CA CYS C 277 -23.45 -38.91 21.98
C CYS C 277 -22.45 -38.59 20.89
N ALA C 278 -21.86 -37.39 20.95
CA ALA C 278 -20.98 -36.94 19.89
C ALA C 278 -20.01 -35.90 20.41
N ALA C 279 -18.89 -35.77 19.70
CA ALA C 279 -17.84 -34.82 20.05
C ALA C 279 -17.36 -34.09 18.80
N LYS C 280 -17.23 -32.77 18.91
CA LYS C 280 -16.54 -31.99 17.89
C LYS C 280 -15.04 -32.08 18.09
N VAL C 281 -14.30 -32.04 16.98
CA VAL C 281 -12.84 -32.06 17.02
C VAL C 281 -12.30 -31.02 16.05
N VAL C 282 -11.09 -30.55 16.34
CA VAL C 282 -10.29 -29.81 15.37
C VAL C 282 -9.01 -30.59 15.14
N GLN C 283 -8.27 -30.19 14.12
CA GLN C 283 -7.04 -30.90 13.78
C GLN C 283 -5.90 -30.43 14.68
N LYS C 284 -5.23 -31.37 15.31
CA LYS C 284 -4.14 -31.07 16.23
C LYS C 284 -2.84 -30.99 15.43
N SER C 285 -2.22 -29.83 15.43
CA SER C 285 -0.97 -29.55 14.72
C SER C 285 0.26 -29.64 15.61
N THR C 286 0.19 -29.16 16.85
CA THR C 286 1.35 -29.14 17.73
C THR C 286 1.28 -30.28 18.71
N PRO C 287 2.33 -31.11 18.83
CA PRO C 287 2.27 -32.26 19.76
C PRO C 287 2.00 -31.86 21.19
N SER C 288 2.46 -30.69 21.63
CA SER C 288 2.31 -30.27 23.02
C SER C 288 0.99 -29.58 23.33
N GLU C 289 0.12 -29.35 22.35
CA GLU C 289 -1.16 -28.71 22.65
C GLU C 289 -1.95 -29.56 23.63
N ALA C 290 -2.45 -28.92 24.69
CA ALA C 290 -3.18 -29.60 25.76
C ALA C 290 -4.63 -29.87 25.34
N VAL C 291 -4.78 -30.73 24.34
CA VAL C 291 -6.09 -31.23 23.94
C VAL C 291 -6.05 -32.75 23.99
N GLY C 292 -7.15 -33.34 24.49
CA GLY C 292 -7.33 -34.77 24.35
C GLY C 292 -7.51 -35.15 22.90
N VAL C 293 -7.28 -36.43 22.62
CA VAL C 293 -7.33 -36.93 21.25
C VAL C 293 -8.27 -38.11 21.19
N VAL C 294 -9.08 -38.15 20.13
CA VAL C 294 -10.04 -39.22 19.93
C VAL C 294 -9.29 -40.44 19.41
N CYS C 295 -9.59 -41.61 19.99
CA CYS C 295 -8.87 -42.80 19.60
C CYS C 295 -9.91 -43.82 19.16
N ARG C 296 -9.42 -44.89 18.55
CA ARG C 296 -10.28 -45.96 18.06
C ARG C 296 -9.93 -47.24 18.82
N VAL C 297 -10.94 -47.88 19.39
CA VAL C 297 -10.78 -49.12 20.15
C VAL C 297 -11.85 -50.07 19.63
N ASN C 298 -11.42 -51.17 19.02
CA ASN C 298 -12.33 -52.15 18.41
C ASN C 298 -13.17 -51.45 17.34
N GLY C 299 -14.48 -51.43 17.55
CA GLY C 299 -15.38 -50.60 16.77
C GLY C 299 -15.93 -49.47 17.62
N HIS C 300 -15.28 -49.22 18.77
CA HIS C 300 -15.68 -48.14 19.64
C HIS C 300 -14.82 -46.93 19.34
N TYR C 301 -14.81 -46.00 20.29
CA TYR C 301 -14.01 -44.77 20.24
C TYR C 301 -13.89 -44.28 21.66
N LYS C 302 -12.74 -43.68 21.97
CA LYS C 302 -12.50 -43.12 23.29
C LYS C 302 -11.65 -41.87 23.11
N VAL C 303 -11.64 -41.04 24.14
CA VAL C 303 -10.75 -39.89 24.22
C VAL C 303 -9.69 -40.18 25.27
N VAL C 304 -8.43 -39.99 24.89
CA VAL C 304 -7.30 -40.06 25.81
C VAL C 304 -6.86 -38.63 26.10
N GLU C 305 -6.93 -38.23 27.36
CA GLU C 305 -6.57 -36.86 27.73
C GLU C 305 -5.11 -36.56 27.40
N TYR C 306 -4.85 -35.27 27.10
CA TYR C 306 -3.50 -34.84 26.80
C TYR C 306 -2.51 -35.23 27.90
N SER C 307 -2.96 -35.22 29.14
CA SER C 307 -2.11 -35.57 30.27
C SER C 307 -1.81 -37.06 30.36
N GLU C 308 -2.54 -37.90 29.64
CA GLU C 308 -2.36 -39.33 29.70
C GLU C 308 -1.87 -39.90 28.39
N LEU C 309 -1.67 -39.05 27.38
CA LEU C 309 -1.07 -39.47 26.13
C LEU C 309 0.45 -39.45 26.29
N THR C 310 1.09 -40.58 25.99
CA THR C 310 2.55 -40.65 26.04
C THR C 310 3.17 -39.59 25.13
N ASP C 311 4.38 -39.14 25.50
CA ASP C 311 5.10 -38.22 24.63
C ASP C 311 5.34 -38.80 23.26
N GLU C 312 5.63 -40.10 23.18
CA GLU C 312 5.85 -40.74 21.89
C GLU C 312 4.61 -40.65 21.01
N ALA C 313 3.45 -41.03 21.56
CA ALA C 313 2.21 -40.97 20.79
C ALA C 313 1.89 -39.53 20.39
N ALA C 314 2.16 -38.58 21.29
CA ALA C 314 1.85 -37.18 21.00
C ALA C 314 2.69 -36.65 19.84
N GLU C 315 3.95 -37.04 19.77
CA GLU C 315 4.85 -36.54 18.74
C GLU C 315 4.90 -37.45 17.52
N SER C 316 4.09 -38.51 17.49
CA SER C 316 4.10 -39.43 16.36
C SER C 316 3.54 -38.76 15.12
N ARG C 317 4.16 -39.07 13.97
CA ARG C 317 3.85 -38.42 12.71
C ARG C 317 3.44 -39.43 11.66
N THR C 318 2.64 -38.96 10.71
CA THR C 318 2.24 -39.78 9.57
C THR C 318 3.23 -39.54 8.43
N ALA C 319 2.97 -40.15 7.27
CA ALA C 319 3.87 -39.96 6.14
C ALA C 319 3.81 -38.55 5.55
N ASP C 320 2.67 -37.87 5.68
CA ASP C 320 2.54 -36.52 5.15
C ASP C 320 3.07 -35.46 6.10
N GLY C 321 3.53 -35.84 7.29
CA GLY C 321 4.02 -34.89 8.26
C GLY C 321 2.99 -34.38 9.25
N ARG C 322 1.73 -34.83 9.19
CA ARG C 322 0.78 -34.49 10.24
C ARG C 322 0.97 -35.44 11.42
N LEU C 323 0.27 -35.13 12.51
CA LEU C 323 0.35 -35.95 13.71
C LEU C 323 -0.50 -37.20 13.55
N THR C 324 -0.01 -38.32 14.09
CA THR C 324 -0.78 -39.55 14.07
C THR C 324 -2.10 -39.39 14.82
N PHE C 325 -2.06 -38.71 15.96
CA PHE C 325 -3.24 -38.42 16.76
C PHE C 325 -3.54 -36.95 16.57
N SER C 326 -4.44 -36.64 15.62
CA SER C 326 -4.73 -35.27 15.21
C SER C 326 -6.16 -34.85 15.47
N ALA C 327 -7.02 -35.74 15.96
CA ALA C 327 -8.42 -35.41 16.24
C ALA C 327 -8.51 -34.83 17.65
N GLY C 328 -8.30 -33.52 17.76
CA GLY C 328 -8.28 -32.86 19.06
C GLY C 328 -9.65 -32.59 19.67
N ASN C 329 -9.91 -33.21 20.82
CA ASN C 329 -11.16 -32.95 21.54
C ASN C 329 -11.23 -31.49 21.96
N ILE C 330 -12.37 -30.85 21.73
CA ILE C 330 -12.54 -29.45 22.09
C ILE C 330 -13.62 -29.26 23.15
N CYS C 331 -13.88 -30.31 23.93
CA CYS C 331 -14.93 -30.33 24.95
C CYS C 331 -16.19 -29.63 24.46
N ASN C 332 -16.88 -30.28 23.51
CA ASN C 332 -17.96 -29.68 22.74
C ASN C 332 -18.83 -30.85 22.28
N HIS C 333 -19.81 -31.24 23.10
CA HIS C 333 -20.42 -32.55 23.00
C HIS C 333 -21.93 -32.50 22.80
N TYR C 334 -22.44 -33.56 22.18
CA TYR C 334 -23.87 -33.80 22.07
C TYR C 334 -24.25 -35.03 22.89
N PHE C 335 -25.39 -34.95 23.58
CA PHE C 335 -26.00 -36.09 24.24
C PHE C 335 -27.48 -36.11 23.91
N SER C 336 -28.00 -37.27 23.51
CA SER C 336 -29.44 -37.44 23.51
C SER C 336 -29.93 -37.60 24.95
N SER C 337 -31.18 -37.17 25.19
CA SER C 337 -31.74 -37.29 26.53
C SER C 337 -31.83 -38.75 26.97
N GLU C 338 -32.11 -39.66 26.04
CA GLU C 338 -32.19 -41.08 26.37
C GLU C 338 -30.84 -41.61 26.86
N PHE C 339 -29.77 -41.29 26.14
CA PHE C 339 -28.44 -41.75 26.53
C PHE C 339 -28.02 -41.12 27.85
N LEU C 340 -28.33 -39.84 28.04
CA LEU C 340 -28.00 -39.18 29.30
C LEU C 340 -28.66 -39.89 30.46
N THR C 341 -29.93 -40.28 30.30
CA THR C 341 -30.61 -41.02 31.35
C THR C 341 -29.98 -42.40 31.57
N LYS C 342 -29.37 -42.99 30.53
CA LYS C 342 -28.65 -44.26 30.71
C LYS C 342 -27.29 -44.13 31.37
N ILE C 343 -26.53 -43.10 31.02
CA ILE C 343 -25.23 -42.91 31.64
C ILE C 343 -25.40 -42.77 33.14
N CYS C 344 -26.35 -41.94 33.56
CA CYS C 344 -26.52 -41.60 34.97
C CYS C 344 -26.88 -42.81 35.83
N ASN C 345 -27.10 -43.98 35.22
CA ASN C 345 -27.28 -45.22 35.96
C ASN C 345 -26.06 -46.12 35.81
N PHE C 346 -25.04 -45.65 35.08
CA PHE C 346 -23.77 -46.36 34.94
C PHE C 346 -22.62 -45.57 35.52
N GLU C 347 -22.90 -44.51 36.26
CA GLU C 347 -21.87 -43.55 36.64
C GLU C 347 -20.75 -44.19 37.46
N SER C 348 -21.00 -45.34 38.08
CA SER C 348 -19.99 -45.98 38.93
C SER C 348 -18.80 -46.46 38.09
N LYS C 349 -19.08 -46.94 36.87
CA LYS C 349 -18.09 -47.35 35.88
C LYS C 349 -17.04 -46.28 35.58
N LEU C 350 -17.26 -45.02 35.96
CA LEU C 350 -16.40 -43.91 35.54
C LEU C 350 -15.14 -43.86 36.44
N LYS C 351 -13.99 -44.15 35.86
CA LYS C 351 -12.71 -44.17 36.54
C LYS C 351 -12.42 -42.78 37.10
N LEU C 352 -11.75 -42.73 38.25
CA LEU C 352 -11.21 -41.48 38.74
C LEU C 352 -9.82 -41.31 38.15
N HIS C 353 -9.55 -40.14 37.60
CA HIS C 353 -8.24 -39.84 37.06
C HIS C 353 -7.43 -39.07 38.09
N VAL C 354 -6.15 -39.39 38.21
CA VAL C 354 -5.27 -38.84 39.23
C VAL C 354 -4.35 -37.82 38.57
N ALA C 355 -4.23 -36.64 39.18
CA ALA C 355 -3.31 -35.63 38.72
C ALA C 355 -2.47 -35.16 39.90
N LYS C 356 -1.15 -35.16 39.71
CA LYS C 356 -0.25 -34.57 40.69
C LYS C 356 -0.34 -33.06 40.60
N LYS C 357 -0.51 -32.40 41.74
CA LYS C 357 -0.72 -30.96 41.74
C LYS C 357 0.05 -30.33 42.89
N LYS C 358 0.35 -29.03 42.71
CA LYS C 358 0.83 -28.20 43.80
C LYS C 358 -0.39 -27.74 44.58
N ILE C 359 -0.56 -28.27 45.79
CA ILE C 359 -1.75 -28.02 46.59
C ILE C 359 -1.34 -27.23 47.82
N PRO C 360 -1.89 -26.04 48.03
CA PRO C 360 -1.64 -25.32 49.28
C PRO C 360 -2.13 -26.12 50.48
N TYR C 361 -1.38 -26.04 51.57
CA TYR C 361 -1.63 -26.92 52.70
C TYR C 361 -1.07 -26.29 53.97
N VAL C 362 -1.72 -26.57 55.08
CA VAL C 362 -1.23 -26.17 56.39
C VAL C 362 -0.16 -27.17 56.83
N ASP C 363 1.04 -26.66 57.10
CA ASP C 363 2.16 -27.52 57.47
C ASP C 363 2.05 -27.93 58.94
N HIS C 364 3.09 -28.59 59.46
CA HIS C 364 3.02 -29.11 60.81
C HIS C 364 3.16 -28.02 61.88
N GLU C 365 3.32 -26.76 61.51
CA GLU C 365 3.31 -25.67 62.48
C GLU C 365 2.23 -24.63 62.14
N GLY C 366 1.12 -25.10 61.57
CA GLY C 366 -0.04 -24.25 61.38
C GLY C 366 0.11 -23.18 60.33
N VAL C 367 1.16 -23.20 59.52
CA VAL C 367 1.40 -22.17 58.52
C VAL C 367 1.00 -22.70 57.15
N ARG C 368 0.14 -21.95 56.46
CA ARG C 368 -0.29 -22.31 55.12
C ARG C 368 0.85 -22.10 54.13
N GLN C 369 1.23 -23.16 53.42
CA GLN C 369 2.30 -23.10 52.42
C GLN C 369 1.73 -23.21 51.01
N LYS C 370 2.51 -22.77 50.04
CA LYS C 370 2.26 -23.00 48.62
C LYS C 370 3.50 -23.72 48.13
N PRO C 371 3.43 -25.00 47.83
CA PRO C 371 4.65 -25.71 47.45
C PRO C 371 5.16 -25.30 46.09
N THR C 372 6.46 -25.46 45.88
CA THR C 372 6.99 -25.14 44.57
C THR C 372 6.87 -26.32 43.62
N GLU C 373 6.68 -27.52 44.15
CA GLU C 373 6.50 -28.75 43.36
C GLU C 373 5.29 -29.54 43.85
N PRO C 374 4.68 -30.35 42.98
CA PRO C 374 3.50 -31.12 43.37
C PRO C 374 3.74 -31.94 44.61
N ASN C 375 2.86 -31.75 45.57
CA ASN C 375 2.94 -32.38 46.86
C ASN C 375 1.76 -33.29 47.11
N GLY C 376 0.84 -33.37 46.16
CA GLY C 376 -0.34 -34.19 46.35
C GLY C 376 -1.06 -34.41 45.04
N ILE C 377 -2.26 -35.00 45.15
CA ILE C 377 -3.04 -35.42 43.98
C ILE C 377 -4.47 -34.92 44.10
N LYS C 378 -5.02 -34.50 42.97
CA LYS C 378 -6.46 -34.31 42.82
C LYS C 378 -7.01 -35.44 41.96
N MET C 379 -8.26 -35.83 42.21
CA MET C 379 -8.91 -36.90 41.47
C MET C 379 -10.12 -36.34 40.73
N GLU C 380 -10.29 -36.75 39.47
CA GLU C 380 -11.33 -36.19 38.62
C GLU C 380 -11.96 -37.25 37.74
N LYS C 381 -13.27 -37.14 37.54
CA LYS C 381 -13.97 -37.85 36.48
C LYS C 381 -13.96 -37.00 35.22
N PHE C 382 -13.82 -37.65 34.08
CA PHE C 382 -13.75 -36.96 32.79
C PHE C 382 -15.06 -37.20 32.05
N ILE C 383 -15.64 -36.12 31.52
CA ILE C 383 -16.97 -36.20 30.90
C ILE C 383 -16.97 -37.15 29.70
N PHE C 384 -15.86 -37.24 28.96
CA PHE C 384 -15.83 -38.03 27.75
C PHE C 384 -15.61 -39.52 28.00
N ASP C 385 -15.47 -39.94 29.24
CA ASP C 385 -15.25 -41.36 29.49
C ASP C 385 -16.49 -42.21 29.24
N VAL C 386 -17.65 -41.60 28.98
CA VAL C 386 -18.83 -42.38 28.61
C VAL C 386 -18.86 -42.68 27.12
N PHE C 387 -17.95 -42.08 26.35
CA PHE C 387 -17.98 -42.24 24.90
C PHE C 387 -17.75 -43.70 24.49
N GLU C 388 -16.87 -44.39 25.20
CA GLU C 388 -16.59 -45.78 24.83
C GLU C 388 -17.73 -46.72 25.17
N PHE C 389 -18.76 -46.24 25.88
CA PHE C 389 -19.93 -47.03 26.21
C PHE C 389 -21.14 -46.70 25.36
N ALA C 390 -21.02 -45.79 24.39
CA ALA C 390 -22.14 -45.43 23.54
C ALA C 390 -22.37 -46.45 22.43
N GLU C 391 -23.63 -46.60 22.05
CA GLU C 391 -23.97 -47.47 20.92
C GLU C 391 -23.78 -46.78 19.58
N ASN C 392 -23.78 -45.44 19.55
CA ASN C 392 -23.59 -44.74 18.28
C ASN C 392 -22.90 -43.40 18.56
N PHE C 393 -21.63 -43.47 18.97
CA PHE C 393 -20.85 -42.25 19.16
C PHE C 393 -20.44 -41.69 17.79
N ILE C 394 -20.47 -40.36 17.68
CA ILE C 394 -20.12 -39.68 16.43
C ILE C 394 -19.07 -38.62 16.73
N CYS C 395 -18.07 -38.52 15.85
CA CYS C 395 -17.08 -37.45 15.91
C CYS C 395 -17.22 -36.58 14.67
N LEU C 396 -17.23 -35.28 14.88
CA LEU C 396 -17.45 -34.31 13.81
C LEU C 396 -16.35 -33.26 13.86
N GLU C 397 -15.58 -33.15 12.78
CA GLU C 397 -14.52 -32.15 12.74
C GLU C 397 -15.09 -30.79 12.37
N VAL C 398 -14.57 -29.74 13.02
CA VAL C 398 -14.94 -28.37 12.73
C VAL C 398 -13.68 -27.56 12.52
N ALA C 399 -13.84 -26.42 11.85
CA ALA C 399 -12.71 -25.53 11.60
C ALA C 399 -12.31 -24.82 12.89
N ARG C 400 -11.01 -24.88 13.22
CA ARG C 400 -10.52 -24.29 14.46
C ARG C 400 -10.73 -22.78 14.50
N ASP C 401 -10.45 -22.10 13.39
CA ASP C 401 -10.56 -20.65 13.36
C ASP C 401 -12.00 -20.17 13.51
N VAL C 402 -12.98 -21.05 13.27
CA VAL C 402 -14.39 -20.70 13.37
C VAL C 402 -14.95 -21.08 14.72
N GLU C 403 -14.43 -22.15 15.33
CA GLU C 403 -15.16 -22.84 16.40
C GLU C 403 -14.36 -23.13 17.67
N PHE C 404 -13.05 -22.90 17.70
CA PHE C 404 -12.28 -23.31 18.88
C PHE C 404 -11.15 -22.31 19.13
N SER C 405 -11.23 -21.60 20.26
CA SER C 405 -10.11 -20.81 20.76
C SER C 405 -10.26 -20.76 22.28
N ALA C 406 -9.43 -21.52 22.99
CA ALA C 406 -9.60 -21.75 24.41
C ALA C 406 -8.89 -20.70 25.24
N LEU C 407 -9.48 -20.39 26.39
CA LEU C 407 -8.90 -19.47 27.37
C LEU C 407 -8.37 -20.29 28.53
N LYS C 408 -7.07 -20.51 28.55
CA LYS C 408 -6.45 -21.39 29.54
C LYS C 408 -5.32 -20.73 30.32
N ASN C 409 -4.50 -19.92 29.66
CA ASN C 409 -3.27 -19.41 30.26
C ASN C 409 -3.31 -17.88 30.27
N ASN C 410 -2.39 -17.28 31.03
CA ASN C 410 -2.21 -15.84 30.98
C ASN C 410 -1.41 -15.47 29.73
N ASP C 411 -1.34 -14.16 29.48
CA ASP C 411 -0.77 -13.68 28.22
C ASP C 411 0.70 -14.01 28.06
N ALA C 412 1.45 -14.09 29.17
CA ALA C 412 2.87 -14.38 29.06
C ALA C 412 3.12 -15.74 28.40
N ALA C 413 2.16 -16.65 28.50
CA ALA C 413 2.28 -17.98 27.88
C ALA C 413 2.16 -17.93 26.35
N LYS C 414 1.58 -16.90 25.76
CA LYS C 414 1.56 -16.79 24.30
C LYS C 414 0.65 -17.76 23.55
N LYS C 415 -0.01 -18.64 24.29
CA LYS C 415 -0.97 -19.58 23.70
C LYS C 415 -2.21 -19.75 24.59
N ASP C 416 -3.37 -19.92 23.96
CA ASP C 416 -4.63 -20.15 24.67
C ASP C 416 -4.83 -19.13 25.79
N CYS C 417 -4.56 -17.85 25.48
CA CYS C 417 -4.52 -16.75 26.42
C CYS C 417 -5.59 -15.74 26.06
N PRO C 418 -5.87 -14.72 26.90
CA PRO C 418 -6.73 -13.62 26.46
C PRO C 418 -6.38 -13.04 25.09
N SER C 419 -5.09 -12.85 24.80
CA SER C 419 -4.73 -12.21 23.53
C SER C 419 -5.06 -13.11 22.34
N THR C 420 -4.80 -14.42 22.44
CA THR C 420 -5.17 -15.31 21.34
C THR C 420 -6.68 -15.49 21.26
N ALA C 421 -7.38 -15.46 22.39
CA ALA C 421 -8.84 -15.53 22.35
C ALA C 421 -9.41 -14.31 21.64
N ARG C 422 -8.95 -13.12 22.04
CA ARG C 422 -9.40 -11.89 21.41
C ARG C 422 -9.01 -11.82 19.95
N GLU C 423 -7.79 -12.25 19.62
CA GLU C 423 -7.33 -12.14 18.23
C GLU C 423 -8.02 -13.15 17.33
N ASP C 424 -8.32 -14.34 17.85
CA ASP C 424 -9.01 -15.34 17.04
C ASP C 424 -10.43 -14.90 16.72
N LEU C 425 -11.12 -14.30 17.69
CA LEU C 425 -12.48 -13.86 17.46
C LEU C 425 -12.54 -12.71 16.47
N LEU C 426 -11.62 -11.76 16.58
CA LEU C 426 -11.62 -10.62 15.67
C LEU C 426 -11.24 -11.04 14.26
N ARG C 427 -10.32 -12.00 14.13
CA ARG C 427 -9.98 -12.53 12.81
C ARG C 427 -11.18 -13.21 12.18
N LEU C 428 -11.95 -13.97 12.97
CA LEU C 428 -13.14 -14.63 12.45
C LEU C 428 -14.18 -13.62 11.99
N HIS C 429 -14.38 -12.56 12.78
CA HIS C 429 -15.38 -11.56 12.44
C HIS C 429 -14.95 -10.74 11.23
N ARG C 430 -13.65 -10.54 11.05
CA ARG C 430 -13.16 -9.94 9.80
C ARG C 430 -13.59 -10.77 8.60
N LYS C 431 -13.50 -12.10 8.72
CA LYS C 431 -13.94 -12.98 7.64
C LYS C 431 -15.44 -12.88 7.42
N TYR C 432 -16.23 -12.88 8.50
CA TYR C 432 -17.68 -12.76 8.38
C TYR C 432 -18.08 -11.48 7.64
N VAL C 433 -17.45 -10.36 7.97
CA VAL C 433 -17.81 -9.09 7.34
C VAL C 433 -17.41 -9.10 5.86
N ARG C 434 -16.20 -9.61 5.56
CA ARG C 434 -15.77 -9.68 4.17
C ARG C 434 -16.69 -10.61 3.36
N GLU C 435 -17.08 -11.73 3.95
CA GLU C 435 -17.92 -12.69 3.24
C GLU C 435 -19.33 -12.16 3.02
N ALA C 436 -19.73 -11.12 3.76
CA ALA C 436 -21.03 -10.47 3.56
C ALA C 436 -20.92 -9.24 2.66
N GLY C 437 -19.76 -9.01 2.07
CA GLY C 437 -19.57 -7.91 1.16
C GLY C 437 -18.95 -6.67 1.76
N GLY C 438 -18.59 -6.71 3.05
CA GLY C 438 -17.99 -5.57 3.69
C GLY C 438 -16.51 -5.46 3.40
N ILE C 439 -15.99 -4.24 3.54
CA ILE C 439 -14.59 -3.95 3.22
C ILE C 439 -13.89 -3.64 4.54
N VAL C 440 -12.88 -4.45 4.86
CA VAL C 440 -12.17 -4.42 6.12
C VAL C 440 -10.71 -4.76 5.85
N GLU C 441 -9.82 -3.89 6.30
CA GLU C 441 -8.40 -4.14 6.14
C GLU C 441 -7.90 -4.95 7.34
N ASP C 442 -6.74 -5.59 7.16
CA ASP C 442 -6.27 -6.55 8.16
C ASP C 442 -6.03 -5.90 9.52
N ASN C 443 -5.70 -4.62 9.54
CA ASN C 443 -5.42 -3.90 10.78
C ASN C 443 -6.67 -3.34 11.45
N ILE C 444 -7.87 -3.67 10.97
CA ILE C 444 -9.10 -3.15 11.55
C ILE C 444 -9.70 -4.24 12.42
N ASP C 445 -9.92 -3.93 13.70
CA ASP C 445 -10.51 -4.84 14.66
C ASP C 445 -11.99 -4.48 14.80
N VAL C 446 -12.85 -5.26 14.14
CA VAL C 446 -14.30 -5.08 14.23
C VAL C 446 -14.90 -6.34 14.85
N GLU C 447 -15.64 -6.16 15.94
CA GLU C 447 -16.34 -7.24 16.60
C GLU C 447 -17.81 -7.18 16.23
N ILE C 448 -18.38 -8.33 15.87
CA ILE C 448 -19.80 -8.44 15.53
C ILE C 448 -20.55 -8.94 16.76
N SER C 449 -21.53 -8.15 17.19
CA SER C 449 -22.44 -8.58 18.24
C SER C 449 -23.05 -9.93 17.91
N PRO C 450 -23.04 -10.88 18.86
CA PRO C 450 -23.80 -12.12 18.66
C PRO C 450 -25.28 -11.87 18.45
N LEU C 451 -25.82 -10.79 19.00
CA LEU C 451 -27.22 -10.45 18.79
C LEU C 451 -27.50 -10.06 17.35
N LEU C 452 -26.48 -9.63 16.61
CA LEU C 452 -26.62 -9.34 15.18
C LEU C 452 -26.36 -10.55 14.31
N SER C 453 -25.32 -11.33 14.61
CA SER C 453 -25.02 -12.50 13.79
C SER C 453 -24.39 -13.60 14.64
N TYR C 454 -24.96 -14.81 14.54
CA TYR C 454 -24.48 -15.96 15.28
C TYR C 454 -23.21 -16.54 14.65
N GLY C 455 -23.26 -16.77 13.34
CA GLY C 455 -22.12 -17.34 12.63
C GLY C 455 -21.93 -16.80 11.24
N GLY C 456 -22.13 -15.50 11.04
CA GLY C 456 -21.94 -14.87 9.75
C GLY C 456 -23.21 -14.61 8.97
N GLU C 457 -24.33 -15.20 9.36
CA GLU C 457 -25.59 -14.93 8.69
C GLU C 457 -26.08 -13.54 9.04
N ASN C 458 -27.10 -13.08 8.29
CA ASN C 458 -27.84 -11.87 8.62
C ASN C 458 -27.02 -10.59 8.47
N LEU C 459 -25.97 -10.60 7.64
CA LEU C 459 -25.13 -9.43 7.51
C LEU C 459 -25.07 -8.82 6.11
N THR C 460 -25.33 -9.61 5.06
CA THR C 460 -25.13 -9.14 3.69
C THR C 460 -25.85 -7.83 3.41
N ASP C 461 -27.16 -7.82 3.62
CA ASP C 461 -27.98 -6.65 3.30
C ASP C 461 -27.58 -5.41 4.08
N LEU C 462 -26.89 -5.57 5.22
CA LEU C 462 -26.53 -4.45 6.08
C LEU C 462 -25.12 -3.91 5.88
N VAL C 463 -24.14 -4.76 5.57
CA VAL C 463 -22.75 -4.32 5.53
C VAL C 463 -22.13 -4.39 4.13
N SER C 464 -22.79 -4.99 3.16
CA SER C 464 -22.21 -5.11 1.82
C SER C 464 -21.94 -3.73 1.24
N GLY C 465 -20.71 -3.51 0.79
CA GLY C 465 -20.29 -2.21 0.30
C GLY C 465 -19.85 -1.24 1.36
N GLU C 466 -20.16 -1.50 2.63
CA GLU C 466 -19.75 -0.59 3.70
C GLU C 466 -18.28 -0.78 4.01
N VAL C 467 -17.63 0.32 4.39
CA VAL C 467 -16.22 0.33 4.73
C VAL C 467 -16.09 0.47 6.24
N PHE C 468 -15.30 -0.41 6.84
CA PHE C 468 -15.09 -0.40 8.29
C PHE C 468 -13.71 0.23 8.48
N THR C 469 -13.70 1.48 8.93
CA THR C 469 -12.49 2.31 8.99
C THR C 469 -12.05 2.62 10.41
N ILE C 470 -12.80 2.21 11.42
CA ILE C 470 -12.48 2.52 12.81
C ILE C 470 -12.06 1.23 13.53
N SER C 471 -10.90 1.29 14.21
CA SER C 471 -10.39 0.16 14.95
C SER C 471 -9.96 0.66 16.33
N PRO C 472 -10.37 0.00 17.42
CA PRO C 472 -11.27 -1.15 17.37
C PRO C 472 -12.71 -0.67 17.18
N TYR C 473 -13.58 -1.54 16.65
CA TYR C 473 -14.96 -1.17 16.48
C TYR C 473 -15.88 -2.31 16.88
N HIS C 474 -17.01 -1.95 17.46
CA HIS C 474 -18.02 -2.90 17.87
C HIS C 474 -19.25 -2.64 17.02
N LEU C 475 -19.54 -3.56 16.13
CA LEU C 475 -20.74 -3.49 15.30
C LEU C 475 -21.88 -4.10 16.10
N LYS C 476 -22.73 -3.23 16.58
CA LYS C 476 -23.83 -3.63 17.39
C LYS C 476 -25.11 -3.89 16.65
N SER C 477 -26.05 -4.48 17.35
CA SER C 477 -27.35 -4.69 16.83
C SER C 477 -28.08 -3.53 17.42
N MET C 478 -29.38 -3.43 17.13
CA MET C 478 -30.20 -2.35 17.65
C MET C 478 -31.21 -2.85 18.67
N HIS D 4 22.09 -26.56 45.01
CA HIS D 4 22.01 -27.16 43.69
C HIS D 4 21.61 -28.62 43.79
N MET D 5 20.34 -28.91 43.48
CA MET D 5 19.79 -30.24 43.72
C MET D 5 20.50 -31.33 42.94
N SER D 6 21.25 -30.99 41.89
CA SER D 6 21.76 -32.00 40.97
C SER D 6 23.25 -32.32 41.17
N TYR D 7 23.94 -31.65 42.09
CA TYR D 7 25.40 -31.75 42.11
C TYR D 7 25.87 -33.18 42.36
N ASP D 8 25.36 -33.82 43.41
CA ASP D 8 25.81 -35.16 43.75
C ASP D 8 25.54 -36.15 42.62
N SER D 9 24.41 -35.99 41.92
CA SER D 9 24.09 -36.91 40.83
C SER D 9 24.98 -36.69 39.62
N ILE D 10 25.25 -35.43 39.28
CA ILE D 10 26.15 -35.13 38.17
C ILE D 10 27.56 -35.57 38.50
N PHE D 11 28.02 -35.31 39.72
CA PHE D 11 29.35 -35.74 40.15
C PHE D 11 29.50 -37.25 39.95
N GLU D 12 28.50 -38.01 40.40
CA GLU D 12 28.57 -39.47 40.28
C GLU D 12 28.53 -39.91 38.82
N ASN D 13 27.65 -39.32 38.01
CA ASN D 13 27.65 -39.60 36.57
C ASN D 13 29.02 -39.30 35.97
N LEU D 14 29.57 -38.12 36.28
CA LEU D 14 30.86 -37.71 35.73
C LEU D 14 31.97 -38.65 36.16
N ASN D 15 32.06 -38.94 37.45
CA ASN D 15 33.21 -39.68 37.98
C ASN D 15 33.15 -41.15 37.58
N SER D 16 31.94 -41.73 37.51
CA SER D 16 31.81 -43.10 37.03
C SER D 16 32.22 -43.25 35.57
N HIS D 17 32.24 -42.16 34.81
CA HIS D 17 32.65 -42.17 33.41
C HIS D 17 33.99 -41.49 33.18
N GLY D 18 34.78 -41.30 34.23
CA GLY D 18 36.13 -40.79 34.08
C GLY D 18 36.24 -39.37 33.58
N GLN D 19 35.21 -38.55 33.80
CA GLN D 19 35.24 -37.14 33.43
C GLN D 19 34.97 -36.24 34.64
N GLY D 20 35.33 -36.69 35.83
CA GLY D 20 35.06 -35.93 37.03
C GLY D 20 35.77 -34.60 37.11
N HIS D 21 36.89 -34.46 36.40
CA HIS D 21 37.64 -33.21 36.38
C HIS D 21 36.81 -32.02 35.88
N LEU D 22 35.72 -32.27 35.15
CA LEU D 22 34.92 -31.17 34.64
C LEU D 22 34.28 -30.33 35.75
N LEU D 23 34.15 -30.89 36.96
CA LEU D 23 33.62 -30.16 38.10
C LEU D 23 34.71 -29.61 39.02
N LYS D 24 35.97 -29.65 38.58
CA LYS D 24 37.08 -29.32 39.47
C LYS D 24 36.97 -27.91 40.05
N TYR D 25 36.52 -26.96 39.25
CA TYR D 25 36.57 -25.54 39.63
C TYR D 25 35.30 -25.04 40.30
N TRP D 26 34.36 -25.94 40.61
CA TRP D 26 33.13 -25.63 41.35
C TRP D 26 33.36 -24.73 42.56
N PRO D 27 34.43 -24.92 43.36
CA PRO D 27 34.61 -24.04 44.53
C PRO D 27 34.89 -22.58 44.18
N ASP D 28 35.39 -22.28 42.99
CA ASP D 28 35.71 -20.90 42.62
C ASP D 28 34.61 -20.24 41.79
N LEU D 29 33.50 -20.93 41.54
CA LEU D 29 32.51 -20.45 40.58
C LEU D 29 31.40 -19.67 41.28
N SER D 30 30.95 -18.60 40.61
CA SER D 30 29.74 -17.91 41.00
C SER D 30 28.52 -18.80 40.73
N GLU D 31 27.37 -18.39 41.28
CA GLU D 31 26.14 -19.14 41.06
C GLU D 31 25.73 -19.14 39.60
N LYS D 32 26.01 -18.06 38.88
CA LYS D 32 25.69 -18.03 37.46
C LYS D 32 26.63 -18.93 36.67
N GLU D 33 27.93 -18.91 37.01
CA GLU D 33 28.89 -19.78 36.33
C GLU D 33 28.60 -21.25 36.61
N ARG D 34 28.18 -21.57 37.84
CA ARG D 34 27.81 -22.95 38.15
C ARG D 34 26.62 -23.39 37.31
N ALA D 35 25.62 -22.52 37.19
CA ALA D 35 24.46 -22.83 36.36
C ALA D 35 24.85 -23.03 34.91
N GLN D 36 25.80 -22.24 34.41
CA GLN D 36 26.29 -22.42 33.05
C GLN D 36 27.00 -23.77 32.89
N LEU D 37 27.86 -24.13 33.85
CA LEU D 37 28.58 -25.39 33.77
C LEU D 37 27.62 -26.57 33.81
N LEU D 38 26.64 -26.54 34.74
CA LEU D 38 25.69 -27.64 34.81
C LEU D 38 24.90 -27.77 33.51
N ASN D 39 24.57 -26.64 32.88
CA ASN D 39 23.86 -26.68 31.61
C ASN D 39 24.72 -27.28 30.50
N ASP D 40 26.02 -26.94 30.47
CA ASP D 40 26.93 -27.60 29.53
C ASP D 40 26.93 -29.11 29.76
N LEU D 41 26.97 -29.52 31.03
CA LEU D 41 27.06 -30.94 31.34
C LEU D 41 25.75 -31.64 31.00
N LYS D 42 24.64 -30.96 31.14
CA LYS D 42 23.35 -31.53 30.92
C LYS D 42 23.21 -32.00 29.54
N LYS D 43 23.88 -31.33 28.62
CA LYS D 43 23.75 -31.67 27.20
C LYS D 43 24.60 -32.84 26.76
N ILE D 44 25.41 -33.40 27.66
CA ILE D 44 26.28 -34.49 27.23
C ILE D 44 25.88 -35.82 27.80
N ASP D 45 25.85 -36.84 26.98
CA ASP D 45 25.56 -38.21 27.38
C ASP D 45 26.92 -38.87 27.62
N PHE D 46 27.32 -38.93 28.88
CA PHE D 46 28.71 -39.25 29.19
C PHE D 46 29.06 -40.70 28.89
N ALA D 47 28.11 -41.62 29.04
CA ALA D 47 28.37 -42.99 28.62
C ALA D 47 28.54 -43.06 27.11
N GLU D 48 27.65 -42.39 26.37
CA GLU D 48 27.71 -42.43 24.91
C GLU D 48 28.97 -41.74 24.41
N VAL D 49 29.49 -40.77 25.15
CA VAL D 49 30.55 -39.94 24.61
C VAL D 49 31.88 -40.66 24.73
N ASN D 50 32.08 -41.42 25.81
CA ASN D 50 33.31 -42.19 25.94
C ASN D 50 33.40 -43.27 24.88
N GLU D 51 32.27 -43.89 24.54
CA GLU D 51 32.27 -44.93 23.53
C GLU D 51 32.51 -44.35 22.13
N LEU D 52 31.97 -43.15 21.87
CA LEU D 52 32.19 -42.51 20.58
C LEU D 52 33.67 -42.18 20.39
N PHE D 53 34.33 -41.72 21.46
CA PHE D 53 35.77 -41.46 21.37
C PHE D 53 36.54 -42.75 21.13
N ARG D 54 36.27 -43.78 21.92
CA ARG D 54 36.99 -45.05 21.80
C ARG D 54 36.88 -45.61 20.39
N ARG D 55 35.65 -45.70 19.87
CA ARG D 55 35.44 -46.29 18.55
C ARG D 55 36.10 -45.45 17.46
N ALA D 56 35.93 -44.12 17.52
CA ALA D 56 36.53 -43.26 16.50
C ALA D 56 38.06 -43.30 16.54
N ASN D 57 38.64 -43.68 17.67
CA ASN D 57 40.09 -43.73 17.85
C ASN D 57 40.61 -45.15 17.99
N ASP D 58 39.83 -46.15 17.59
CA ASP D 58 40.26 -47.53 17.74
C ASP D 58 41.17 -47.96 16.59
N ASP D 69 43.32 -50.57 -4.77
CA ASP D 69 43.28 -49.64 -3.65
C ASP D 69 42.09 -48.70 -3.76
N LEU D 70 42.31 -47.44 -3.42
CA LEU D 70 41.33 -46.39 -3.69
C LEU D 70 41.25 -46.15 -5.19
N LYS D 71 40.05 -46.13 -5.77
CA LYS D 71 39.92 -45.89 -7.20
C LYS D 71 39.05 -44.66 -7.47
N PRO D 72 39.51 -43.76 -8.35
CA PRO D 72 38.68 -42.58 -8.62
C PRO D 72 37.41 -42.89 -9.42
N ILE D 73 36.48 -41.95 -9.42
CA ILE D 73 35.31 -42.08 -10.22
C ILE D 73 35.79 -41.95 -11.65
N PRO D 74 35.31 -42.92 -12.50
CA PRO D 74 35.79 -42.80 -13.88
C PRO D 74 35.03 -41.73 -14.59
N ASP D 75 35.63 -41.12 -15.56
CA ASP D 75 34.99 -40.11 -16.34
C ASP D 75 33.75 -40.59 -16.99
N SER D 76 33.75 -41.83 -17.34
CA SER D 76 32.65 -42.32 -18.06
C SER D 76 31.45 -42.15 -17.24
N HIS D 77 31.63 -42.04 -15.95
CA HIS D 77 30.51 -41.93 -15.05
C HIS D 77 29.83 -40.59 -14.78
N TYR D 78 30.37 -39.51 -15.27
CA TYR D 78 29.77 -38.19 -15.07
C TYR D 78 29.90 -37.25 -16.21
N GLU D 79 29.03 -36.29 -16.27
CA GLU D 79 29.00 -35.30 -17.34
C GLU D 79 29.32 -33.93 -16.77
N ALA D 80 29.64 -33.00 -17.66
CA ALA D 80 29.97 -31.63 -17.29
C ALA D 80 28.95 -30.69 -17.90
N VAL D 81 28.40 -29.82 -17.06
CA VAL D 81 27.42 -28.82 -17.52
C VAL D 81 27.94 -28.06 -18.74
N PRO D 82 29.16 -27.53 -18.79
CA PRO D 82 29.62 -26.80 -19.97
C PRO D 82 29.70 -27.66 -21.23
N ASN D 83 29.62 -28.99 -21.12
CA ASN D 83 29.62 -29.86 -22.28
C ASN D 83 28.22 -30.21 -22.75
N LEU D 84 27.18 -29.80 -22.03
CA LEU D 84 25.81 -30.05 -22.48
C LEU D 84 25.44 -29.06 -23.57
N SER D 85 24.57 -29.50 -24.48
CA SER D 85 24.05 -28.63 -25.52
C SER D 85 23.15 -27.56 -24.92
N ASN D 86 22.98 -26.45 -25.66
CA ASN D 86 22.11 -25.37 -25.21
C ASN D 86 20.68 -25.84 -25.02
N GLU D 87 20.25 -26.85 -25.77
CA GLU D 87 18.87 -27.32 -25.66
C GLU D 87 18.67 -28.28 -24.49
N LYS D 88 19.69 -29.04 -24.12
CA LYS D 88 19.55 -29.88 -22.93
C LYS D 88 19.63 -29.03 -21.67
N ILE D 89 20.47 -28.00 -21.68
CA ILE D 89 20.56 -27.08 -20.54
C ILE D 89 19.23 -26.38 -20.33
N LEU D 90 18.63 -25.87 -21.42
CA LEU D 90 17.34 -25.21 -21.31
C LEU D 90 16.28 -26.19 -20.82
N GLU D 91 16.32 -27.43 -21.31
CA GLU D 91 15.39 -28.45 -20.85
C GLU D 91 15.50 -28.68 -19.34
N TYR D 92 16.72 -28.89 -18.86
CA TYR D 92 16.92 -29.10 -17.43
C TYR D 92 16.52 -27.86 -16.63
N GLU D 93 16.90 -26.68 -17.10
CA GLU D 93 16.54 -25.44 -16.41
C GLU D 93 15.04 -25.31 -16.26
N ASN D 94 14.29 -25.62 -17.32
CA ASN D 94 12.83 -25.48 -17.28
C ASN D 94 12.20 -26.50 -16.34
N ILE D 95 12.77 -27.71 -16.27
CA ILE D 95 12.28 -28.69 -15.29
C ILE D 95 12.51 -28.16 -13.89
N GLY D 96 13.69 -27.60 -13.63
CA GLY D 96 13.96 -27.02 -12.32
C GLY D 96 13.09 -25.82 -12.00
N LEU D 97 12.87 -24.94 -12.98
CA LEU D 97 12.03 -23.77 -12.75
C LEU D 97 10.60 -24.18 -12.44
N ARG D 98 10.11 -25.24 -13.09
CA ARG D 98 8.78 -25.74 -12.79
C ARG D 98 8.69 -26.22 -11.34
N GLU D 99 9.70 -26.95 -10.87
CA GLU D 99 9.71 -27.40 -9.48
C GLU D 99 9.72 -26.21 -8.52
N ILE D 100 10.51 -25.19 -8.83
CA ILE D 100 10.58 -24.00 -7.97
C ILE D 100 9.23 -23.30 -7.93
N SER D 101 8.62 -23.10 -9.10
CA SER D 101 7.34 -22.40 -9.17
C SER D 101 6.24 -23.19 -8.46
N ASP D 102 6.35 -24.52 -8.42
CA ASP D 102 5.40 -25.34 -7.72
C ASP D 102 5.67 -25.42 -6.21
N GLY D 103 6.68 -24.70 -5.72
CA GLY D 103 6.98 -24.74 -4.31
C GLY D 103 7.58 -26.03 -3.81
N LYS D 104 8.23 -26.80 -4.67
CA LYS D 104 8.73 -28.12 -4.32
C LYS D 104 10.22 -28.14 -4.00
N VAL D 105 10.87 -26.99 -3.86
CA VAL D 105 12.31 -26.92 -3.70
C VAL D 105 12.63 -26.27 -2.36
N GLY D 106 13.54 -26.88 -1.62
CA GLY D 106 14.09 -26.29 -0.42
C GLY D 106 15.59 -26.23 -0.50
N VAL D 107 16.21 -25.35 0.28
CA VAL D 107 17.66 -25.24 0.34
C VAL D 107 18.09 -25.57 1.76
N LEU D 108 19.09 -26.43 1.88
CA LEU D 108 19.69 -26.76 3.18
C LEU D 108 21.02 -26.03 3.26
N LEU D 109 21.02 -24.86 3.88
CA LEU D 109 22.22 -24.05 4.01
C LEU D 109 22.99 -24.50 5.25
N LEU D 110 24.21 -24.96 5.03
CA LEU D 110 25.06 -25.45 6.11
C LEU D 110 25.79 -24.26 6.70
N ALA D 111 25.26 -23.73 7.80
CA ALA D 111 25.75 -22.48 8.39
C ALA D 111 25.97 -22.65 9.88
N GLY D 112 26.48 -23.81 10.29
CA GLY D 112 26.78 -24.06 11.69
C GLY D 112 28.26 -24.17 11.99
N GLY D 113 29.09 -24.01 10.96
CA GLY D 113 30.52 -24.14 11.12
C GLY D 113 31.09 -23.11 12.07
N GLN D 114 32.18 -23.48 12.74
CA GLN D 114 32.86 -22.62 13.70
C GLN D 114 34.35 -22.48 13.37
N ALA D 115 34.69 -22.42 12.09
CA ALA D 115 36.09 -22.27 11.70
C ALA D 115 36.60 -20.89 12.14
N THR D 116 37.83 -20.86 12.63
CA THR D 116 38.44 -19.62 13.10
C THR D 116 39.56 -19.10 12.22
N ARG D 117 40.03 -19.90 11.25
CA ARG D 117 41.13 -19.54 10.36
C ARG D 117 41.04 -18.11 9.83
N LEU D 118 39.84 -17.69 9.44
CA LEU D 118 39.66 -16.38 8.81
C LEU D 118 39.85 -15.24 9.79
N GLY D 119 39.69 -15.49 11.09
CA GLY D 119 39.78 -14.41 12.06
C GLY D 119 38.58 -13.49 12.07
N PHE D 120 37.44 -13.97 11.58
CA PHE D 120 36.20 -13.21 11.57
C PHE D 120 35.41 -13.57 12.82
N GLY D 121 35.01 -12.58 13.60
CA GLY D 121 34.30 -12.86 14.83
C GLY D 121 32.80 -13.04 14.64
N HIS D 122 32.39 -13.46 13.46
CA HIS D 122 30.99 -13.62 13.14
C HIS D 122 30.82 -14.89 12.28
N PRO D 123 29.58 -15.36 12.15
CA PRO D 123 29.34 -16.47 11.20
C PRO D 123 29.86 -16.14 9.82
N LYS D 124 30.43 -17.16 9.16
CA LYS D 124 31.11 -16.96 7.89
C LYS D 124 30.21 -16.30 6.85
N GLY D 125 28.90 -16.58 6.90
CA GLY D 125 27.97 -15.99 5.94
C GLY D 125 27.90 -14.47 5.97
N MET D 126 28.35 -13.86 7.04
CA MET D 126 28.32 -12.40 7.17
C MET D 126 29.58 -11.73 6.63
N TYR D 127 30.50 -12.48 6.02
CA TYR D 127 31.74 -11.88 5.56
C TYR D 127 31.51 -11.04 4.31
N ASP D 128 32.17 -9.89 4.27
CA ASP D 128 32.10 -8.94 3.17
C ASP D 128 33.47 -8.94 2.48
N VAL D 129 33.53 -9.52 1.28
CA VAL D 129 34.80 -9.71 0.59
C VAL D 129 35.22 -8.44 -0.15
N GLY D 130 34.48 -7.35 0.04
CA GLY D 130 34.86 -6.08 -0.56
C GLY D 130 34.42 -5.87 -1.98
N LEU D 131 33.27 -6.46 -2.37
CA LEU D 131 32.70 -6.20 -3.68
C LEU D 131 32.31 -4.72 -3.79
N PRO D 132 32.11 -4.23 -5.02
CA PRO D 132 31.55 -2.87 -5.18
C PRO D 132 30.25 -2.67 -4.41
N SER D 133 29.39 -3.70 -4.37
CA SER D 133 28.14 -3.64 -3.62
C SER D 133 28.34 -3.79 -2.12
N ARG D 134 29.50 -4.30 -1.69
CA ARG D 134 29.77 -4.62 -0.28
C ARG D 134 28.73 -5.57 0.32
N LYS D 135 28.10 -6.40 -0.51
CA LYS D 135 27.14 -7.38 -0.01
C LYS D 135 27.85 -8.57 0.63
N THR D 136 27.24 -9.11 1.68
CA THR D 136 27.75 -10.31 2.33
C THR D 136 27.36 -11.55 1.54
N LEU D 137 27.99 -12.67 1.91
CA LEU D 137 27.62 -13.96 1.32
C LEU D 137 26.15 -14.26 1.58
N PHE D 138 25.67 -14.01 2.79
CA PHE D 138 24.26 -14.24 3.12
C PHE D 138 23.35 -13.45 2.20
N GLN D 139 23.65 -12.16 1.98
CA GLN D 139 22.77 -11.33 1.17
C GLN D 139 22.80 -11.77 -0.29
N ILE D 140 23.98 -12.10 -0.80
CA ILE D 140 24.09 -12.57 -2.18
C ILE D 140 23.24 -13.82 -2.38
N GLN D 141 23.30 -14.77 -1.44
CA GLN D 141 22.52 -15.99 -1.55
C GLN D 141 21.03 -15.70 -1.49
N ALA D 142 20.60 -14.82 -0.57
CA ALA D 142 19.19 -14.48 -0.47
C ALA D 142 18.69 -13.85 -1.77
N GLU D 143 19.50 -12.98 -2.37
CA GLU D 143 19.08 -12.32 -3.60
C GLU D 143 19.07 -13.28 -4.79
N ARG D 144 19.94 -14.28 -4.79
CA ARG D 144 19.84 -15.32 -5.81
C ARG D 144 18.55 -16.13 -5.66
N ILE D 145 18.09 -16.32 -4.41
CA ILE D 145 16.80 -16.97 -4.20
C ILE D 145 15.67 -16.10 -4.75
N VAL D 146 15.70 -14.80 -4.42
CA VAL D 146 14.70 -13.87 -4.95
C VAL D 146 14.63 -13.97 -6.47
N ARG D 147 15.80 -13.94 -7.12
CA ARG D 147 15.84 -13.89 -8.57
C ARG D 147 15.35 -15.18 -9.21
N VAL D 148 15.74 -16.34 -8.67
CA VAL D 148 15.33 -17.59 -9.29
C VAL D 148 13.86 -17.85 -9.04
N GLN D 149 13.32 -17.39 -7.91
CA GLN D 149 11.87 -17.42 -7.73
C GLN D 149 11.18 -16.59 -8.79
N GLN D 150 11.74 -15.42 -9.10
CA GLN D 150 11.17 -14.55 -10.13
C GLN D 150 11.23 -15.21 -11.50
N MET D 151 12.37 -15.81 -11.85
CA MET D 151 12.49 -16.52 -13.13
C MET D 151 11.46 -17.64 -13.22
N ALA D 152 11.27 -18.38 -12.13
CA ALA D 152 10.32 -19.49 -12.15
C ALA D 152 8.88 -18.99 -12.30
N ALA D 153 8.54 -17.90 -11.61
CA ALA D 153 7.19 -17.36 -11.71
C ALA D 153 6.93 -16.76 -13.08
N GLU D 154 7.93 -16.10 -13.67
CA GLU D 154 7.74 -15.51 -14.99
C GLU D 154 7.47 -16.58 -16.05
N LYS D 155 8.08 -17.76 -15.90
CA LYS D 155 7.87 -18.82 -16.88
C LYS D 155 6.57 -19.57 -16.63
N TYR D 156 6.31 -19.95 -15.37
CA TYR D 156 5.24 -20.88 -15.06
C TYR D 156 4.10 -20.29 -14.27
N GLY D 157 4.12 -18.98 -14.00
CA GLY D 157 2.98 -18.33 -13.39
C GLY D 157 2.95 -18.33 -11.88
N LYS D 158 2.90 -19.52 -11.27
CA LYS D 158 2.74 -19.59 -9.83
C LYS D 158 3.99 -19.09 -9.13
N GLU D 159 3.79 -18.30 -8.08
CA GLU D 159 4.91 -17.68 -7.36
C GLU D 159 5.37 -18.59 -6.22
N GLY D 160 5.80 -19.79 -6.61
CA GLY D 160 6.32 -20.73 -5.64
C GLY D 160 7.53 -20.18 -4.91
N LYS D 161 7.71 -20.65 -3.69
CA LYS D 161 8.78 -20.19 -2.83
C LYS D 161 9.80 -21.30 -2.59
N ILE D 162 11.07 -20.92 -2.51
CA ILE D 162 12.10 -21.82 -2.02
C ILE D 162 12.13 -21.72 -0.51
N THR D 163 12.00 -22.86 0.16
CA THR D 163 12.12 -22.88 1.62
C THR D 163 13.58 -22.95 2.00
N TRP D 164 14.04 -21.95 2.74
CA TRP D 164 15.45 -21.80 3.09
C TRP D 164 15.66 -22.38 4.48
N TYR D 165 16.08 -23.64 4.54
CA TYR D 165 16.39 -24.32 5.79
C TYR D 165 17.84 -23.99 6.14
N ILE D 166 18.03 -23.14 7.14
CA ILE D 166 19.35 -22.66 7.51
C ILE D 166 19.78 -23.41 8.76
N MET D 167 20.75 -24.32 8.60
CA MET D 167 21.27 -25.09 9.72
C MET D 167 22.31 -24.27 10.46
N THR D 168 22.12 -24.14 11.77
CA THR D 168 23.00 -23.40 12.65
C THR D 168 23.58 -24.33 13.71
N SER D 169 24.53 -23.80 14.48
CA SER D 169 25.04 -24.43 15.69
C SER D 169 24.88 -23.44 16.85
N GLU D 170 25.40 -23.83 18.01
CA GLU D 170 25.13 -23.09 19.25
C GLU D 170 25.50 -21.62 19.13
N HIS D 171 26.69 -21.33 18.58
CA HIS D 171 27.18 -19.96 18.55
C HIS D 171 26.86 -19.20 17.26
N THR D 172 26.29 -19.84 16.24
CA THR D 172 25.87 -19.10 15.06
C THR D 172 24.37 -18.85 15.01
N ARG D 173 23.59 -19.59 15.80
CA ARG D 173 22.14 -19.52 15.71
C ARG D 173 21.63 -18.11 15.98
N GLY D 174 22.02 -17.54 17.11
CA GLY D 174 21.60 -16.21 17.49
C GLY D 174 22.01 -15.14 16.49
N PRO D 175 23.31 -14.98 16.26
CA PRO D 175 23.76 -13.96 15.31
C PRO D 175 23.16 -14.10 13.92
N THR D 176 22.97 -15.32 13.44
CA THR D 176 22.42 -15.49 12.10
C THR D 176 20.98 -15.00 12.05
N ALA D 177 20.17 -15.39 13.03
CA ALA D 177 18.79 -14.94 13.06
C ALA D 177 18.68 -13.43 13.21
N ASP D 178 19.53 -12.83 14.04
CA ASP D 178 19.52 -11.38 14.19
C ASP D 178 19.93 -10.69 12.90
N TYR D 179 20.93 -11.22 12.20
CA TYR D 179 21.40 -10.60 10.97
C TYR D 179 20.30 -10.58 9.91
N PHE D 180 19.63 -11.71 9.71
CA PHE D 180 18.56 -11.76 8.71
C PHE D 180 17.40 -10.86 9.10
N ARG D 181 17.03 -10.85 10.38
CA ARG D 181 15.93 -10.00 10.83
C ARG D 181 16.27 -8.53 10.66
N SER D 182 17.48 -8.13 11.07
CA SER D 182 17.90 -6.74 10.96
C SER D 182 17.91 -6.23 9.52
N HIS D 183 18.00 -7.13 8.54
CA HIS D 183 17.99 -6.75 7.13
C HIS D 183 16.69 -7.10 6.42
N ASN D 184 15.62 -7.38 7.20
CA ASN D 184 14.29 -7.67 6.65
C ASN D 184 14.32 -8.83 5.66
N TYR D 185 15.16 -9.83 5.93
CA TYR D 185 15.22 -11.07 5.17
C TYR D 185 15.51 -10.82 3.69
N PHE D 186 16.13 -9.68 3.39
CA PHE D 186 16.60 -9.33 2.05
C PHE D 186 15.51 -9.45 0.98
N GLY D 187 14.26 -9.16 1.37
CA GLY D 187 13.15 -9.23 0.45
C GLY D 187 12.42 -10.56 0.42
N LEU D 188 12.93 -11.58 1.09
CA LEU D 188 12.23 -12.83 1.22
C LEU D 188 11.20 -12.74 2.34
N ASN D 189 10.30 -13.71 2.40
CA ASN D 189 9.31 -13.78 3.46
C ASN D 189 9.87 -14.55 4.65
N GLU D 190 9.65 -14.00 5.85
CA GLU D 190 10.14 -14.64 7.06
C GLU D 190 9.60 -16.06 7.20
N GLU D 191 8.35 -16.29 6.78
CA GLU D 191 7.73 -17.60 6.90
C GLU D 191 8.47 -18.68 6.13
N ASP D 192 9.28 -18.30 5.14
CA ASP D 192 9.97 -19.25 4.28
C ASP D 192 11.40 -19.52 4.73
N ILE D 193 11.87 -18.87 5.78
CA ILE D 193 13.20 -19.10 6.31
C ILE D 193 13.04 -19.86 7.62
N VAL D 194 13.58 -21.08 7.65
CA VAL D 194 13.40 -21.99 8.78
C VAL D 194 14.77 -22.29 9.36
N TYR D 195 15.01 -21.83 10.58
CA TYR D 195 16.25 -22.15 11.27
C TYR D 195 16.11 -23.48 12.01
N PHE D 196 17.19 -24.25 12.01
CA PHE D 196 17.28 -25.42 12.86
C PHE D 196 18.74 -25.57 13.27
N GLU D 197 18.94 -26.19 14.43
CA GLU D 197 20.24 -26.21 15.10
C GLU D 197 20.76 -27.63 15.13
N GLN D 198 22.01 -27.80 14.72
CA GLN D 198 22.65 -29.09 14.78
C GLN D 198 23.17 -29.33 16.20
N GLY D 199 23.54 -30.57 16.47
CA GLY D 199 24.11 -30.89 17.76
C GLY D 199 25.58 -30.55 17.84
N THR D 200 26.13 -30.75 19.04
CA THR D 200 27.56 -30.55 19.28
C THR D 200 28.12 -31.80 19.95
N LEU D 201 29.44 -31.89 19.93
CA LEU D 201 30.18 -32.93 20.63
C LEU D 201 31.31 -32.28 21.41
N PRO D 202 31.70 -32.87 22.54
CA PRO D 202 32.80 -32.29 23.33
C PRO D 202 34.13 -32.45 22.61
N CYS D 203 35.09 -31.63 23.04
CA CYS D 203 36.46 -31.71 22.55
C CYS D 203 37.30 -32.45 23.59
N PHE D 204 38.20 -33.29 23.13
CA PHE D 204 38.94 -34.20 23.99
C PHE D 204 40.44 -33.98 23.86
N ASP D 205 41.18 -34.31 24.92
CA ASP D 205 42.62 -34.43 24.75
C ASP D 205 42.92 -35.78 24.12
N PHE D 206 44.20 -36.11 23.95
CA PHE D 206 44.52 -37.32 23.22
C PHE D 206 44.22 -38.60 24.00
N GLU D 207 43.83 -38.50 25.27
CA GLU D 207 43.49 -39.67 26.08
C GLU D 207 42.00 -39.79 26.35
N GLY D 208 41.17 -38.96 25.72
CA GLY D 208 39.74 -39.05 25.92
C GLY D 208 39.19 -38.26 27.08
N LYS D 209 39.97 -37.35 27.65
CA LYS D 209 39.47 -36.48 28.71
C LYS D 209 38.93 -35.21 28.08
N ILE D 210 37.71 -34.83 28.47
CA ILE D 210 37.06 -33.67 27.88
C ILE D 210 37.71 -32.39 28.40
N PHE D 211 37.96 -31.46 27.49
CA PHE D 211 38.54 -30.19 27.84
C PHE D 211 37.51 -29.27 28.49
N LEU D 212 38.00 -28.44 29.40
CA LEU D 212 37.24 -27.28 29.87
C LEU D 212 37.71 -26.07 29.07
N ASP D 213 36.78 -25.42 28.39
CA ASP D 213 37.12 -24.19 27.67
C ASP D 213 37.31 -23.04 28.65
N GLU D 214 36.47 -22.97 29.67
CA GLU D 214 36.64 -22.13 30.84
C GLU D 214 36.43 -22.99 32.07
N LYS D 215 36.70 -22.40 33.24
CA LYS D 215 36.41 -23.10 34.50
C LYS D 215 34.94 -23.50 34.58
N TYR D 216 34.07 -22.74 33.91
CA TYR D 216 32.62 -22.91 33.99
C TYR D 216 32.01 -23.32 32.65
N HIS D 217 32.83 -23.71 31.68
CA HIS D 217 32.36 -23.93 30.32
C HIS D 217 33.07 -25.14 29.73
N VAL D 218 32.30 -26.17 29.38
CA VAL D 218 32.86 -27.35 28.73
C VAL D 218 33.18 -27.02 27.28
N SER D 219 34.34 -27.50 26.82
CA SER D 219 34.75 -27.26 25.44
C SER D 219 34.00 -28.20 24.51
N SER D 220 33.30 -27.65 23.53
CA SER D 220 32.52 -28.45 22.58
C SER D 220 32.55 -27.76 21.23
N ALA D 221 32.15 -28.50 20.19
CA ALA D 221 32.15 -28.00 18.83
C ALA D 221 31.01 -28.66 18.06
N PRO D 222 30.53 -28.02 16.99
CA PRO D 222 29.49 -28.65 16.18
C PRO D 222 29.93 -30.03 15.67
N ASP D 223 28.97 -30.94 15.51
CA ASP D 223 29.30 -32.32 15.23
C ASP D 223 29.53 -32.62 13.75
N GLY D 224 30.01 -31.63 12.99
CA GLY D 224 30.23 -31.79 11.57
C GLY D 224 28.96 -31.54 10.78
N ASN D 225 29.14 -31.17 9.51
CA ASN D 225 27.93 -30.98 8.71
C ASN D 225 27.22 -32.29 8.41
N GLY D 226 27.86 -33.43 8.66
CA GLY D 226 27.15 -34.70 8.69
C GLY D 226 26.14 -34.79 9.82
N GLY D 227 26.21 -33.90 10.80
CA GLY D 227 25.16 -33.77 11.79
C GLY D 227 23.85 -33.23 11.24
N LEU D 228 23.83 -32.88 9.95
CA LEU D 228 22.60 -32.46 9.29
C LEU D 228 21.48 -33.48 9.49
N TYR D 229 21.76 -34.75 9.27
CA TYR D 229 20.72 -35.77 9.21
C TYR D 229 20.03 -35.95 10.56
N ARG D 230 20.82 -36.05 11.64
CA ARG D 230 20.23 -36.14 12.97
C ARG D 230 19.45 -34.87 13.31
N ALA D 231 19.98 -33.71 12.91
CA ALA D 231 19.32 -32.44 13.19
C ALA D 231 18.01 -32.32 12.42
N LEU D 232 18.00 -32.78 11.17
CA LEU D 232 16.76 -32.73 10.39
C LEU D 232 15.64 -33.47 11.10
N LYS D 233 15.95 -34.63 11.68
CA LYS D 233 14.90 -35.43 12.33
C LYS D 233 14.49 -34.81 13.66
N ASN D 234 15.46 -34.57 14.55
CA ASN D 234 15.08 -34.16 15.89
C ASN D 234 14.71 -32.67 15.98
N GLN D 235 14.91 -31.90 14.92
CA GLN D 235 14.41 -30.52 14.89
C GLN D 235 13.11 -30.39 14.12
N GLY D 236 12.53 -31.49 13.64
CA GLY D 236 11.26 -31.46 12.94
C GLY D 236 11.30 -30.98 11.51
N VAL D 237 12.48 -30.92 10.89
CA VAL D 237 12.55 -30.42 9.52
C VAL D 237 11.96 -31.40 8.52
N LEU D 238 12.14 -32.70 8.76
CA LEU D 238 11.55 -33.69 7.87
C LEU D 238 10.03 -33.57 7.86
N ASP D 239 9.44 -33.30 9.02
CA ASP D 239 8.01 -33.04 9.09
C ASP D 239 7.64 -31.78 8.31
N ASP D 240 8.40 -30.71 8.48
CA ASP D 240 8.13 -29.47 7.76
C ASP D 240 8.26 -29.68 6.26
N ILE D 241 9.28 -30.43 5.84
CA ILE D 241 9.44 -30.74 4.42
C ILE D 241 8.21 -31.46 3.90
N ALA D 242 7.71 -32.44 4.65
CA ALA D 242 6.54 -33.19 4.21
C ALA D 242 5.30 -32.31 4.15
N LYS D 243 5.12 -31.44 5.14
CA LYS D 243 3.94 -30.59 5.18
C LYS D 243 3.94 -29.59 4.03
N ARG D 244 5.11 -29.02 3.72
CA ARG D 244 5.20 -28.03 2.66
C ARG D 244 5.16 -28.62 1.27
N GLY D 245 5.27 -29.94 1.13
CA GLY D 245 5.37 -30.55 -0.17
C GLY D 245 6.69 -30.38 -0.85
N VAL D 246 7.76 -30.14 -0.09
CA VAL D 246 9.09 -30.03 -0.67
C VAL D 246 9.57 -31.42 -1.09
N GLU D 247 10.01 -31.55 -2.34
CA GLU D 247 10.49 -32.81 -2.87
C GLU D 247 11.97 -32.81 -3.20
N HIS D 248 12.61 -31.64 -3.27
CA HIS D 248 14.01 -31.52 -3.66
C HIS D 248 14.73 -30.64 -2.65
N LEU D 249 15.92 -31.07 -2.23
CA LEU D 249 16.73 -30.31 -1.28
C LEU D 249 18.10 -30.04 -1.90
N HIS D 250 18.49 -28.78 -1.93
CA HIS D 250 19.82 -28.37 -2.38
C HIS D 250 20.62 -27.98 -1.14
N ALA D 251 21.57 -28.82 -0.76
CA ALA D 251 22.42 -28.57 0.39
C ALA D 251 23.77 -28.05 -0.09
N HIS D 252 24.22 -26.94 0.48
CA HIS D 252 25.50 -26.38 0.06
C HIS D 252 26.15 -25.61 1.20
N SER D 253 27.44 -25.38 1.03
CA SER D 253 28.22 -24.61 2.00
C SER D 253 27.88 -23.13 1.92
N VAL D 254 28.21 -22.43 3.01
CA VAL D 254 27.90 -21.01 3.12
C VAL D 254 28.95 -20.13 2.45
N ASP D 255 30.15 -20.65 2.20
CA ASP D 255 31.32 -19.85 1.87
C ASP D 255 31.62 -19.74 0.39
N ASN D 256 30.91 -20.46 -0.47
CA ASN D 256 31.19 -20.43 -1.91
C ASN D 256 30.47 -19.22 -2.50
N ILE D 257 31.23 -18.16 -2.78
CA ILE D 257 30.62 -16.93 -3.26
C ILE D 257 29.94 -17.09 -4.62
N LEU D 258 30.29 -18.13 -5.37
CA LEU D 258 29.70 -18.34 -6.69
C LEU D 258 28.50 -19.28 -6.67
N ILE D 259 28.04 -19.69 -5.48
CA ILE D 259 27.03 -20.76 -5.36
C ILE D 259 25.78 -20.39 -6.15
N LYS D 260 25.36 -21.30 -7.03
CA LYS D 260 24.06 -21.20 -7.70
C LYS D 260 23.02 -21.82 -6.78
N VAL D 261 22.44 -21.00 -5.91
CA VAL D 261 21.48 -21.48 -4.95
C VAL D 261 20.23 -21.97 -5.67
N ALA D 262 19.79 -23.18 -5.33
CA ALA D 262 18.61 -23.80 -5.94
C ALA D 262 18.72 -23.81 -7.47
N ASP D 263 19.93 -24.06 -7.96
CA ASP D 263 20.24 -24.08 -9.39
C ASP D 263 19.18 -24.90 -10.14
N PRO D 264 18.36 -24.24 -10.96
CA PRO D 264 17.31 -24.98 -11.68
C PRO D 264 17.88 -26.03 -12.62
N VAL D 265 19.05 -25.78 -13.21
CA VAL D 265 19.72 -26.80 -14.02
C VAL D 265 20.07 -28.02 -13.16
N PHE D 266 20.61 -27.78 -11.96
CA PHE D 266 20.94 -28.88 -11.06
C PHE D 266 19.70 -29.69 -10.69
N ILE D 267 18.64 -28.99 -10.27
CA ILE D 267 17.42 -29.67 -9.85
C ILE D 267 16.77 -30.40 -11.02
N GLY D 268 16.70 -29.75 -12.19
CA GLY D 268 16.12 -30.40 -13.35
C GLY D 268 16.91 -31.61 -13.79
N TYR D 269 18.24 -31.52 -13.72
CA TYR D 269 19.08 -32.65 -14.11
C TYR D 269 18.83 -33.86 -13.21
N CYS D 270 18.81 -33.64 -11.90
CA CYS D 270 18.65 -34.75 -10.97
C CYS D 270 17.25 -35.32 -10.98
N LYS D 271 16.24 -34.47 -11.24
CA LYS D 271 14.88 -34.98 -11.33
C LYS D 271 14.68 -35.83 -12.57
N SER D 272 15.22 -35.39 -13.71
CA SER D 272 15.04 -36.16 -14.94
C SER D 272 15.82 -37.46 -14.91
N LYS D 273 16.91 -37.49 -14.15
CA LYS D 273 17.72 -38.70 -14.01
C LYS D 273 17.28 -39.56 -12.83
N ASN D 274 16.19 -39.18 -12.16
CA ASN D 274 15.68 -39.88 -10.98
C ASN D 274 16.80 -40.09 -9.95
N ALA D 275 17.54 -39.02 -9.69
CA ALA D 275 18.58 -39.07 -8.69
C ALA D 275 17.97 -38.98 -7.30
N ASP D 276 18.38 -39.89 -6.42
CA ASP D 276 18.05 -39.71 -5.02
C ASP D 276 19.10 -38.87 -4.31
N CYS D 277 20.29 -38.74 -4.90
CA CYS D 277 21.37 -37.99 -4.28
C CYS D 277 22.41 -37.62 -5.32
N ALA D 278 23.03 -36.45 -5.18
CA ALA D 278 23.94 -35.97 -6.22
C ALA D 278 24.91 -34.95 -5.65
N ALA D 279 26.06 -34.84 -6.31
CA ALA D 279 27.10 -33.89 -5.92
C ALA D 279 27.67 -33.20 -7.15
N LYS D 280 27.81 -31.88 -7.08
CA LYS D 280 28.57 -31.14 -8.08
C LYS D 280 30.07 -31.26 -7.78
N VAL D 281 30.86 -31.29 -8.85
CA VAL D 281 32.31 -31.37 -8.73
C VAL D 281 32.94 -30.40 -9.71
N VAL D 282 34.15 -29.95 -9.37
CA VAL D 282 35.03 -29.25 -10.30
C VAL D 282 36.28 -30.08 -10.48
N GLN D 283 37.08 -29.72 -11.48
CA GLN D 283 38.29 -30.48 -11.76
C GLN D 283 39.41 -30.01 -10.84
N LYS D 284 40.02 -30.95 -10.14
CA LYS D 284 41.08 -30.65 -9.19
C LYS D 284 42.41 -30.68 -9.92
N SER D 285 43.09 -29.53 -9.96
CA SER D 285 44.38 -29.39 -10.61
C SER D 285 45.56 -29.43 -9.64
N THR D 286 45.41 -28.86 -8.43
CA THR D 286 46.52 -28.81 -7.48
C THR D 286 46.35 -29.94 -6.48
N PRO D 287 47.37 -30.78 -6.31
CA PRO D 287 47.23 -31.91 -5.36
C PRO D 287 46.92 -31.49 -3.93
N SER D 288 47.40 -30.33 -3.50
CA SER D 288 47.21 -29.86 -2.14
C SER D 288 45.89 -29.11 -1.92
N GLU D 289 45.08 -28.91 -2.96
CA GLU D 289 43.81 -28.22 -2.75
C GLU D 289 42.96 -28.99 -1.76
N ALA D 290 42.42 -28.26 -0.78
CA ALA D 290 41.61 -28.85 0.29
C ALA D 290 40.18 -29.10 -0.18
N VAL D 291 40.04 -29.99 -1.17
CA VAL D 291 38.75 -30.47 -1.62
C VAL D 291 38.73 -31.99 -1.53
N GLY D 292 37.62 -32.54 -1.08
CA GLY D 292 37.42 -33.97 -1.19
C GLY D 292 37.30 -34.40 -2.64
N VAL D 293 37.53 -35.68 -2.87
CA VAL D 293 37.48 -36.25 -4.22
C VAL D 293 36.53 -37.44 -4.25
N VAL D 294 35.74 -37.50 -5.30
CA VAL D 294 34.74 -38.55 -5.49
C VAL D 294 35.44 -39.82 -5.99
N CYS D 295 35.09 -40.96 -5.40
CA CYS D 295 35.72 -42.21 -5.74
C CYS D 295 34.64 -43.28 -5.93
N ARG D 296 35.04 -44.39 -6.54
CA ARG D 296 34.16 -45.54 -6.74
C ARG D 296 34.68 -46.76 -6.00
N HIS D 300 29.22 -47.67 -3.55
CA HIS D 300 29.44 -47.67 -4.98
C HIS D 300 30.07 -46.36 -5.40
N TYR D 301 29.81 -45.32 -4.64
CA TYR D 301 30.48 -44.02 -4.80
C TYR D 301 30.69 -43.45 -3.42
N LYS D 302 31.82 -42.78 -3.22
CA LYS D 302 32.08 -42.13 -1.94
C LYS D 302 32.94 -40.92 -2.21
N VAL D 303 32.97 -40.03 -1.23
CA VAL D 303 33.89 -38.90 -1.20
C VAL D 303 34.91 -39.17 -0.10
N VAL D 304 36.18 -39.03 -0.45
CA VAL D 304 37.28 -39.11 0.50
C VAL D 304 37.74 -37.69 0.76
N GLU D 305 37.63 -37.26 2.00
CA GLU D 305 37.98 -35.89 2.36
C GLU D 305 39.46 -35.64 2.09
N TYR D 306 39.78 -34.38 1.77
CA TYR D 306 41.16 -34.00 1.51
C TYR D 306 42.07 -34.37 2.68
N SER D 307 41.56 -34.28 3.90
CA SER D 307 42.33 -34.61 5.09
C SER D 307 42.61 -36.10 5.23
N GLU D 308 41.92 -36.94 4.48
CA GLU D 308 42.07 -38.39 4.58
C GLU D 308 42.60 -39.03 3.31
N LEU D 309 42.85 -38.24 2.26
CA LEU D 309 43.48 -38.75 1.06
C LEU D 309 44.98 -38.75 1.27
N THR D 310 45.63 -39.90 1.07
CA THR D 310 47.07 -39.96 1.21
C THR D 310 47.73 -38.95 0.27
N ASP D 311 48.88 -38.41 0.70
CA ASP D 311 49.65 -37.53 -0.16
C ASP D 311 50.05 -38.24 -1.44
N GLU D 312 50.33 -39.54 -1.36
CA GLU D 312 50.62 -40.32 -2.56
C GLU D 312 49.46 -40.27 -3.55
N ALA D 313 48.25 -40.57 -3.08
CA ALA D 313 47.08 -40.56 -3.96
C ALA D 313 46.81 -39.15 -4.49
N ALA D 314 47.02 -38.14 -3.66
CA ALA D 314 46.76 -36.76 -4.07
C ALA D 314 47.68 -36.36 -5.22
N GLU D 315 48.93 -36.80 -5.19
CA GLU D 315 49.90 -36.41 -6.20
C GLU D 315 49.98 -37.39 -7.36
N SER D 316 49.14 -38.42 -7.36
CA SER D 316 49.15 -39.40 -8.45
C SER D 316 48.58 -38.78 -9.73
N ARG D 317 49.18 -39.15 -10.86
CA ARG D 317 48.83 -38.54 -12.13
C ARG D 317 48.34 -39.62 -13.09
N THR D 318 47.49 -39.20 -14.02
CA THR D 318 46.87 -40.09 -14.99
C THR D 318 47.69 -40.14 -16.28
N ALA D 319 47.09 -40.70 -17.33
CA ALA D 319 47.81 -40.86 -18.59
C ALA D 319 48.06 -39.52 -19.27
N ASP D 320 47.03 -38.68 -19.36
CA ASP D 320 47.18 -37.40 -20.05
C ASP D 320 47.67 -36.31 -19.11
N GLY D 321 48.11 -36.69 -17.90
CA GLY D 321 48.75 -35.77 -16.97
C GLY D 321 47.83 -35.13 -15.95
N ARG D 322 46.51 -35.30 -16.09
CA ARG D 322 45.60 -34.83 -15.06
C ARG D 322 45.82 -35.62 -13.78
N LEU D 323 45.27 -35.10 -12.68
CA LEU D 323 45.34 -35.82 -11.41
C LEU D 323 44.50 -37.09 -11.49
N THR D 324 45.00 -38.15 -10.87
CA THR D 324 44.25 -39.40 -10.83
C THR D 324 42.90 -39.23 -10.13
N PHE D 325 42.90 -38.48 -9.04
CA PHE D 325 41.69 -38.12 -8.30
C PHE D 325 41.46 -36.64 -8.56
N SER D 326 40.63 -36.33 -9.56
CA SER D 326 40.44 -34.97 -10.03
C SER D 326 39.01 -34.45 -9.87
N ALA D 327 38.08 -35.29 -9.41
CA ALA D 327 36.68 -34.90 -9.23
C ALA D 327 36.55 -34.24 -7.86
N GLY D 328 36.80 -32.94 -7.81
CA GLY D 328 36.79 -32.20 -6.57
C GLY D 328 35.42 -31.85 -6.02
N ASN D 329 35.08 -32.41 -4.85
CA ASN D 329 33.83 -32.09 -4.19
C ASN D 329 33.77 -30.61 -3.84
N ILE D 330 32.65 -29.95 -4.15
CA ILE D 330 32.50 -28.54 -3.84
C ILE D 330 31.37 -28.29 -2.85
N CYS D 331 31.07 -29.30 -2.02
CA CYS D 331 29.98 -29.27 -1.06
C CYS D 331 28.75 -28.58 -1.63
N ASN D 332 28.10 -29.27 -2.58
CA ASN D 332 27.05 -28.69 -3.42
C ASN D 332 26.19 -29.88 -3.88
N HIS D 333 25.19 -30.21 -3.06
CA HIS D 333 24.55 -31.51 -3.17
C HIS D 333 23.05 -31.40 -3.42
N TYR D 334 22.52 -32.42 -4.07
CA TYR D 334 21.09 -32.61 -4.25
C TYR D 334 20.65 -33.82 -3.46
N PHE D 335 19.51 -33.70 -2.79
CA PHE D 335 18.84 -34.82 -2.14
C PHE D 335 17.37 -34.81 -2.54
N SER D 336 16.85 -35.96 -2.94
CA SER D 336 15.40 -36.09 -2.99
C SER D 336 14.88 -36.17 -1.56
N SER D 337 13.66 -35.67 -1.34
CA SER D 337 13.09 -35.72 0.00
C SER D 337 12.90 -37.16 0.47
N GLU D 338 12.60 -38.08 -0.46
CA GLU D 338 12.45 -39.48 -0.09
C GLU D 338 13.76 -40.07 0.40
N PHE D 339 14.86 -39.79 -0.28
CA PHE D 339 16.17 -40.28 0.15
C PHE D 339 16.56 -39.66 1.48
N LEU D 340 16.26 -38.37 1.65
CA LEU D 340 16.58 -37.71 2.92
C LEU D 340 15.84 -38.35 4.08
N THR D 341 14.55 -38.66 3.88
CA THR D 341 13.77 -39.33 4.91
C THR D 341 14.36 -40.72 5.21
N LYS D 342 15.01 -41.33 4.20
CA LYS D 342 15.68 -42.63 4.40
C LYS D 342 16.96 -42.52 5.20
N ILE D 343 17.84 -41.57 4.85
CA ILE D 343 19.09 -41.42 5.57
C ILE D 343 18.90 -41.18 7.07
N CYS D 344 17.99 -40.28 7.43
CA CYS D 344 17.83 -39.86 8.82
C CYS D 344 17.40 -40.99 9.75
N ASN D 345 17.29 -42.18 9.20
CA ASN D 345 17.05 -43.41 9.95
C ASN D 345 18.18 -44.38 9.71
N PHE D 346 19.17 -43.96 8.91
CA PHE D 346 20.42 -44.66 8.68
C PHE D 346 21.56 -44.03 9.46
N GLU D 347 21.27 -43.04 10.31
CA GLU D 347 22.27 -42.05 10.70
C GLU D 347 23.26 -42.59 11.75
N SER D 348 22.91 -43.67 12.46
CA SER D 348 23.90 -44.35 13.31
C SER D 348 25.09 -44.81 12.50
N LYS D 349 24.83 -45.28 11.30
CA LYS D 349 25.91 -45.72 10.42
C LYS D 349 26.98 -44.67 10.12
N LEU D 350 26.74 -43.41 10.39
CA LEU D 350 27.66 -42.38 10.00
C LEU D 350 28.89 -42.44 10.92
N LYS D 351 30.02 -42.95 10.41
CA LYS D 351 31.21 -42.85 11.24
C LYS D 351 31.55 -41.38 11.61
N LEU D 352 32.17 -41.22 12.77
CA LEU D 352 32.83 -39.98 13.20
C LEU D 352 34.27 -39.93 12.69
N HIS D 353 34.64 -38.81 12.09
CA HIS D 353 36.00 -38.57 11.66
C HIS D 353 36.73 -37.77 12.73
N VAL D 354 37.99 -38.12 12.94
CA VAL D 354 38.80 -37.54 14.00
C VAL D 354 39.77 -36.55 13.39
N ALA D 355 39.87 -35.36 13.98
CA ALA D 355 40.83 -34.36 13.54
C ALA D 355 41.57 -33.83 14.75
N LYS D 356 42.90 -33.82 14.66
CA LYS D 356 43.73 -33.19 15.69
C LYS D 356 43.63 -31.68 15.54
N LYS D 357 43.37 -30.99 16.64
CA LYS D 357 43.16 -29.55 16.59
C LYS D 357 43.82 -28.89 17.78
N LYS D 358 44.11 -27.60 17.62
CA LYS D 358 44.53 -26.75 18.72
C LYS D 358 43.28 -26.32 19.47
N ILE D 359 43.10 -26.83 20.68
CA ILE D 359 41.89 -26.59 21.46
C ILE D 359 42.28 -25.74 22.67
N PRO D 360 41.71 -24.55 22.84
CA PRO D 360 41.93 -23.80 24.08
C PRO D 360 41.42 -24.60 25.27
N TYR D 361 42.13 -24.48 26.39
CA TYR D 361 41.86 -25.34 27.52
C TYR D 361 42.36 -24.70 28.80
N VAL D 362 41.63 -24.97 29.87
CA VAL D 362 42.08 -24.59 31.21
C VAL D 362 43.10 -25.62 31.67
N ASP D 363 44.30 -25.15 32.01
CA ASP D 363 45.39 -26.05 32.38
C ASP D 363 45.22 -26.50 33.83
N HIS D 364 46.22 -27.21 34.35
CA HIS D 364 46.11 -27.79 35.68
C HIS D 364 46.23 -26.76 36.80
N GLU D 365 46.44 -25.48 36.46
CA GLU D 365 46.44 -24.41 37.44
C GLU D 365 45.42 -23.34 37.09
N GLY D 366 44.31 -23.73 36.48
CA GLY D 366 43.19 -22.84 36.28
C GLY D 366 43.37 -21.74 35.26
N VAL D 367 44.44 -21.77 34.45
CA VAL D 367 44.70 -20.72 33.47
C VAL D 367 44.34 -21.22 32.09
N ARG D 368 43.49 -20.46 31.38
CA ARG D 368 43.11 -20.82 30.02
C ARG D 368 44.29 -20.59 29.10
N GLN D 369 44.69 -21.63 28.39
CA GLN D 369 45.82 -21.55 27.46
C GLN D 369 45.29 -21.61 26.04
N LYS D 370 46.12 -21.14 25.12
CA LYS D 370 45.88 -21.29 23.69
C LYS D 370 47.07 -22.05 23.14
N PRO D 371 46.92 -23.33 22.80
CA PRO D 371 48.09 -24.12 22.41
C PRO D 371 48.60 -23.71 21.04
N THR D 372 49.91 -23.82 20.88
CA THR D 372 50.58 -23.56 19.61
C THR D 372 50.73 -24.81 18.76
N GLU D 373 50.60 -25.98 19.37
CA GLU D 373 50.54 -27.28 18.73
C GLU D 373 49.19 -27.93 19.01
N PRO D 374 48.69 -28.77 18.09
CA PRO D 374 47.45 -29.51 18.37
C PRO D 374 47.58 -30.32 19.65
N ASN D 375 46.60 -30.14 20.53
CA ASN D 375 46.60 -30.77 21.85
C ASN D 375 45.40 -31.67 22.05
N GLY D 376 44.53 -31.81 21.07
CA GLY D 376 43.33 -32.59 21.27
C GLY D 376 42.67 -32.97 19.98
N ILE D 377 41.46 -33.49 20.10
CA ILE D 377 40.72 -34.05 18.99
C ILE D 377 39.31 -33.47 18.96
N LYS D 378 38.85 -33.11 17.77
CA LYS D 378 37.44 -32.87 17.49
C LYS D 378 36.91 -34.00 16.61
N MET D 379 35.64 -34.34 16.79
CA MET D 379 35.01 -35.41 16.02
C MET D 379 33.86 -34.86 15.19
N GLU D 380 33.77 -35.31 13.94
CA GLU D 380 32.80 -34.78 12.99
C GLU D 380 32.22 -35.88 12.12
N LYS D 381 30.92 -35.77 11.85
CA LYS D 381 30.28 -36.48 10.77
C LYS D 381 30.36 -35.64 9.50
N PHE D 382 30.51 -36.30 8.35
CA PHE D 382 30.63 -35.63 7.06
C PHE D 382 29.34 -35.83 6.26
N ILE D 383 28.84 -34.74 5.68
CA ILE D 383 27.56 -34.80 4.97
C ILE D 383 27.60 -35.82 3.83
N PHE D 384 28.76 -35.99 3.19
CA PHE D 384 28.83 -36.85 2.01
C PHE D 384 29.00 -38.33 2.33
N ASP D 385 29.04 -38.73 3.60
CA ASP D 385 29.22 -40.14 3.92
C ASP D 385 27.97 -40.97 3.62
N VAL D 386 26.84 -40.35 3.31
CA VAL D 386 25.64 -41.10 2.94
C VAL D 386 25.61 -41.44 1.46
N PHE D 387 26.53 -40.91 0.67
CA PHE D 387 26.50 -41.12 -0.78
C PHE D 387 26.63 -42.60 -1.13
N GLU D 388 27.43 -43.35 -0.38
CA GLU D 388 27.65 -44.75 -0.70
C GLU D 388 26.43 -45.61 -0.42
N PHE D 389 25.41 -45.06 0.24
CA PHE D 389 24.16 -45.76 0.48
C PHE D 389 23.06 -45.34 -0.47
N ALA D 390 23.39 -44.46 -1.42
CA ALA D 390 22.40 -44.03 -2.41
C ALA D 390 22.24 -45.11 -3.47
N GLU D 391 21.01 -45.26 -3.95
CA GLU D 391 20.75 -46.20 -5.03
C GLU D 391 20.99 -45.61 -6.40
N ASN D 392 20.98 -44.28 -6.54
CA ASN D 392 21.23 -43.64 -7.82
C ASN D 392 21.94 -42.32 -7.55
N PHE D 393 23.18 -42.41 -7.09
CA PHE D 393 23.99 -41.23 -6.88
C PHE D 393 24.44 -40.67 -8.22
N ILE D 394 24.47 -39.35 -8.32
CA ILE D 394 24.85 -38.68 -9.56
C ILE D 394 25.97 -37.70 -9.28
N CYS D 395 26.96 -37.68 -10.17
CA CYS D 395 28.05 -36.72 -10.12
C CYS D 395 27.93 -35.82 -11.34
N LEU D 396 28.01 -34.50 -11.12
CA LEU D 396 27.82 -33.52 -12.18
C LEU D 396 28.95 -32.52 -12.10
N GLU D 397 29.78 -32.45 -13.15
CA GLU D 397 30.87 -31.50 -13.17
C GLU D 397 30.37 -30.13 -13.62
N VAL D 398 30.88 -29.07 -12.97
CA VAL D 398 30.55 -27.70 -13.32
C VAL D 398 31.85 -26.94 -13.50
N ALA D 399 31.77 -25.81 -14.20
CA ALA D 399 32.94 -24.97 -14.42
C ALA D 399 33.32 -24.25 -13.13
N ARG D 400 34.61 -24.35 -12.75
CA ARG D 400 35.06 -23.74 -11.50
C ARG D 400 34.86 -22.23 -11.51
N ASP D 401 35.19 -21.57 -12.63
CA ASP D 401 35.11 -20.13 -12.71
C ASP D 401 33.67 -19.62 -12.64
N VAL D 402 32.70 -20.48 -12.93
CA VAL D 402 31.30 -20.06 -12.87
C VAL D 402 30.66 -20.38 -11.52
N GLU D 403 31.10 -21.45 -10.87
CA GLU D 403 30.32 -22.08 -9.80
C GLU D 403 31.06 -22.34 -8.50
N PHE D 404 32.38 -22.15 -8.41
CA PHE D 404 33.09 -22.52 -7.19
C PHE D 404 34.23 -21.54 -6.92
N SER D 405 34.12 -20.80 -5.82
CA SER D 405 35.23 -20.03 -5.28
C SER D 405 35.02 -19.93 -3.76
N ALA D 406 35.80 -20.66 -3.00
CA ALA D 406 35.57 -20.84 -1.58
C ALA D 406 36.29 -19.77 -0.77
N LEU D 407 35.67 -19.39 0.35
CA LEU D 407 36.24 -18.44 1.32
C LEU D 407 36.65 -19.24 2.54
N LYS D 408 37.94 -19.52 2.66
CA LYS D 408 38.49 -20.35 3.73
C LYS D 408 39.59 -19.69 4.52
N ASN D 409 40.46 -18.94 3.87
CA ASN D 409 41.68 -18.44 4.50
C ASN D 409 41.70 -16.92 4.47
N ASN D 410 42.60 -16.35 5.27
CA ASN D 410 42.81 -14.91 5.19
C ASN D 410 43.66 -14.59 3.95
N ASP D 411 43.79 -13.30 3.65
CA ASP D 411 44.42 -12.91 2.40
C ASP D 411 45.89 -13.33 2.34
N ALA D 412 46.55 -13.43 3.50
CA ALA D 412 47.97 -13.80 3.51
C ALA D 412 48.20 -15.17 2.89
N ALA D 413 47.20 -16.04 2.93
CA ALA D 413 47.36 -17.37 2.34
C ALA D 413 47.35 -17.33 0.81
N LYS D 414 46.70 -16.32 0.23
CA LYS D 414 46.66 -16.02 -1.20
C LYS D 414 45.89 -17.06 -2.01
N LYS D 415 45.24 -18.02 -1.35
CA LYS D 415 44.33 -18.96 -1.98
C LYS D 415 43.05 -19.04 -1.13
N ASP D 416 41.92 -19.19 -1.82
CA ASP D 416 40.62 -19.35 -1.17
C ASP D 416 40.41 -18.30 -0.08
N CYS D 417 40.72 -17.05 -0.43
CA CYS D 417 40.79 -15.90 0.47
C CYS D 417 39.72 -14.90 0.08
N PRO D 418 39.45 -13.86 0.89
CA PRO D 418 38.61 -12.76 0.41
C PRO D 418 39.01 -12.25 -0.97
N SER D 419 40.32 -12.09 -1.23
CA SER D 419 40.75 -11.52 -2.50
C SER D 419 40.46 -12.46 -3.67
N THR D 420 40.68 -13.77 -3.51
CA THR D 420 40.34 -14.68 -4.62
C THR D 420 38.83 -14.80 -4.79
N ALA D 421 38.08 -14.75 -3.69
CA ALA D 421 36.62 -14.78 -3.81
C ALA D 421 36.11 -13.55 -4.55
N ARG D 422 36.58 -12.36 -4.15
CA ARG D 422 36.17 -11.13 -4.80
C ARG D 422 36.60 -11.11 -6.27
N GLU D 423 37.82 -11.54 -6.55
CA GLU D 423 38.32 -11.48 -7.93
C GLU D 423 37.64 -12.52 -8.81
N ASP D 424 37.33 -13.70 -8.25
CA ASP D 424 36.64 -14.73 -9.03
C ASP D 424 35.23 -14.27 -9.40
N LEU D 425 34.54 -13.61 -8.48
CA LEU D 425 33.20 -13.13 -8.80
C LEU D 425 33.24 -12.03 -9.85
N LEU D 426 34.19 -11.12 -9.73
CA LEU D 426 34.27 -10.03 -10.70
C LEU D 426 34.71 -10.52 -12.07
N ARG D 427 35.62 -11.50 -12.10
CA ARG D 427 36.02 -12.12 -13.35
C ARG D 427 34.84 -12.78 -14.05
N LEU D 428 33.99 -13.47 -13.27
CA LEU D 428 32.80 -14.10 -13.83
C LEU D 428 31.81 -13.08 -14.38
N HIS D 429 31.57 -12.00 -13.63
CA HIS D 429 30.58 -11.02 -14.07
C HIS D 429 31.07 -10.25 -15.30
N ARG D 430 32.39 -10.02 -15.39
CA ARG D 430 32.95 -9.47 -16.61
C ARG D 430 32.65 -10.37 -17.80
N LYS D 431 32.77 -11.69 -17.61
CA LYS D 431 32.44 -12.63 -18.68
C LYS D 431 30.95 -12.56 -19.03
N TYR D 432 30.09 -12.50 -18.00
CA TYR D 432 28.66 -12.35 -18.24
C TYR D 432 28.37 -11.11 -19.07
N VAL D 433 29.04 -9.99 -18.76
CA VAL D 433 28.81 -8.75 -19.51
C VAL D 433 29.25 -8.91 -20.96
N ARG D 434 30.42 -9.51 -21.17
CA ARG D 434 30.92 -9.75 -22.52
C ARG D 434 30.01 -10.69 -23.30
N GLU D 435 29.48 -11.71 -22.64
CA GLU D 435 28.62 -12.68 -23.32
C GLU D 435 27.27 -12.08 -23.69
N ALA D 436 26.88 -10.97 -23.05
CA ALA D 436 25.65 -10.27 -23.39
C ALA D 436 25.89 -9.11 -24.36
N GLY D 437 27.12 -8.97 -24.87
CA GLY D 437 27.43 -7.96 -25.86
C GLY D 437 28.14 -6.73 -25.33
N GLY D 438 28.47 -6.69 -24.04
CA GLY D 438 29.13 -5.52 -23.52
C GLY D 438 30.62 -5.53 -23.77
N ILE D 439 31.20 -4.33 -23.78
CA ILE D 439 32.62 -4.14 -24.05
C ILE D 439 33.25 -3.63 -22.77
N VAL D 440 34.14 -4.44 -22.19
CA VAL D 440 34.76 -4.14 -20.90
C VAL D 440 36.10 -4.86 -20.84
N GLU D 441 37.16 -4.13 -20.53
CA GLU D 441 38.48 -4.71 -20.40
C GLU D 441 38.73 -5.26 -19.01
N ASP D 442 39.77 -6.10 -18.89
CA ASP D 442 40.06 -6.81 -17.66
C ASP D 442 40.33 -5.90 -16.47
N ASN D 443 40.73 -4.65 -16.71
CA ASN D 443 41.03 -3.71 -15.63
C ASN D 443 39.79 -3.03 -15.07
N ILE D 444 38.59 -3.42 -15.51
CA ILE D 444 37.34 -2.84 -15.04
C ILE D 444 36.63 -3.84 -14.14
N ASP D 445 36.28 -3.42 -12.93
CA ASP D 445 35.55 -4.24 -11.96
C ASP D 445 34.07 -3.87 -12.05
N VAL D 446 33.28 -4.69 -12.74
CA VAL D 446 31.84 -4.49 -12.83
C VAL D 446 31.15 -5.65 -12.13
N GLU D 447 30.35 -5.34 -11.12
CA GLU D 447 29.60 -6.33 -10.37
C GLU D 447 28.15 -6.32 -10.82
N ILE D 448 27.60 -7.50 -11.04
CA ILE D 448 26.19 -7.69 -11.40
C ILE D 448 25.42 -8.11 -10.17
N SER D 449 24.43 -7.29 -9.79
CA SER D 449 23.48 -7.65 -8.75
C SER D 449 22.80 -8.98 -9.09
N PRO D 450 22.75 -9.93 -8.15
CA PRO D 450 21.92 -11.12 -8.37
C PRO D 450 20.46 -10.78 -8.59
N LEU D 451 19.97 -9.66 -8.04
CA LEU D 451 18.60 -9.26 -8.28
C LEU D 451 18.37 -8.88 -9.73
N LEU D 452 19.43 -8.53 -10.47
CA LEU D 452 19.29 -8.28 -11.89
C LEU D 452 19.49 -9.56 -12.70
N SER D 453 20.52 -10.36 -12.37
CA SER D 453 20.80 -11.56 -13.14
C SER D 453 21.37 -12.66 -12.26
N TYR D 454 20.76 -13.84 -12.36
CA TYR D 454 21.18 -15.00 -11.58
C TYR D 454 22.46 -15.60 -12.16
N GLY D 455 22.47 -15.86 -13.46
CA GLY D 455 23.62 -16.48 -14.08
C GLY D 455 23.94 -15.99 -15.48
N GLY D 456 23.81 -14.67 -15.72
CA GLY D 456 24.13 -14.09 -17.00
C GLY D 456 22.95 -13.72 -17.88
N GLU D 457 21.75 -14.20 -17.56
CA GLU D 457 20.57 -13.81 -18.31
C GLU D 457 20.19 -12.37 -17.96
N ASN D 458 19.27 -11.80 -18.76
CA ASN D 458 18.61 -10.53 -18.41
C ASN D 458 19.58 -9.33 -18.47
N LEU D 459 20.62 -9.41 -19.31
CA LEU D 459 21.62 -8.35 -19.39
C LEU D 459 21.69 -7.68 -20.75
N THR D 460 21.15 -8.31 -21.81
CA THR D 460 21.29 -7.81 -23.18
C THR D 460 20.87 -6.35 -23.31
N ASP D 461 19.61 -6.06 -22.98
CA ASP D 461 19.07 -4.72 -23.17
C ASP D 461 19.82 -3.68 -22.36
N LEU D 462 20.56 -4.11 -21.33
CA LEU D 462 21.27 -3.17 -20.47
C LEU D 462 22.72 -2.96 -20.89
N VAL D 463 23.40 -3.98 -21.41
CA VAL D 463 24.83 -3.88 -21.68
C VAL D 463 25.20 -4.09 -23.14
N SER D 464 24.32 -4.59 -23.99
CA SER D 464 24.72 -4.90 -25.36
C SER D 464 25.13 -3.64 -26.09
N GLY D 465 26.34 -3.63 -26.63
CA GLY D 465 26.88 -2.45 -27.27
C GLY D 465 27.47 -1.41 -26.35
N GLU D 466 27.20 -1.48 -25.05
CA GLU D 466 27.74 -0.50 -24.12
C GLU D 466 29.22 -0.79 -23.83
N VAL D 467 29.98 0.28 -23.62
CA VAL D 467 31.39 0.20 -23.28
C VAL D 467 31.53 0.59 -21.82
N PHE D 468 32.18 -0.26 -21.03
CA PHE D 468 32.34 -0.06 -19.61
C PHE D 468 33.75 0.42 -19.32
N THR D 469 33.89 1.70 -18.99
CA THR D 469 35.18 2.34 -18.81
C THR D 469 35.40 2.85 -17.39
N ILE D 470 34.41 2.76 -16.52
CA ILE D 470 34.51 3.27 -15.15
C ILE D 470 34.50 2.09 -14.19
N SER D 471 35.48 2.05 -13.29
CA SER D 471 35.65 0.99 -12.32
C SER D 471 35.85 1.60 -10.94
N PRO D 472 35.15 1.11 -9.91
CA PRO D 472 34.16 0.04 -10.00
C PRO D 472 32.81 0.49 -10.55
N TYR D 473 32.04 -0.49 -11.05
CA TYR D 473 30.70 -0.27 -11.57
C TYR D 473 29.78 -1.35 -11.03
N HIS D 474 28.57 -0.96 -10.69
CA HIS D 474 27.56 -1.87 -10.15
C HIS D 474 26.33 -1.83 -11.04
N LEU D 475 26.05 -2.94 -11.75
CA LEU D 475 24.82 -3.07 -12.53
C LEU D 475 23.75 -3.60 -11.59
N LYS D 476 22.82 -2.73 -11.21
CA LYS D 476 21.83 -3.04 -10.19
C LYS D 476 20.47 -3.36 -10.75
N SER D 477 19.61 -3.88 -9.88
CA SER D 477 18.21 -4.10 -10.23
C SER D 477 17.50 -2.76 -10.37
N MET D 478 16.37 -2.74 -11.07
CA MET D 478 15.62 -1.48 -11.15
C MET D 478 15.02 -1.11 -9.81
N GLN D 479 14.56 -2.13 -9.08
CA GLN D 479 14.11 -2.11 -7.70
C GLN D 479 15.10 -1.33 -6.87
N GLU D 480 16.36 -1.74 -7.04
CA GLU D 480 17.48 -1.39 -6.21
C GLU D 480 17.83 0.07 -6.40
N SER D 481 18.00 0.49 -7.65
CA SER D 481 18.26 1.89 -7.94
C SER D 481 17.08 2.77 -7.53
N ALA D 482 15.86 2.25 -7.66
CA ALA D 482 14.67 3.03 -7.35
C ALA D 482 14.60 3.39 -5.87
C1' UD1 E . -27.97 15.70 -6.94
C2' UD1 E . -28.90 15.51 -5.76
C3' UD1 E . -29.86 14.38 -6.09
C4' UD1 E . -30.66 14.75 -7.32
C5' UD1 E . -29.73 15.04 -8.50
C6' UD1 E . -30.48 15.66 -9.64
C7' UD1 E . -27.84 16.16 -3.67
C8' UD1 E . -28.47 17.50 -3.89
N2' UD1 E . -28.09 15.24 -4.60
O1' UD1 E . -27.10 14.60 -6.94
O3' UD1 E . -30.71 14.06 -4.99
O4' UD1 E . -31.53 13.69 -7.67
O5' UD1 E . -28.69 15.97 -8.14
O6' UD1 E . -29.61 16.04 -10.71
O7' UD1 E . -27.14 15.93 -2.70
N1 UD1 E . -22.11 20.76 -5.61
C2 UD1 E . -21.38 21.79 -5.04
N3 UD1 E . -20.47 21.40 -4.08
C4 UD1 E . -20.20 20.11 -3.66
C5 UD1 E . -21.00 19.10 -4.30
C6 UD1 E . -21.90 19.46 -5.23
O2 UD1 E . -21.53 22.96 -5.34
O4 UD1 E . -19.35 19.92 -2.80
C1B UD1 E . -23.10 21.11 -6.64
C2B UD1 E . -22.82 20.45 -8.00
O2' UD1 E . -21.80 21.11 -8.73
C3B UD1 E . -24.22 20.58 -8.60
C4B UD1 E . -25.07 20.11 -7.41
O4B UD1 E . -24.36 20.61 -6.24
O3B UD1 E . -24.47 21.95 -8.90
C5B UD1 E . -25.28 18.61 -7.28
O5B UD1 E . -24.00 17.91 -7.17
PA UD1 E . -24.01 16.40 -6.66
O1A UD1 E . -24.62 16.34 -5.30
O2A UD1 E . -22.65 15.81 -6.85
O3A UD1 E . -25.01 15.73 -7.73
PB UD1 E . -25.81 14.34 -7.86
O1B UD1 E . -25.00 13.25 -7.25
O2B UD1 E . -26.26 14.16 -9.28
S SO4 F . -20.54 19.05 -10.77
O1 SO4 F . -20.13 18.53 -12.09
O2 SO4 F . -19.41 18.93 -9.82
O3 SO4 F . -21.68 18.26 -10.27
O4 SO4 F . -20.94 20.47 -10.90
MG MG G . -30.82 18.20 -3.87
C1' UD1 H . 15.28 24.51 -26.52
C2' UD1 H . 14.35 24.27 -25.34
C3' UD1 H . 13.40 23.14 -25.69
C4' UD1 H . 12.60 23.52 -26.93
C5' UD1 H . 13.53 23.85 -28.08
C6' UD1 H . 12.78 24.47 -29.24
C7' UD1 H . 15.60 24.84 -23.33
C8' UD1 H . 15.11 26.24 -23.54
N2' UD1 H . 15.19 23.93 -24.21
O1' UD1 H . 16.15 23.40 -26.57
O3' UD1 H . 12.56 22.78 -24.61
O4' UD1 H . 11.77 22.43 -27.31
O5' UD1 H . 14.55 24.79 -27.71
O6' UD1 H . 13.65 24.85 -30.30
O7' UD1 H . 16.34 24.55 -22.39
N1 UD1 H . 21.13 29.62 -25.18
C2 UD1 H . 21.75 30.67 -24.52
N3 UD1 H . 22.69 30.29 -23.59
C4 UD1 H . 23.08 29.01 -23.27
C5 UD1 H . 22.39 27.97 -24.00
C6 UD1 H . 21.47 28.32 -24.91
O2 UD1 H . 21.48 31.85 -24.73
O4 UD1 H . 23.95 28.84 -22.41
C1B UD1 H . 20.11 29.96 -26.19
C2B UD1 H . 20.42 29.36 -27.56
O2' UD1 H . 21.42 30.08 -28.24
C3B UD1 H . 19.01 29.47 -28.17
C4B UD1 H . 18.17 28.93 -27.00
O4B UD1 H . 18.88 29.38 -25.81
O3B UD1 H . 18.70 30.84 -28.43
C5B UD1 H . 17.95 27.45 -26.93
O5B UD1 H . 19.21 26.74 -26.83
PA UD1 H . 19.18 25.22 -26.33
O1A UD1 H . 18.58 25.17 -24.97
O2A UD1 H . 20.54 24.62 -26.51
O3A UD1 H . 18.19 24.57 -27.40
PB UD1 H . 17.40 23.18 -27.54
O1B UD1 H . 18.24 22.07 -26.98
O2B UD1 H . 16.88 23.00 -28.93
S SO4 I . 22.62 27.88 -30.48
O1 SO4 I . 23.25 27.57 -31.78
O2 SO4 I . 23.66 27.92 -29.42
O3 SO4 I . 21.64 26.83 -30.14
O4 SO4 I . 21.95 29.19 -30.55
MG MG J . 12.35 27.14 -23.37
C1' UD1 K . -10.70 -30.08 28.52
C2' UD1 K . -10.92 -31.48 27.97
C3' UD1 K . -9.88 -31.74 26.89
C4' UD1 K . -10.07 -30.72 25.78
C5' UD1 K . -9.94 -29.31 26.34
C6' UD1 K . -10.37 -28.28 25.32
C7' UD1 K . -11.98 -32.90 29.64
C8' UD1 K . -13.28 -32.43 29.06
N2' UD1 K . -10.87 -32.44 29.07
O1' UD1 K . -9.51 -30.13 29.27
O3' UD1 K . -9.90 -33.08 26.40
O4' UD1 K . -9.07 -30.91 24.78
O5' UD1 K . -10.78 -29.10 27.49
O6' UD1 K . -10.24 -26.95 25.79
O7' UD1 K . -11.94 -33.68 30.59
N1 UD1 K . -15.15 -28.24 34.59
C2 UD1 K . -16.22 -28.36 35.45
N3 UD1 K . -15.97 -29.08 36.59
C4 UD1 K . -14.78 -29.67 36.96
C5 UD1 K . -13.71 -29.51 36.01
C6 UD1 K . -13.94 -28.82 34.88
O2 UD1 K . -17.31 -27.86 35.22
O4 UD1 K . -14.71 -30.29 38.02
C1B UD1 K . -15.35 -27.48 33.34
C2B UD1 K . -14.38 -26.31 33.21
O2' UD1 K . -14.73 -25.22 34.03
C3B UD1 K . -14.53 -26.07 31.70
C4B UD1 K . -14.43 -27.52 31.20
O4B UD1 K . -15.07 -28.31 32.24
O3B UD1 K . -15.81 -25.53 31.43
C5B UD1 K . -13.04 -28.07 30.93
O5B UD1 K . -12.25 -28.05 32.15
PA UD1 K . -10.93 -28.95 32.21
O1A UD1 K . -11.29 -30.38 31.98
O2A UD1 K . -10.15 -28.62 33.44
O3A UD1 K . -10.12 -28.41 30.94
PB UD1 K . -8.84 -28.99 30.16
O1B UD1 K . -7.91 -29.62 31.16
O2B UD1 K . -8.26 -27.95 29.27
S SO4 L . -11.77 -23.59 34.46
O1 SO4 L . -11.33 -24.67 33.56
O2 SO4 L . -10.99 -22.36 34.18
O3 SO4 L . -13.21 -23.32 34.24
O4 SO4 L . -11.55 -23.99 35.87
MG MG M . -14.37 -32.93 26.74
C1' UD1 N . 34.06 -29.01 2.68
C2' UD1 N . 33.82 -30.43 2.18
C3' UD1 N . 34.89 -30.76 1.15
C4' UD1 N . 34.78 -29.78 -0.01
C5' UD1 N . 34.95 -28.36 0.50
C6' UD1 N . 34.61 -27.36 -0.59
C7' UD1 N . 32.74 -31.73 3.93
C8' UD1 N . 31.45 -31.27 3.33
N2' UD1 N . 33.86 -31.32 3.32
O1' UD1 N . 35.20 -29.07 3.49
O3' UD1 N . 34.82 -32.11 0.72
O4' UD1 N . 35.78 -30.06 -0.97
O5' UD1 N . 34.07 -28.07 1.61
O6' UD1 N . 34.82 -26.01 -0.16
O7' UD1 N . 32.78 -32.46 4.92
N1 UD1 N . 29.41 -26.82 8.62
C2 UD1 N . 28.29 -26.88 9.44
N3 UD1 N . 28.48 -27.56 10.61
C4 UD1 N . 29.63 -28.19 11.04
C5 UD1 N . 30.74 -28.09 10.14
C6 UD1 N . 30.58 -27.43 8.98
O2 UD1 N . 27.22 -26.36 9.15
O4 UD1 N . 29.64 -28.76 12.14
C1B UD1 N . 29.28 -26.10 7.33
C2B UD1 N . 30.30 -24.98 7.18
O2' UD1 N . 29.94 -23.82 7.90
C3B UD1 N . 30.24 -24.83 5.65
C4B UD1 N . 30.29 -26.30 5.23
O4B UD1 N . 29.56 -27.01 6.28
O3B UD1 N . 29.00 -24.24 5.26
C5B UD1 N . 31.66 -26.93 5.06
O5B UD1 N . 32.42 -26.85 6.29
PA UD1 N . 33.71 -27.78 6.45
O1A UD1 N . 33.31 -29.21 6.29
O2A UD1 N . 34.46 -27.39 7.67
O3A UD1 N . 34.57 -27.32 5.17
PB UD1 N . 35.84 -27.93 4.42
O1B UD1 N . 36.75 -28.58 5.40
O2B UD1 N . 36.44 -26.88 3.53
S SO4 O . 32.72 -22.25 8.45
O1 SO4 O . 32.96 -23.26 7.41
O2 SO4 O . 33.64 -21.10 8.27
O3 SO4 O . 31.32 -21.76 8.36
O4 SO4 O . 32.95 -22.84 9.79
MG MG P . 30.56 -31.86 0.93
#